data_2IP6
# 
_entry.id   2IP6 
# 
_audit_conform.dict_name       mmcif_pdbx.dic 
_audit_conform.dict_version    5.388 
_audit_conform.dict_location   http://mmcif.pdb.org/dictionaries/ascii/mmcif_pdbx.dic 
# 
loop_
_database_2.database_id 
_database_2.database_code 
_database_2.pdbx_database_accession 
_database_2.pdbx_DOI 
PDB   2IP6         pdb_00002ip6 10.2210/pdb2ip6/pdb 
RCSB  RCSB039843   ?            ?                   
WWPDB D_1000039843 ?            ?                   
# 
loop_
_pdbx_audit_revision_history.ordinal 
_pdbx_audit_revision_history.data_content_type 
_pdbx_audit_revision_history.major_revision 
_pdbx_audit_revision_history.minor_revision 
_pdbx_audit_revision_history.revision_date 
1 'Structure model' 1 0 2007-10-02 
2 'Structure model' 1 1 2011-07-13 
3 'Structure model' 1 2 2024-03-13 
# 
_pdbx_audit_revision_details.ordinal             1 
_pdbx_audit_revision_details.revision_ordinal    1 
_pdbx_audit_revision_details.data_content_type   'Structure model' 
_pdbx_audit_revision_details.provider            repository 
_pdbx_audit_revision_details.type                'Initial release' 
_pdbx_audit_revision_details.description         ? 
_pdbx_audit_revision_details.details             ? 
# 
loop_
_pdbx_audit_revision_group.ordinal 
_pdbx_audit_revision_group.revision_ordinal 
_pdbx_audit_revision_group.data_content_type 
_pdbx_audit_revision_group.group 
1 2 'Structure model' 'Version format compliance' 
2 3 'Structure model' 'Data collection'           
3 3 'Structure model' 'Database references'       
# 
loop_
_pdbx_audit_revision_category.ordinal 
_pdbx_audit_revision_category.revision_ordinal 
_pdbx_audit_revision_category.data_content_type 
_pdbx_audit_revision_category.category 
1 3 'Structure model' chem_comp_atom 
2 3 'Structure model' chem_comp_bond 
3 3 'Structure model' database_2     
# 
loop_
_pdbx_audit_revision_item.ordinal 
_pdbx_audit_revision_item.revision_ordinal 
_pdbx_audit_revision_item.data_content_type 
_pdbx_audit_revision_item.item 
1 3 'Structure model' '_database_2.pdbx_DOI'                
2 3 'Structure model' '_database_2.pdbx_database_accession' 
# 
_pdbx_database_status.status_code                     REL 
_pdbx_database_status.entry_id                        2IP6 
_pdbx_database_status.recvd_initial_deposition_date   2006-10-12 
_pdbx_database_status.deposit_site                    RCSB 
_pdbx_database_status.process_site                    PDBJ 
_pdbx_database_status.status_code_sf                  REL 
_pdbx_database_status.status_code_mr                  ? 
_pdbx_database_status.SG_entry                        ? 
_pdbx_database_status.pdb_format_compatible           Y 
_pdbx_database_status.status_code_cs                  ? 
_pdbx_database_status.status_code_nmr_data            ? 
_pdbx_database_status.methods_development_category    ? 
# 
loop_
_audit_author.name 
_audit_author.pdbx_ordinal 
'Kang, S.O.' 1 
'Kim, I.K.'  2 
'Kim, M.K.'  3 
'Kim, J.H.'  4 
'Yim, H.S.'  5 
'Cha, S.S.'  6 
# 
loop_
_citation.id 
_citation.title 
_citation.journal_abbrev 
_citation.journal_volume 
_citation.page_first 
_citation.page_last 
_citation.year 
_citation.journal_id_ASTM 
_citation.country 
_citation.journal_id_ISSN 
_citation.journal_id_CSD 
_citation.book_publisher 
_citation.pdbx_database_id_PubMed 
_citation.pdbx_database_id_DOI 
primary 'High resolution crystal structure of PedB: a structural basis for the classification of pediocin-like immunity proteins' 
'Bmc Struct.Biol.'   7    35  35  2007 ?      UK 1472-6807 ?    ? 17537233 10.1186/1472-6807-7-35       
1       
;Crystallization and preliminary X-ray crystallographic analysis of the pediocin immunity protein (PedB) from Pediococcus pentosaceus at 1.35 A resolution
;
Biochim.Biophys.Acta 1751 205 208 2005 BBACAQ NE 0006-3002 0113 ? 16019271 10.1016/j.bbapap.2005.06.004 
# 
loop_
_citation_author.citation_id 
_citation_author.name 
_citation_author.ordinal 
_citation_author.identifier_ORCID 
primary 'Kim, I.K.'  1  ? 
primary 'Kim, M.K.'  2  ? 
primary 'Kim, J.H.'  3  ? 
primary 'Yim, H.S.'  4  ? 
primary 'Cha, S.S.'  5  ? 
primary 'Kang, S.O.' 6  ? 
1       'Kim, I.K.'  7  ? 
1       'Kim, M.K.'  8  ? 
1       'Yim, H.S.'  9  ? 
1       'Cha, S.S.'  10 ? 
1       'Kang, S.O.' 11 ? 
# 
loop_
_entity.id 
_entity.type 
_entity.src_method 
_entity.pdbx_description 
_entity.formula_weight 
_entity.pdbx_number_of_molecules 
_entity.pdbx_ec 
_entity.pdbx_mutation 
_entity.pdbx_fragment 
_entity.details 
1 polymer     man PapB          13011.685 1   ? ? ? ? 
2 non-polymer syn 'SULFATE ION' 96.063    1   ? ? ? ? 
3 water       nat water         18.015    160 ? ? ? ? 
# 
_entity_name_com.entity_id   1 
_entity_name_com.name        PedB 
# 
_entity_poly.entity_id                      1 
_entity_poly.type                           'polypeptide(L)' 
_entity_poly.nstd_linkage                   no 
_entity_poly.nstd_monomer                   no 
_entity_poly.pdbx_seq_one_letter_code       
;MNKTKSEHIKQQALDLFTRLQFLLQKHDTIEPYQYVLDILETGISKTKHNQQTPERQARVVYNKIASQALVDKLHFTAEE
NKVLAAINELAHSQKGWGEFNMLDTTNTWPSQ
;
_entity_poly.pdbx_seq_one_letter_code_can   
;MNKTKSEHIKQQALDLFTRLQFLLQKHDTIEPYQYVLDILETGISKTKHNQQTPERQARVVYNKIASQALVDKLHFTAEE
NKVLAAINELAHSQKGWGEFNMLDTTNTWPSQ
;
_entity_poly.pdbx_strand_id                 A 
_entity_poly.pdbx_target_identifier         ? 
# 
loop_
_pdbx_entity_nonpoly.entity_id 
_pdbx_entity_nonpoly.name 
_pdbx_entity_nonpoly.comp_id 
2 'SULFATE ION' SO4 
3 water         HOH 
# 
loop_
_entity_poly_seq.entity_id 
_entity_poly_seq.num 
_entity_poly_seq.mon_id 
_entity_poly_seq.hetero 
1 1   MET n 
1 2   ASN n 
1 3   LYS n 
1 4   THR n 
1 5   LYS n 
1 6   SER n 
1 7   GLU n 
1 8   HIS n 
1 9   ILE n 
1 10  LYS n 
1 11  GLN n 
1 12  GLN n 
1 13  ALA n 
1 14  LEU n 
1 15  ASP n 
1 16  LEU n 
1 17  PHE n 
1 18  THR n 
1 19  ARG n 
1 20  LEU n 
1 21  GLN n 
1 22  PHE n 
1 23  LEU n 
1 24  LEU n 
1 25  GLN n 
1 26  LYS n 
1 27  HIS n 
1 28  ASP n 
1 29  THR n 
1 30  ILE n 
1 31  GLU n 
1 32  PRO n 
1 33  TYR n 
1 34  GLN n 
1 35  TYR n 
1 36  VAL n 
1 37  LEU n 
1 38  ASP n 
1 39  ILE n 
1 40  LEU n 
1 41  GLU n 
1 42  THR n 
1 43  GLY n 
1 44  ILE n 
1 45  SER n 
1 46  LYS n 
1 47  THR n 
1 48  LYS n 
1 49  HIS n 
1 50  ASN n 
1 51  GLN n 
1 52  GLN n 
1 53  THR n 
1 54  PRO n 
1 55  GLU n 
1 56  ARG n 
1 57  GLN n 
1 58  ALA n 
1 59  ARG n 
1 60  VAL n 
1 61  VAL n 
1 62  TYR n 
1 63  ASN n 
1 64  LYS n 
1 65  ILE n 
1 66  ALA n 
1 67  SER n 
1 68  GLN n 
1 69  ALA n 
1 70  LEU n 
1 71  VAL n 
1 72  ASP n 
1 73  LYS n 
1 74  LEU n 
1 75  HIS n 
1 76  PHE n 
1 77  THR n 
1 78  ALA n 
1 79  GLU n 
1 80  GLU n 
1 81  ASN n 
1 82  LYS n 
1 83  VAL n 
1 84  LEU n 
1 85  ALA n 
1 86  ALA n 
1 87  ILE n 
1 88  ASN n 
1 89  GLU n 
1 90  LEU n 
1 91  ALA n 
1 92  HIS n 
1 93  SER n 
1 94  GLN n 
1 95  LYS n 
1 96  GLY n 
1 97  TRP n 
1 98  GLY n 
1 99  GLU n 
1 100 PHE n 
1 101 ASN n 
1 102 MET n 
1 103 LEU n 
1 104 ASP n 
1 105 THR n 
1 106 THR n 
1 107 ASN n 
1 108 THR n 
1 109 TRP n 
1 110 PRO n 
1 111 SER n 
1 112 GLN n 
# 
_entity_src_gen.entity_id                          1 
_entity_src_gen.pdbx_src_id                        1 
_entity_src_gen.pdbx_alt_source_flag               sample 
_entity_src_gen.pdbx_seq_type                      ? 
_entity_src_gen.pdbx_beg_seq_num                   ? 
_entity_src_gen.pdbx_end_seq_num                   ? 
_entity_src_gen.gene_src_common_name               ? 
_entity_src_gen.gene_src_genus                     Pediococcus 
_entity_src_gen.pdbx_gene_src_gene                 ? 
_entity_src_gen.gene_src_species                   ? 
_entity_src_gen.gene_src_strain                    ? 
_entity_src_gen.gene_src_tissue                    ? 
_entity_src_gen.gene_src_tissue_fraction           ? 
_entity_src_gen.gene_src_details                   ? 
_entity_src_gen.pdbx_gene_src_fragment             ? 
_entity_src_gen.pdbx_gene_src_scientific_name      'Pediococcus pentosaceus' 
_entity_src_gen.pdbx_gene_src_ncbi_taxonomy_id     1255 
_entity_src_gen.pdbx_gene_src_variant              ? 
_entity_src_gen.pdbx_gene_src_cell_line            ? 
_entity_src_gen.pdbx_gene_src_atcc                 ? 
_entity_src_gen.pdbx_gene_src_organ                ? 
_entity_src_gen.pdbx_gene_src_organelle            ? 
_entity_src_gen.pdbx_gene_src_cell                 ? 
_entity_src_gen.pdbx_gene_src_cellular_location    ? 
_entity_src_gen.host_org_common_name               ? 
_entity_src_gen.pdbx_host_org_scientific_name      'Escherichia coli BL21' 
_entity_src_gen.pdbx_host_org_ncbi_taxonomy_id     511693 
_entity_src_gen.host_org_genus                     Escherichia 
_entity_src_gen.pdbx_host_org_gene                 ? 
_entity_src_gen.pdbx_host_org_organ                ? 
_entity_src_gen.host_org_species                   'Escherichia coli' 
_entity_src_gen.pdbx_host_org_tissue               ? 
_entity_src_gen.pdbx_host_org_tissue_fraction      ? 
_entity_src_gen.pdbx_host_org_strain               BL21 
_entity_src_gen.pdbx_host_org_variant              ? 
_entity_src_gen.pdbx_host_org_cell_line            ? 
_entity_src_gen.pdbx_host_org_atcc                 ? 
_entity_src_gen.pdbx_host_org_culture_collection   ? 
_entity_src_gen.pdbx_host_org_cell                 ? 
_entity_src_gen.pdbx_host_org_organelle            ? 
_entity_src_gen.pdbx_host_org_cellular_location    ? 
_entity_src_gen.pdbx_host_org_vector_type          plasmid 
_entity_src_gen.pdbx_host_org_vector               ? 
_entity_src_gen.host_org_details                   ? 
_entity_src_gen.expression_system_id               ? 
_entity_src_gen.plasmid_name                       pGEX-4T-1 
_entity_src_gen.plasmid_details                    ? 
_entity_src_gen.pdbx_description                   ? 
# 
loop_
_chem_comp.id 
_chem_comp.type 
_chem_comp.mon_nstd_flag 
_chem_comp.name 
_chem_comp.pdbx_synonyms 
_chem_comp.formula 
_chem_comp.formula_weight 
ALA 'L-peptide linking' y ALANINE         ? 'C3 H7 N O2'     89.093  
ARG 'L-peptide linking' y ARGININE        ? 'C6 H15 N4 O2 1' 175.209 
ASN 'L-peptide linking' y ASPARAGINE      ? 'C4 H8 N2 O3'    132.118 
ASP 'L-peptide linking' y 'ASPARTIC ACID' ? 'C4 H7 N O4'     133.103 
GLN 'L-peptide linking' y GLUTAMINE       ? 'C5 H10 N2 O3'   146.144 
GLU 'L-peptide linking' y 'GLUTAMIC ACID' ? 'C5 H9 N O4'     147.129 
GLY 'peptide linking'   y GLYCINE         ? 'C2 H5 N O2'     75.067  
HIS 'L-peptide linking' y HISTIDINE       ? 'C6 H10 N3 O2 1' 156.162 
HOH non-polymer         . WATER           ? 'H2 O'           18.015  
ILE 'L-peptide linking' y ISOLEUCINE      ? 'C6 H13 N O2'    131.173 
LEU 'L-peptide linking' y LEUCINE         ? 'C6 H13 N O2'    131.173 
LYS 'L-peptide linking' y LYSINE          ? 'C6 H15 N2 O2 1' 147.195 
MET 'L-peptide linking' y METHIONINE      ? 'C5 H11 N O2 S'  149.211 
PHE 'L-peptide linking' y PHENYLALANINE   ? 'C9 H11 N O2'    165.189 
PRO 'L-peptide linking' y PROLINE         ? 'C5 H9 N O2'     115.130 
SER 'L-peptide linking' y SERINE          ? 'C3 H7 N O3'     105.093 
SO4 non-polymer         . 'SULFATE ION'   ? 'O4 S -2'        96.063  
THR 'L-peptide linking' y THREONINE       ? 'C4 H9 N O3'     119.119 
TRP 'L-peptide linking' y TRYPTOPHAN      ? 'C11 H12 N2 O2'  204.225 
TYR 'L-peptide linking' y TYROSINE        ? 'C9 H11 N O3'    181.189 
VAL 'L-peptide linking' y VALINE          ? 'C5 H11 N O2'    117.146 
# 
loop_
_pdbx_poly_seq_scheme.asym_id 
_pdbx_poly_seq_scheme.entity_id 
_pdbx_poly_seq_scheme.seq_id 
_pdbx_poly_seq_scheme.mon_id 
_pdbx_poly_seq_scheme.ndb_seq_num 
_pdbx_poly_seq_scheme.pdb_seq_num 
_pdbx_poly_seq_scheme.auth_seq_num 
_pdbx_poly_seq_scheme.pdb_mon_id 
_pdbx_poly_seq_scheme.auth_mon_id 
_pdbx_poly_seq_scheme.pdb_strand_id 
_pdbx_poly_seq_scheme.pdb_ins_code 
_pdbx_poly_seq_scheme.hetero 
A 1 1   MET 1   1   ?  ?   ?   A . n 
A 1 2   ASN 2   2   ?  ?   ?   A . n 
A 1 3   LYS 3   3   ?  ?   ?   A . n 
A 1 4   THR 4   4   ?  ?   ?   A . n 
A 1 5   LYS 5   5   ?  ?   ?   A . n 
A 1 6   SER 6   6   ?  ?   ?   A . n 
A 1 7   GLU 7   7   7  GLU ALA A . n 
A 1 8   HIS 8   8   8  HIS ALA A . n 
A 1 9   ILE 9   9   9  ILE ILE A . n 
A 1 10  LYS 10  10  10 LYS LYS A . n 
A 1 11  GLN 11  11  11 GLN GLN A . n 
A 1 12  GLN 12  12  12 GLN GLN A . n 
A 1 13  ALA 13  13  13 ALA ALA A . n 
A 1 14  LEU 14  14  14 LEU LEU A . n 
A 1 15  ASP 15  15  15 ASP ASP A . n 
A 1 16  LEU 16  16  16 LEU LEU A . n 
A 1 17  PHE 17  17  17 PHE PHE A . n 
A 1 18  THR 18  18  18 THR THR A . n 
A 1 19  ARG 19  19  19 ARG ARG A . n 
A 1 20  LEU 20  20  20 LEU LEU A . n 
A 1 21  GLN 21  21  21 GLN GLN A . n 
A 1 22  PHE 22  22  22 PHE PHE A . n 
A 1 23  LEU 23  23  23 LEU LEU A . n 
A 1 24  LEU 24  24  24 LEU LEU A . n 
A 1 25  GLN 25  25  25 GLN GLN A . n 
A 1 26  LYS 26  26  26 LYS LYS A . n 
A 1 27  HIS 27  27  27 HIS HIS A . n 
A 1 28  ASP 28  28  28 ASP ASP A . n 
A 1 29  THR 29  29  29 THR THR A . n 
A 1 30  ILE 30  30  30 ILE ILE A . n 
A 1 31  GLU 31  31  31 GLU GLU A . n 
A 1 32  PRO 32  32  32 PRO PRO A . n 
A 1 33  TYR 33  33  33 TYR TYR A . n 
A 1 34  GLN 34  34  34 GLN GLN A . n 
A 1 35  TYR 35  35  35 TYR TYR A . n 
A 1 36  VAL 36  36  36 VAL VAL A . n 
A 1 37  LEU 37  37  37 LEU LEU A . n 
A 1 38  ASP 38  38  38 ASP ASP A . n 
A 1 39  ILE 39  39  39 ILE ILE A . n 
A 1 40  LEU 40  40  40 LEU LEU A . n 
A 1 41  GLU 41  41  41 GLU GLU A . n 
A 1 42  THR 42  42  42 THR THR A . n 
A 1 43  GLY 43  43  43 GLY GLY A . n 
A 1 44  ILE 44  44  44 ILE ILE A . n 
A 1 45  SER 45  45  45 SER SER A . n 
A 1 46  LYS 46  46  46 LYS LYS A . n 
A 1 47  THR 47  47  47 THR THR A . n 
A 1 48  LYS 48  48  48 LYS LYS A . n 
A 1 49  HIS 49  49  49 HIS HIS A . n 
A 1 50  ASN 50  50  50 ASN ASN A . n 
A 1 51  GLN 51  51  51 GLN GLN A . n 
A 1 52  GLN 52  52  52 GLN GLN A . n 
A 1 53  THR 53  53  53 THR THR A . n 
A 1 54  PRO 54  54  54 PRO PRO A . n 
A 1 55  GLU 55  55  55 GLU GLU A . n 
A 1 56  ARG 56  56  56 ARG ARG A . n 
A 1 57  GLN 57  57  57 GLN GLN A . n 
A 1 58  ALA 58  58  58 ALA ALA A . n 
A 1 59  ARG 59  59  59 ARG ARG A . n 
A 1 60  VAL 60  60  60 VAL VAL A . n 
A 1 61  VAL 61  61  61 VAL VAL A . n 
A 1 62  TYR 62  62  62 TYR TYR A . n 
A 1 63  ASN 63  63  63 ASN ASN A . n 
A 1 64  LYS 64  64  64 LYS LYS A . n 
A 1 65  ILE 65  65  65 ILE ILE A . n 
A 1 66  ALA 66  66  66 ALA ALA A . n 
A 1 67  SER 67  67  67 SER SER A . n 
A 1 68  GLN 68  68  68 GLN GLN A . n 
A 1 69  ALA 69  69  69 ALA ALA A . n 
A 1 70  LEU 70  70  70 LEU LEU A . n 
A 1 71  VAL 71  71  71 VAL VAL A . n 
A 1 72  ASP 72  72  72 ASP ASP A . n 
A 1 73  LYS 73  73  73 LYS LYS A . n 
A 1 74  LEU 74  74  74 LEU LEU A . n 
A 1 75  HIS 75  75  75 HIS HIS A . n 
A 1 76  PHE 76  76  76 PHE PHE A . n 
A 1 77  THR 77  77  77 THR THR A . n 
A 1 78  ALA 78  78  78 ALA ALA A . n 
A 1 79  GLU 79  79  79 GLU GLU A . n 
A 1 80  GLU 80  80  80 GLU GLU A . n 
A 1 81  ASN 81  81  81 ASN ASN A . n 
A 1 82  LYS 82  82  82 LYS LYS A . n 
A 1 83  VAL 83  83  83 VAL VAL A . n 
A 1 84  LEU 84  84  84 LEU LEU A . n 
A 1 85  ALA 85  85  85 ALA ALA A . n 
A 1 86  ALA 86  86  86 ALA ALA A . n 
A 1 87  ILE 87  87  87 ILE ILE A . n 
A 1 88  ASN 88  88  88 ASN ASN A . n 
A 1 89  GLU 89  89  89 GLU GLU A . n 
A 1 90  LEU 90  90  90 LEU LEU A . n 
A 1 91  ALA 91  91  91 ALA ALA A . n 
A 1 92  HIS 92  92  92 HIS HIS A . n 
A 1 93  SER 93  93  93 SER ALA A . n 
A 1 94  GLN 94  94  ?  ?   ?   A . n 
A 1 95  LYS 95  95  ?  ?   ?   A . n 
A 1 96  GLY 96  96  ?  ?   ?   A . n 
A 1 97  TRP 97  97  ?  ?   ?   A . n 
A 1 98  GLY 98  98  ?  ?   ?   A . n 
A 1 99  GLU 99  99  ?  ?   ?   A . n 
A 1 100 PHE 100 100 ?  ?   ?   A . n 
A 1 101 ASN 101 101 ?  ?   ?   A . n 
A 1 102 MET 102 102 ?  ?   ?   A . n 
A 1 103 LEU 103 103 ?  ?   ?   A . n 
A 1 104 ASP 104 104 ?  ?   ?   A . n 
A 1 105 THR 105 105 ?  ?   ?   A . n 
A 1 106 THR 106 106 ?  ?   ?   A . n 
A 1 107 ASN 107 107 ?  ?   ?   A . n 
A 1 108 THR 108 108 ?  ?   ?   A . n 
A 1 109 TRP 109 109 ?  ?   ?   A . n 
A 1 110 PRO 110 110 ?  ?   ?   A . n 
A 1 111 SER 111 111 ?  ?   ?   A . n 
A 1 112 GLN 112 112 ?  ?   ?   A . n 
# 
loop_
_pdbx_nonpoly_scheme.asym_id 
_pdbx_nonpoly_scheme.entity_id 
_pdbx_nonpoly_scheme.mon_id 
_pdbx_nonpoly_scheme.ndb_seq_num 
_pdbx_nonpoly_scheme.pdb_seq_num 
_pdbx_nonpoly_scheme.auth_seq_num 
_pdbx_nonpoly_scheme.pdb_mon_id 
_pdbx_nonpoly_scheme.auth_mon_id 
_pdbx_nonpoly_scheme.pdb_strand_id 
_pdbx_nonpoly_scheme.pdb_ins_code 
B 2 SO4 1   113 1   SO4 SO4 A . 
C 3 HOH 1   114 2   HOH HOH A . 
C 3 HOH 2   115 3   HOH HOH A . 
C 3 HOH 3   116 4   HOH HOH A . 
C 3 HOH 4   117 5   HOH HOH A . 
C 3 HOH 5   118 6   HOH HOH A . 
C 3 HOH 6   119 7   HOH HOH A . 
C 3 HOH 7   120 8   HOH HOH A . 
C 3 HOH 8   121 9   HOH HOH A . 
C 3 HOH 9   122 11  HOH HOH A . 
C 3 HOH 10  123 12  HOH HOH A . 
C 3 HOH 11  124 13  HOH HOH A . 
C 3 HOH 12  125 14  HOH HOH A . 
C 3 HOH 13  126 15  HOH HOH A . 
C 3 HOH 14  127 16  HOH HOH A . 
C 3 HOH 15  128 17  HOH HOH A . 
C 3 HOH 16  129 18  HOH HOH A . 
C 3 HOH 17  130 19  HOH HOH A . 
C 3 HOH 18  131 20  HOH HOH A . 
C 3 HOH 19  132 21  HOH HOH A . 
C 3 HOH 20  133 22  HOH HOH A . 
C 3 HOH 21  134 23  HOH HOH A . 
C 3 HOH 22  135 24  HOH HOH A . 
C 3 HOH 23  136 25  HOH HOH A . 
C 3 HOH 24  137 26  HOH HOH A . 
C 3 HOH 25  138 27  HOH HOH A . 
C 3 HOH 26  139 28  HOH HOH A . 
C 3 HOH 27  140 29  HOH HOH A . 
C 3 HOH 28  141 30  HOH HOH A . 
C 3 HOH 29  142 31  HOH HOH A . 
C 3 HOH 30  143 32  HOH HOH A . 
C 3 HOH 31  144 33  HOH HOH A . 
C 3 HOH 32  145 34  HOH HOH A . 
C 3 HOH 33  146 35  HOH HOH A . 
C 3 HOH 34  147 36  HOH HOH A . 
C 3 HOH 35  148 37  HOH HOH A . 
C 3 HOH 36  149 38  HOH HOH A . 
C 3 HOH 37  150 39  HOH HOH A . 
C 3 HOH 38  151 40  HOH HOH A . 
C 3 HOH 39  152 41  HOH HOH A . 
C 3 HOH 40  153 42  HOH HOH A . 
C 3 HOH 41  154 43  HOH HOH A . 
C 3 HOH 42  155 44  HOH HOH A . 
C 3 HOH 43  156 45  HOH HOH A . 
C 3 HOH 44  157 46  HOH HOH A . 
C 3 HOH 45  158 47  HOH HOH A . 
C 3 HOH 46  159 48  HOH HOH A . 
C 3 HOH 47  160 49  HOH HOH A . 
C 3 HOH 48  161 50  HOH HOH A . 
C 3 HOH 49  162 51  HOH HOH A . 
C 3 HOH 50  163 52  HOH HOH A . 
C 3 HOH 51  164 53  HOH HOH A . 
C 3 HOH 52  165 54  HOH HOH A . 
C 3 HOH 53  166 55  HOH HOH A . 
C 3 HOH 54  167 56  HOH HOH A . 
C 3 HOH 55  168 57  HOH HOH A . 
C 3 HOH 56  169 58  HOH HOH A . 
C 3 HOH 57  170 59  HOH HOH A . 
C 3 HOH 58  171 60  HOH HOH A . 
C 3 HOH 59  172 61  HOH HOH A . 
C 3 HOH 60  173 62  HOH HOH A . 
C 3 HOH 61  174 63  HOH HOH A . 
C 3 HOH 62  175 64  HOH HOH A . 
C 3 HOH 63  176 65  HOH HOH A . 
C 3 HOH 64  177 66  HOH HOH A . 
C 3 HOH 65  178 67  HOH HOH A . 
C 3 HOH 66  179 68  HOH HOH A . 
C 3 HOH 67  180 69  HOH HOH A . 
C 3 HOH 68  181 70  HOH HOH A . 
C 3 HOH 69  182 71  HOH HOH A . 
C 3 HOH 70  183 72  HOH HOH A . 
C 3 HOH 71  184 73  HOH HOH A . 
C 3 HOH 72  185 74  HOH HOH A . 
C 3 HOH 73  186 75  HOH HOH A . 
C 3 HOH 74  187 76  HOH HOH A . 
C 3 HOH 75  188 77  HOH HOH A . 
C 3 HOH 76  189 78  HOH HOH A . 
C 3 HOH 77  190 79  HOH HOH A . 
C 3 HOH 78  191 80  HOH HOH A . 
C 3 HOH 79  192 81  HOH HOH A . 
C 3 HOH 80  193 82  HOH HOH A . 
C 3 HOH 81  194 84  HOH HOH A . 
C 3 HOH 82  195 85  HOH HOH A . 
C 3 HOH 83  196 87  HOH HOH A . 
C 3 HOH 84  197 88  HOH HOH A . 
C 3 HOH 85  198 89  HOH HOH A . 
C 3 HOH 86  199 90  HOH HOH A . 
C 3 HOH 87  200 91  HOH HOH A . 
C 3 HOH 88  201 92  HOH HOH A . 
C 3 HOH 89  202 93  HOH HOH A . 
C 3 HOH 90  203 94  HOH HOH A . 
C 3 HOH 91  204 96  HOH HOH A . 
C 3 HOH 92  205 97  HOH HOH A . 
C 3 HOH 93  206 98  HOH HOH A . 
C 3 HOH 94  207 99  HOH HOH A . 
C 3 HOH 95  208 100 HOH HOH A . 
C 3 HOH 96  209 101 HOH HOH A . 
C 3 HOH 97  210 102 HOH HOH A . 
C 3 HOH 98  211 103 HOH HOH A . 
C 3 HOH 99  212 104 HOH HOH A . 
C 3 HOH 100 213 107 HOH HOH A . 
C 3 HOH 101 214 108 HOH HOH A . 
C 3 HOH 102 215 109 HOH HOH A . 
C 3 HOH 103 216 110 HOH HOH A . 
C 3 HOH 104 217 111 HOH HOH A . 
C 3 HOH 105 218 112 HOH HOH A . 
C 3 HOH 106 219 113 HOH HOH A . 
C 3 HOH 107 220 114 HOH HOH A . 
C 3 HOH 108 221 115 HOH HOH A . 
C 3 HOH 109 222 116 HOH HOH A . 
C 3 HOH 110 223 117 HOH HOH A . 
C 3 HOH 111 224 118 HOH HOH A . 
C 3 HOH 112 225 119 HOH HOH A . 
C 3 HOH 113 226 120 HOH HOH A . 
C 3 HOH 114 227 121 HOH HOH A . 
C 3 HOH 115 228 122 HOH HOH A . 
C 3 HOH 116 229 123 HOH HOH A . 
C 3 HOH 117 230 124 HOH HOH A . 
C 3 HOH 118 231 125 HOH HOH A . 
C 3 HOH 119 232 127 HOH HOH A . 
C 3 HOH 120 233 129 HOH HOH A . 
C 3 HOH 121 234 130 HOH HOH A . 
C 3 HOH 122 235 131 HOH HOH A . 
C 3 HOH 123 236 132 HOH HOH A . 
C 3 HOH 124 237 133 HOH HOH A . 
C 3 HOH 125 238 134 HOH HOH A . 
C 3 HOH 126 239 135 HOH HOH A . 
C 3 HOH 127 240 136 HOH HOH A . 
C 3 HOH 128 241 137 HOH HOH A . 
C 3 HOH 129 242 138 HOH HOH A . 
C 3 HOH 130 243 139 HOH HOH A . 
C 3 HOH 131 244 140 HOH HOH A . 
C 3 HOH 132 245 141 HOH HOH A . 
C 3 HOH 133 246 142 HOH HOH A . 
C 3 HOH 134 247 143 HOH HOH A . 
C 3 HOH 135 248 144 HOH HOH A . 
C 3 HOH 136 249 145 HOH HOH A . 
C 3 HOH 137 250 146 HOH HOH A . 
C 3 HOH 138 251 149 HOH HOH A . 
C 3 HOH 139 252 150 HOH HOH A . 
C 3 HOH 140 253 151 HOH HOH A . 
C 3 HOH 141 254 153 HOH HOH A . 
C 3 HOH 142 255 154 HOH HOH A . 
C 3 HOH 143 256 157 HOH HOH A . 
C 3 HOH 144 257 158 HOH HOH A . 
C 3 HOH 145 258 159 HOH HOH A . 
C 3 HOH 146 259 160 HOH HOH A . 
C 3 HOH 147 260 162 HOH HOH A . 
C 3 HOH 148 261 163 HOH HOH A . 
C 3 HOH 149 262 164 HOH HOH A . 
C 3 HOH 150 263 165 HOH HOH A . 
C 3 HOH 151 264 166 HOH HOH A . 
C 3 HOH 152 265 169 HOH HOH A . 
C 3 HOH 153 266 170 HOH HOH A . 
C 3 HOH 154 267 173 HOH HOH A . 
C 3 HOH 155 268 175 HOH HOH A . 
C 3 HOH 156 269 181 HOH HOH A . 
C 3 HOH 157 270 183 HOH HOH A . 
C 3 HOH 158 271 184 HOH HOH A . 
C 3 HOH 159 272 186 HOH HOH A . 
C 3 HOH 160 273 187 HOH HOH A . 
# 
loop_
_pdbx_unobs_or_zero_occ_atoms.id 
_pdbx_unobs_or_zero_occ_atoms.PDB_model_num 
_pdbx_unobs_or_zero_occ_atoms.polymer_flag 
_pdbx_unobs_or_zero_occ_atoms.occupancy_flag 
_pdbx_unobs_or_zero_occ_atoms.auth_asym_id 
_pdbx_unobs_or_zero_occ_atoms.auth_comp_id 
_pdbx_unobs_or_zero_occ_atoms.auth_seq_id 
_pdbx_unobs_or_zero_occ_atoms.PDB_ins_code 
_pdbx_unobs_or_zero_occ_atoms.auth_atom_id 
_pdbx_unobs_or_zero_occ_atoms.label_alt_id 
_pdbx_unobs_or_zero_occ_atoms.label_asym_id 
_pdbx_unobs_or_zero_occ_atoms.label_comp_id 
_pdbx_unobs_or_zero_occ_atoms.label_seq_id 
_pdbx_unobs_or_zero_occ_atoms.label_atom_id 
1  1 Y 1 A GLU 7  ? CG  ? A GLU 7  CG  
2  1 Y 1 A GLU 7  ? CD  ? A GLU 7  CD  
3  1 Y 1 A GLU 7  ? OE1 ? A GLU 7  OE1 
4  1 Y 1 A GLU 7  ? OE2 ? A GLU 7  OE2 
5  1 Y 1 A HIS 8  ? CG  ? A HIS 8  CG  
6  1 Y 1 A HIS 8  ? ND1 ? A HIS 8  ND1 
7  1 Y 1 A HIS 8  ? CD2 ? A HIS 8  CD2 
8  1 Y 1 A HIS 8  ? CE1 ? A HIS 8  CE1 
9  1 Y 1 A HIS 8  ? NE2 ? A HIS 8  NE2 
10 1 Y 1 A SER 93 ? OG  ? A SER 93 OG  
# 
loop_
_software.name 
_software.classification 
_software.version 
_software.citation_id 
_software.pdbx_ordinal 
CNS      refinement        1.1 ? 1 
HKL-2000 'data collection' .   ? 2 
HKL-2000 'data reduction'  .   ? 3 
HKL-2000 'data scaling'    .   ? 4 
SOLVE    phasing           .   ? 5 
# 
_cell.entry_id           2IP6 
_cell.length_a           62.189 
_cell.length_b           62.189 
_cell.length_c           39.898 
_cell.angle_alpha        90.00 
_cell.angle_beta         90.00 
_cell.angle_gamma        120.00 
_cell.Z_PDB              6 
_cell.pdbx_unique_axis   ? 
_cell.length_a_esd       ? 
_cell.length_b_esd       ? 
_cell.length_c_esd       ? 
_cell.angle_alpha_esd    ? 
_cell.angle_beta_esd     ? 
_cell.angle_gamma_esd    ? 
# 
_symmetry.entry_id                         2IP6 
_symmetry.space_group_name_H-M             'P 62' 
_symmetry.pdbx_full_space_group_name_H-M   ? 
_symmetry.cell_setting                     ? 
_symmetry.Int_Tables_number                171 
_symmetry.space_group_name_Hall            ? 
# 
_exptl.entry_id          2IP6 
_exptl.method            'X-RAY DIFFRACTION' 
_exptl.crystals_number   1 
# 
_exptl_crystal.id                    1 
_exptl_crystal.density_meas          ? 
_exptl_crystal.density_Matthews      1.711271 
_exptl_crystal.density_percent_sol   28.123611 
_exptl_crystal.description           ? 
_exptl_crystal.F_000                 ? 
_exptl_crystal.preparation           ? 
# 
_exptl_crystal_grow.crystal_id      1 
_exptl_crystal_grow.method          EVAPORATION 
_exptl_crystal_grow.temp            295 
_exptl_crystal_grow.temp_details    ? 
_exptl_crystal_grow.pH              6.0 
_exptl_crystal_grow.pdbx_details    '2.4M ammonium sulfate, 0.3M sodium chloride, 0.1M MES, pH 6.0, EVAPORATION, temperature 295K' 
_exptl_crystal_grow.pdbx_pH_range   . 
# 
_diffrn.id                     1 
_diffrn.ambient_temp           100 
_diffrn.ambient_temp_details   ? 
_diffrn.crystal_id             1 
# 
_diffrn_detector.diffrn_id              1 
_diffrn_detector.detector               CCD 
_diffrn_detector.type                   'BRUKER PROTEUM 300' 
_diffrn_detector.pdbx_collection_date   2005-04-02 
_diffrn_detector.details                ? 
# 
_diffrn_radiation.diffrn_id                        1 
_diffrn_radiation.wavelength_id                    1 
_diffrn_radiation.pdbx_monochromatic_or_laue_m_l   M 
_diffrn_radiation.monochromator                    Si 
_diffrn_radiation.pdbx_diffrn_protocol             MAD 
_diffrn_radiation.pdbx_scattering_type             x-ray 
# 
loop_
_diffrn_radiation_wavelength.id 
_diffrn_radiation_wavelength.wavelength 
_diffrn_radiation_wavelength.wt 
1 0.97900 1.0 
2 0.97911 1.0 
3 0.97137 1.0 
# 
_diffrn_source.diffrn_id                   1 
_diffrn_source.source                      SYNCHROTRON 
_diffrn_source.type                        'PAL/PLS BEAMLINE 6B' 
_diffrn_source.pdbx_synchrotron_site       PAL/PLS 
_diffrn_source.pdbx_synchrotron_beamline   6B 
_diffrn_source.pdbx_wavelength             ? 
_diffrn_source.pdbx_wavelength_list        '0.97900, 0.97911, 0.97137' 
# 
_reflns.entry_id                     2IP6 
_reflns.observed_criterion_sigma_I   ? 
_reflns.observed_criterion_sigma_F   ? 
_reflns.d_resolution_low             30 
_reflns.d_resolution_high            1.35 
_reflns.number_obs                   18937 
_reflns.number_all                   19433 
_reflns.percent_possible_obs         97.4 
_reflns.pdbx_Rmerge_I_obs            0.073 
_reflns.pdbx_Rsym_value              0.073 
_reflns.pdbx_netI_over_sigmaI        ? 
_reflns.B_iso_Wilson_estimate        11.8 
_reflns.pdbx_redundancy              ? 
_reflns.R_free_details               ? 
_reflns.limit_h_max                  ? 
_reflns.limit_h_min                  ? 
_reflns.limit_k_max                  ? 
_reflns.limit_k_min                  ? 
_reflns.limit_l_max                  ? 
_reflns.limit_l_min                  ? 
_reflns.observed_criterion_F_max     ? 
_reflns.observed_criterion_F_min     ? 
_reflns.pdbx_chi_squared             ? 
_reflns.pdbx_scaling_rejects         ? 
_reflns.pdbx_diffrn_id               1 
_reflns.pdbx_ordinal                 1 
# 
_reflns_shell.d_res_high             1.35 
_reflns_shell.d_res_low              1.40 
_reflns_shell.percent_possible_all   95.2 
_reflns_shell.Rmerge_I_obs           ? 
_reflns_shell.pdbx_Rsym_value        ? 
_reflns_shell.meanI_over_sigI_obs    2.6 
_reflns_shell.pdbx_redundancy        ? 
_reflns_shell.percent_possible_obs   ? 
_reflns_shell.number_unique_all      ? 
_reflns_shell.number_measured_all    ? 
_reflns_shell.number_measured_obs    ? 
_reflns_shell.number_unique_obs      ? 
_reflns_shell.pdbx_chi_squared       ? 
_reflns_shell.pdbx_diffrn_id         ? 
_reflns_shell.pdbx_ordinal           1 
# 
_refine.entry_id                                 2IP6 
_refine.ls_number_reflns_obs                     18937 
_refine.ls_number_reflns_all                     ? 
_refine.pdbx_ls_sigma_I                          ? 
_refine.pdbx_ls_sigma_F                          0.0 
_refine.pdbx_data_cutoff_high_absF               1071505.82 
_refine.pdbx_data_cutoff_low_absF                0.000000 
_refine.pdbx_data_cutoff_high_rms_absF           ? 
_refine.ls_d_res_low                             18.71 
_refine.ls_d_res_high                            1.35 
_refine.ls_percent_reflns_obs                    97.3 
_refine.ls_R_factor_obs                          0.209 
_refine.ls_R_factor_all                          ? 
_refine.ls_R_factor_R_work                       0.209 
_refine.ls_R_factor_R_free                       0.23 
_refine.ls_R_factor_R_free_error                 0.005 
_refine.ls_R_factor_R_free_error_details         ? 
_refine.ls_percent_reflns_R_free                 9.9 
_refine.ls_number_reflns_R_free                  1867 
_refine.ls_number_parameters                     ? 
_refine.ls_number_restraints                     ? 
_refine.occupancy_min                            ? 
_refine.occupancy_max                            ? 
_refine.correlation_coeff_Fo_to_Fc               ? 
_refine.correlation_coeff_Fo_to_Fc_free          ? 
_refine.B_iso_mean                               16.4 
_refine.aniso_B[1][1]                            1.95 
_refine.aniso_B[2][2]                            1.95 
_refine.aniso_B[3][3]                            -3.91 
_refine.aniso_B[1][2]                            1.44 
_refine.aniso_B[1][3]                            0.00 
_refine.aniso_B[2][3]                            0.00 
_refine.solvent_model_details                    'FLAT MODEL' 
_refine.solvent_model_param_ksol                 0.358512 
_refine.solvent_model_param_bsol                 46.8088 
_refine.pdbx_solvent_vdw_probe_radii             ? 
_refine.pdbx_solvent_ion_probe_radii             ? 
_refine.pdbx_solvent_shrinkage_radii             ? 
_refine.pdbx_ls_cross_valid_method               THROUGHOUT 
_refine.details                                  ? 
_refine.pdbx_starting_model                      ? 
_refine.pdbx_method_to_determine_struct          MAD 
_refine.pdbx_isotropic_thermal_model             RESTRAINED 
_refine.pdbx_stereochemistry_target_values       'Engh & Huber' 
_refine.pdbx_stereochem_target_val_spec_case     ? 
_refine.pdbx_R_Free_selection_details            RANDOM 
_refine.pdbx_overall_ESU_R                       ? 
_refine.pdbx_overall_ESU_R_Free                  ? 
_refine.overall_SU_ML                            ? 
_refine.overall_SU_B                             ? 
_refine.ls_redundancy_reflns_obs                 ? 
_refine.B_iso_min                                ? 
_refine.B_iso_max                                ? 
_refine.overall_SU_R_Cruickshank_DPI             ? 
_refine.overall_SU_R_free                        ? 
_refine.ls_wR_factor_R_free                      ? 
_refine.ls_wR_factor_R_work                      ? 
_refine.overall_FOM_free_R_set                   ? 
_refine.overall_FOM_work_R_set                   ? 
_refine.pdbx_refine_id                           'X-RAY DIFFRACTION' 
_refine.pdbx_diffrn_id                           1 
_refine.pdbx_TLS_residual_ADP_flag               ? 
_refine.pdbx_overall_phase_error                 ? 
_refine.pdbx_overall_SU_R_free_Cruickshank_DPI   ? 
_refine.pdbx_overall_SU_R_Blow_DPI               ? 
_refine.pdbx_overall_SU_R_free_Blow_DPI          ? 
# 
_refine_analyze.entry_id                        2IP6 
_refine_analyze.Luzzati_coordinate_error_obs    0.16 
_refine_analyze.Luzzati_sigma_a_obs             0.13 
_refine_analyze.Luzzati_d_res_low_obs           5.00 
_refine_analyze.Luzzati_coordinate_error_free   0.18 
_refine_analyze.Luzzati_sigma_a_free            0.15 
_refine_analyze.Luzzati_d_res_low_free          ? 
_refine_analyze.number_disordered_residues      ? 
_refine_analyze.occupancy_sum_hydrogen          ? 
_refine_analyze.occupancy_sum_non_hydrogen      ? 
_refine_analyze.pdbx_Luzzati_d_res_high_obs     ? 
_refine_analyze.pdbx_refine_id                  'X-RAY DIFFRACTION' 
# 
_refine_hist.pdbx_refine_id                   'X-RAY DIFFRACTION' 
_refine_hist.cycle_id                         LAST 
_refine_hist.pdbx_number_atoms_protein        702 
_refine_hist.pdbx_number_atoms_nucleic_acid   0 
_refine_hist.pdbx_number_atoms_ligand         5 
_refine_hist.number_atoms_solvent             160 
_refine_hist.number_atoms_total               867 
_refine_hist.d_res_high                       1.35 
_refine_hist.d_res_low                        18.71 
# 
loop_
_refine_ls_restr.type 
_refine_ls_restr.dev_ideal 
_refine_ls_restr.dev_ideal_target 
_refine_ls_restr.weight 
_refine_ls_restr.number 
_refine_ls_restr.pdbx_refine_id 
_refine_ls_restr.pdbx_restraint_function 
c_bond_d           0.004 ?    ? ? 'X-RAY DIFFRACTION' ? 
c_angle_deg        0.9   ?    ? ? 'X-RAY DIFFRACTION' ? 
c_dihedral_angle_d 17.4  ?    ? ? 'X-RAY DIFFRACTION' ? 
c_improper_angle_d 0.73  ?    ? ? 'X-RAY DIFFRACTION' ? 
c_mcbond_it        1.05  1.50 ? ? 'X-RAY DIFFRACTION' ? 
c_mcangle_it       1.56  2.00 ? ? 'X-RAY DIFFRACTION' ? 
c_scbond_it        2.24  2.00 ? ? 'X-RAY DIFFRACTION' ? 
c_scangle_it       3.29  2.50 ? ? 'X-RAY DIFFRACTION' ? 
# 
_refine_ls_shell.pdbx_total_number_of_bins_used   6 
_refine_ls_shell.d_res_high                       1.35 
_refine_ls_shell.d_res_low                        1.43 
_refine_ls_shell.number_reflns_R_work             2767 
_refine_ls_shell.R_factor_R_work                  0.268 
_refine_ls_shell.percent_reflns_obs               95.1 
_refine_ls_shell.R_factor_R_free                  0.286 
_refine_ls_shell.R_factor_R_free_error            0.017 
_refine_ls_shell.percent_reflns_R_free            9.0 
_refine_ls_shell.number_reflns_R_free             274 
_refine_ls_shell.number_reflns_all                ? 
_refine_ls_shell.R_factor_all                     ? 
_refine_ls_shell.number_reflns_obs                ? 
_refine_ls_shell.redundancy_reflns_obs            ? 
_refine_ls_shell.pdbx_refine_id                   'X-RAY DIFFRACTION' 
# 
loop_
_pdbx_xplor_file.serial_no 
_pdbx_xplor_file.param_file 
_pdbx_xplor_file.topol_file 
_pdbx_xplor_file.pdbx_refine_id 
1 protein_rep.param protein.top   'X-RAY DIFFRACTION' 
2 water_rep.param   water_rep.top 'X-RAY DIFFRACTION' 
3 ion.param         ion.top       'X-RAY DIFFRACTION' 
# 
_struct.entry_id                  2IP6 
_struct.title                     'Crystal structure of PedB' 
_struct.pdbx_model_details        ? 
_struct.pdbx_CASP_flag            ? 
_struct.pdbx_model_type_details   ? 
# 
_struct_keywords.entry_id        2IP6 
_struct_keywords.pdbx_keywords   'ANTIMICROBIAL PROTEIN' 
_struct_keywords.text            'immunity protein to the pediocin PP-1, ANTIMICROBIAL PROTEIN' 
# 
loop_
_struct_asym.id 
_struct_asym.pdbx_blank_PDB_chainid_flag 
_struct_asym.pdbx_modified 
_struct_asym.entity_id 
_struct_asym.details 
A N N 1 ? 
B N N 2 ? 
C N N 3 ? 
# 
_struct_ref.id                         1 
_struct_ref.db_name                    UNP 
_struct_ref.db_code                    Q79IK2_PEDPE 
_struct_ref.pdbx_db_accession          Q79IK2 
_struct_ref.entity_id                  1 
_struct_ref.pdbx_seq_one_letter_code   
;MNKTKSEHIKQQALDLFTRLQFLLQKHDTIEPYQYVLDILETGISKTKHNQQTPERQARVVYNKIASQALVDKLHFTAEE
NKVLAAINELAHSQKGWGEFNMLDTTNTWPSQ
;
_struct_ref.pdbx_align_begin           1 
_struct_ref.pdbx_db_isoform            ? 
# 
_struct_ref_seq.align_id                      1 
_struct_ref_seq.ref_id                        1 
_struct_ref_seq.pdbx_PDB_id_code              2IP6 
_struct_ref_seq.pdbx_strand_id                A 
_struct_ref_seq.seq_align_beg                 1 
_struct_ref_seq.pdbx_seq_align_beg_ins_code   ? 
_struct_ref_seq.seq_align_end                 112 
_struct_ref_seq.pdbx_seq_align_end_ins_code   ? 
_struct_ref_seq.pdbx_db_accession             Q79IK2 
_struct_ref_seq.db_align_beg                  1 
_struct_ref_seq.pdbx_db_align_beg_ins_code    ? 
_struct_ref_seq.db_align_end                  112 
_struct_ref_seq.pdbx_db_align_end_ins_code    ? 
_struct_ref_seq.pdbx_auth_seq_align_beg       1 
_struct_ref_seq.pdbx_auth_seq_align_end       112 
# 
_pdbx_struct_assembly.id                   1 
_pdbx_struct_assembly.details              author_defined_assembly 
_pdbx_struct_assembly.method_details       ? 
_pdbx_struct_assembly.oligomeric_details   monomeric 
_pdbx_struct_assembly.oligomeric_count     1 
# 
_pdbx_struct_assembly_gen.assembly_id       1 
_pdbx_struct_assembly_gen.oper_expression   1 
_pdbx_struct_assembly_gen.asym_id_list      A,B,C 
# 
_pdbx_struct_oper_list.id                   1 
_pdbx_struct_oper_list.type                 'identity operation' 
_pdbx_struct_oper_list.name                 1_555 
_pdbx_struct_oper_list.symmetry_operation   x,y,z 
_pdbx_struct_oper_list.matrix[1][1]         1.0000000000 
_pdbx_struct_oper_list.matrix[1][2]         0.0000000000 
_pdbx_struct_oper_list.matrix[1][3]         0.0000000000 
_pdbx_struct_oper_list.vector[1]            0.0000000000 
_pdbx_struct_oper_list.matrix[2][1]         0.0000000000 
_pdbx_struct_oper_list.matrix[2][2]         1.0000000000 
_pdbx_struct_oper_list.matrix[2][3]         0.0000000000 
_pdbx_struct_oper_list.vector[2]            0.0000000000 
_pdbx_struct_oper_list.matrix[3][1]         0.0000000000 
_pdbx_struct_oper_list.matrix[3][2]         0.0000000000 
_pdbx_struct_oper_list.matrix[3][3]         1.0000000000 
_pdbx_struct_oper_list.vector[3]            0.0000000000 
# 
_struct_biol.id        1 
_struct_biol.details   ? 
# 
loop_
_struct_conf.conf_type_id 
_struct_conf.id 
_struct_conf.pdbx_PDB_helix_id 
_struct_conf.beg_label_comp_id 
_struct_conf.beg_label_asym_id 
_struct_conf.beg_label_seq_id 
_struct_conf.pdbx_beg_PDB_ins_code 
_struct_conf.end_label_comp_id 
_struct_conf.end_label_asym_id 
_struct_conf.end_label_seq_id 
_struct_conf.pdbx_end_PDB_ins_code 
_struct_conf.beg_auth_comp_id 
_struct_conf.beg_auth_asym_id 
_struct_conf.beg_auth_seq_id 
_struct_conf.end_auth_comp_id 
_struct_conf.end_auth_asym_id 
_struct_conf.end_auth_seq_id 
_struct_conf.pdbx_PDB_helix_class 
_struct_conf.details 
_struct_conf.pdbx_PDB_helix_length 
HELX_P HELX_P1 1 HIS A 8  ? LEU A 24 ? HIS A 8  LEU A 24 1 ? 17 
HELX_P HELX_P2 2 GLN A 25 ? HIS A 27 ? GLN A 25 HIS A 27 5 ? 3  
HELX_P HELX_P3 3 ILE A 30 ? PRO A 32 ? ILE A 30 PRO A 32 5 ? 3  
HELX_P HELX_P4 4 TYR A 33 ? HIS A 49 ? TYR A 33 HIS A 49 1 ? 17 
HELX_P HELX_P5 5 THR A 53 ? ASP A 72 ? THR A 53 ASP A 72 1 ? 20 
HELX_P HELX_P6 6 THR A 77 ? ALA A 91 ? THR A 77 ALA A 91 1 ? 15 
# 
_struct_conf_type.id          HELX_P 
_struct_conf_type.criteria    ? 
_struct_conf_type.reference   ? 
# 
_pdbx_validate_torsion.id              1 
_pdbx_validate_torsion.PDB_model_num   1 
_pdbx_validate_torsion.auth_comp_id    GLN 
_pdbx_validate_torsion.auth_asym_id    A 
_pdbx_validate_torsion.auth_seq_id     52 
_pdbx_validate_torsion.PDB_ins_code    ? 
_pdbx_validate_torsion.label_alt_id    ? 
_pdbx_validate_torsion.phi             53.51 
_pdbx_validate_torsion.psi             -124.73 
# 
loop_
_pdbx_unobs_or_zero_occ_residues.id 
_pdbx_unobs_or_zero_occ_residues.PDB_model_num 
_pdbx_unobs_or_zero_occ_residues.polymer_flag 
_pdbx_unobs_or_zero_occ_residues.occupancy_flag 
_pdbx_unobs_or_zero_occ_residues.auth_asym_id 
_pdbx_unobs_or_zero_occ_residues.auth_comp_id 
_pdbx_unobs_or_zero_occ_residues.auth_seq_id 
_pdbx_unobs_or_zero_occ_residues.PDB_ins_code 
_pdbx_unobs_or_zero_occ_residues.label_asym_id 
_pdbx_unobs_or_zero_occ_residues.label_comp_id 
_pdbx_unobs_or_zero_occ_residues.label_seq_id 
1  1 Y 1 A MET 1   ? A MET 1   
2  1 Y 1 A ASN 2   ? A ASN 2   
3  1 Y 1 A LYS 3   ? A LYS 3   
4  1 Y 1 A THR 4   ? A THR 4   
5  1 Y 1 A LYS 5   ? A LYS 5   
6  1 Y 1 A SER 6   ? A SER 6   
7  1 Y 1 A GLN 94  ? A GLN 94  
8  1 Y 1 A LYS 95  ? A LYS 95  
9  1 Y 1 A GLY 96  ? A GLY 96  
10 1 Y 1 A TRP 97  ? A TRP 97  
11 1 Y 1 A GLY 98  ? A GLY 98  
12 1 Y 1 A GLU 99  ? A GLU 99  
13 1 Y 1 A PHE 100 ? A PHE 100 
14 1 Y 1 A ASN 101 ? A ASN 101 
15 1 Y 1 A MET 102 ? A MET 102 
16 1 Y 1 A LEU 103 ? A LEU 103 
17 1 Y 1 A ASP 104 ? A ASP 104 
18 1 Y 1 A THR 105 ? A THR 105 
19 1 Y 1 A THR 106 ? A THR 106 
20 1 Y 1 A ASN 107 ? A ASN 107 
21 1 Y 1 A THR 108 ? A THR 108 
22 1 Y 1 A TRP 109 ? A TRP 109 
23 1 Y 1 A PRO 110 ? A PRO 110 
24 1 Y 1 A SER 111 ? A SER 111 
25 1 Y 1 A GLN 112 ? A GLN 112 
# 
loop_
_chem_comp_atom.comp_id 
_chem_comp_atom.atom_id 
_chem_comp_atom.type_symbol 
_chem_comp_atom.pdbx_aromatic_flag 
_chem_comp_atom.pdbx_stereo_config 
_chem_comp_atom.pdbx_ordinal 
ALA N    N N N 1   
ALA CA   C N S 2   
ALA C    C N N 3   
ALA O    O N N 4   
ALA CB   C N N 5   
ALA OXT  O N N 6   
ALA H    H N N 7   
ALA H2   H N N 8   
ALA HA   H N N 9   
ALA HB1  H N N 10  
ALA HB2  H N N 11  
ALA HB3  H N N 12  
ALA HXT  H N N 13  
ARG N    N N N 14  
ARG CA   C N S 15  
ARG C    C N N 16  
ARG O    O N N 17  
ARG CB   C N N 18  
ARG CG   C N N 19  
ARG CD   C N N 20  
ARG NE   N N N 21  
ARG CZ   C N N 22  
ARG NH1  N N N 23  
ARG NH2  N N N 24  
ARG OXT  O N N 25  
ARG H    H N N 26  
ARG H2   H N N 27  
ARG HA   H N N 28  
ARG HB2  H N N 29  
ARG HB3  H N N 30  
ARG HG2  H N N 31  
ARG HG3  H N N 32  
ARG HD2  H N N 33  
ARG HD3  H N N 34  
ARG HE   H N N 35  
ARG HH11 H N N 36  
ARG HH12 H N N 37  
ARG HH21 H N N 38  
ARG HH22 H N N 39  
ARG HXT  H N N 40  
ASN N    N N N 41  
ASN CA   C N S 42  
ASN C    C N N 43  
ASN O    O N N 44  
ASN CB   C N N 45  
ASN CG   C N N 46  
ASN OD1  O N N 47  
ASN ND2  N N N 48  
ASN OXT  O N N 49  
ASN H    H N N 50  
ASN H2   H N N 51  
ASN HA   H N N 52  
ASN HB2  H N N 53  
ASN HB3  H N N 54  
ASN HD21 H N N 55  
ASN HD22 H N N 56  
ASN HXT  H N N 57  
ASP N    N N N 58  
ASP CA   C N S 59  
ASP C    C N N 60  
ASP O    O N N 61  
ASP CB   C N N 62  
ASP CG   C N N 63  
ASP OD1  O N N 64  
ASP OD2  O N N 65  
ASP OXT  O N N 66  
ASP H    H N N 67  
ASP H2   H N N 68  
ASP HA   H N N 69  
ASP HB2  H N N 70  
ASP HB3  H N N 71  
ASP HD2  H N N 72  
ASP HXT  H N N 73  
GLN N    N N N 74  
GLN CA   C N S 75  
GLN C    C N N 76  
GLN O    O N N 77  
GLN CB   C N N 78  
GLN CG   C N N 79  
GLN CD   C N N 80  
GLN OE1  O N N 81  
GLN NE2  N N N 82  
GLN OXT  O N N 83  
GLN H    H N N 84  
GLN H2   H N N 85  
GLN HA   H N N 86  
GLN HB2  H N N 87  
GLN HB3  H N N 88  
GLN HG2  H N N 89  
GLN HG3  H N N 90  
GLN HE21 H N N 91  
GLN HE22 H N N 92  
GLN HXT  H N N 93  
GLU N    N N N 94  
GLU CA   C N S 95  
GLU C    C N N 96  
GLU O    O N N 97  
GLU CB   C N N 98  
GLU CG   C N N 99  
GLU CD   C N N 100 
GLU OE1  O N N 101 
GLU OE2  O N N 102 
GLU OXT  O N N 103 
GLU H    H N N 104 
GLU H2   H N N 105 
GLU HA   H N N 106 
GLU HB2  H N N 107 
GLU HB3  H N N 108 
GLU HG2  H N N 109 
GLU HG3  H N N 110 
GLU HE2  H N N 111 
GLU HXT  H N N 112 
GLY N    N N N 113 
GLY CA   C N N 114 
GLY C    C N N 115 
GLY O    O N N 116 
GLY OXT  O N N 117 
GLY H    H N N 118 
GLY H2   H N N 119 
GLY HA2  H N N 120 
GLY HA3  H N N 121 
GLY HXT  H N N 122 
HIS N    N N N 123 
HIS CA   C N S 124 
HIS C    C N N 125 
HIS O    O N N 126 
HIS CB   C N N 127 
HIS CG   C Y N 128 
HIS ND1  N Y N 129 
HIS CD2  C Y N 130 
HIS CE1  C Y N 131 
HIS NE2  N Y N 132 
HIS OXT  O N N 133 
HIS H    H N N 134 
HIS H2   H N N 135 
HIS HA   H N N 136 
HIS HB2  H N N 137 
HIS HB3  H N N 138 
HIS HD1  H N N 139 
HIS HD2  H N N 140 
HIS HE1  H N N 141 
HIS HE2  H N N 142 
HIS HXT  H N N 143 
HOH O    O N N 144 
HOH H1   H N N 145 
HOH H2   H N N 146 
ILE N    N N N 147 
ILE CA   C N S 148 
ILE C    C N N 149 
ILE O    O N N 150 
ILE CB   C N S 151 
ILE CG1  C N N 152 
ILE CG2  C N N 153 
ILE CD1  C N N 154 
ILE OXT  O N N 155 
ILE H    H N N 156 
ILE H2   H N N 157 
ILE HA   H N N 158 
ILE HB   H N N 159 
ILE HG12 H N N 160 
ILE HG13 H N N 161 
ILE HG21 H N N 162 
ILE HG22 H N N 163 
ILE HG23 H N N 164 
ILE HD11 H N N 165 
ILE HD12 H N N 166 
ILE HD13 H N N 167 
ILE HXT  H N N 168 
LEU N    N N N 169 
LEU CA   C N S 170 
LEU C    C N N 171 
LEU O    O N N 172 
LEU CB   C N N 173 
LEU CG   C N N 174 
LEU CD1  C N N 175 
LEU CD2  C N N 176 
LEU OXT  O N N 177 
LEU H    H N N 178 
LEU H2   H N N 179 
LEU HA   H N N 180 
LEU HB2  H N N 181 
LEU HB3  H N N 182 
LEU HG   H N N 183 
LEU HD11 H N N 184 
LEU HD12 H N N 185 
LEU HD13 H N N 186 
LEU HD21 H N N 187 
LEU HD22 H N N 188 
LEU HD23 H N N 189 
LEU HXT  H N N 190 
LYS N    N N N 191 
LYS CA   C N S 192 
LYS C    C N N 193 
LYS O    O N N 194 
LYS CB   C N N 195 
LYS CG   C N N 196 
LYS CD   C N N 197 
LYS CE   C N N 198 
LYS NZ   N N N 199 
LYS OXT  O N N 200 
LYS H    H N N 201 
LYS H2   H N N 202 
LYS HA   H N N 203 
LYS HB2  H N N 204 
LYS HB3  H N N 205 
LYS HG2  H N N 206 
LYS HG3  H N N 207 
LYS HD2  H N N 208 
LYS HD3  H N N 209 
LYS HE2  H N N 210 
LYS HE3  H N N 211 
LYS HZ1  H N N 212 
LYS HZ2  H N N 213 
LYS HZ3  H N N 214 
LYS HXT  H N N 215 
MET N    N N N 216 
MET CA   C N S 217 
MET C    C N N 218 
MET O    O N N 219 
MET CB   C N N 220 
MET CG   C N N 221 
MET SD   S N N 222 
MET CE   C N N 223 
MET OXT  O N N 224 
MET H    H N N 225 
MET H2   H N N 226 
MET HA   H N N 227 
MET HB2  H N N 228 
MET HB3  H N N 229 
MET HG2  H N N 230 
MET HG3  H N N 231 
MET HE1  H N N 232 
MET HE2  H N N 233 
MET HE3  H N N 234 
MET HXT  H N N 235 
PHE N    N N N 236 
PHE CA   C N S 237 
PHE C    C N N 238 
PHE O    O N N 239 
PHE CB   C N N 240 
PHE CG   C Y N 241 
PHE CD1  C Y N 242 
PHE CD2  C Y N 243 
PHE CE1  C Y N 244 
PHE CE2  C Y N 245 
PHE CZ   C Y N 246 
PHE OXT  O N N 247 
PHE H    H N N 248 
PHE H2   H N N 249 
PHE HA   H N N 250 
PHE HB2  H N N 251 
PHE HB3  H N N 252 
PHE HD1  H N N 253 
PHE HD2  H N N 254 
PHE HE1  H N N 255 
PHE HE2  H N N 256 
PHE HZ   H N N 257 
PHE HXT  H N N 258 
PRO N    N N N 259 
PRO CA   C N S 260 
PRO C    C N N 261 
PRO O    O N N 262 
PRO CB   C N N 263 
PRO CG   C N N 264 
PRO CD   C N N 265 
PRO OXT  O N N 266 
PRO H    H N N 267 
PRO HA   H N N 268 
PRO HB2  H N N 269 
PRO HB3  H N N 270 
PRO HG2  H N N 271 
PRO HG3  H N N 272 
PRO HD2  H N N 273 
PRO HD3  H N N 274 
PRO HXT  H N N 275 
SER N    N N N 276 
SER CA   C N S 277 
SER C    C N N 278 
SER O    O N N 279 
SER CB   C N N 280 
SER OG   O N N 281 
SER OXT  O N N 282 
SER H    H N N 283 
SER H2   H N N 284 
SER HA   H N N 285 
SER HB2  H N N 286 
SER HB3  H N N 287 
SER HG   H N N 288 
SER HXT  H N N 289 
SO4 S    S N N 290 
SO4 O1   O N N 291 
SO4 O2   O N N 292 
SO4 O3   O N N 293 
SO4 O4   O N N 294 
THR N    N N N 295 
THR CA   C N S 296 
THR C    C N N 297 
THR O    O N N 298 
THR CB   C N R 299 
THR OG1  O N N 300 
THR CG2  C N N 301 
THR OXT  O N N 302 
THR H    H N N 303 
THR H2   H N N 304 
THR HA   H N N 305 
THR HB   H N N 306 
THR HG1  H N N 307 
THR HG21 H N N 308 
THR HG22 H N N 309 
THR HG23 H N N 310 
THR HXT  H N N 311 
TRP N    N N N 312 
TRP CA   C N S 313 
TRP C    C N N 314 
TRP O    O N N 315 
TRP CB   C N N 316 
TRP CG   C Y N 317 
TRP CD1  C Y N 318 
TRP CD2  C Y N 319 
TRP NE1  N Y N 320 
TRP CE2  C Y N 321 
TRP CE3  C Y N 322 
TRP CZ2  C Y N 323 
TRP CZ3  C Y N 324 
TRP CH2  C Y N 325 
TRP OXT  O N N 326 
TRP H    H N N 327 
TRP H2   H N N 328 
TRP HA   H N N 329 
TRP HB2  H N N 330 
TRP HB3  H N N 331 
TRP HD1  H N N 332 
TRP HE1  H N N 333 
TRP HE3  H N N 334 
TRP HZ2  H N N 335 
TRP HZ3  H N N 336 
TRP HH2  H N N 337 
TRP HXT  H N N 338 
TYR N    N N N 339 
TYR CA   C N S 340 
TYR C    C N N 341 
TYR O    O N N 342 
TYR CB   C N N 343 
TYR CG   C Y N 344 
TYR CD1  C Y N 345 
TYR CD2  C Y N 346 
TYR CE1  C Y N 347 
TYR CE2  C Y N 348 
TYR CZ   C Y N 349 
TYR OH   O N N 350 
TYR OXT  O N N 351 
TYR H    H N N 352 
TYR H2   H N N 353 
TYR HA   H N N 354 
TYR HB2  H N N 355 
TYR HB3  H N N 356 
TYR HD1  H N N 357 
TYR HD2  H N N 358 
TYR HE1  H N N 359 
TYR HE2  H N N 360 
TYR HH   H N N 361 
TYR HXT  H N N 362 
VAL N    N N N 363 
VAL CA   C N S 364 
VAL C    C N N 365 
VAL O    O N N 366 
VAL CB   C N N 367 
VAL CG1  C N N 368 
VAL CG2  C N N 369 
VAL OXT  O N N 370 
VAL H    H N N 371 
VAL H2   H N N 372 
VAL HA   H N N 373 
VAL HB   H N N 374 
VAL HG11 H N N 375 
VAL HG12 H N N 376 
VAL HG13 H N N 377 
VAL HG21 H N N 378 
VAL HG22 H N N 379 
VAL HG23 H N N 380 
VAL HXT  H N N 381 
# 
loop_
_chem_comp_bond.comp_id 
_chem_comp_bond.atom_id_1 
_chem_comp_bond.atom_id_2 
_chem_comp_bond.value_order 
_chem_comp_bond.pdbx_aromatic_flag 
_chem_comp_bond.pdbx_stereo_config 
_chem_comp_bond.pdbx_ordinal 
ALA N   CA   sing N N 1   
ALA N   H    sing N N 2   
ALA N   H2   sing N N 3   
ALA CA  C    sing N N 4   
ALA CA  CB   sing N N 5   
ALA CA  HA   sing N N 6   
ALA C   O    doub N N 7   
ALA C   OXT  sing N N 8   
ALA CB  HB1  sing N N 9   
ALA CB  HB2  sing N N 10  
ALA CB  HB3  sing N N 11  
ALA OXT HXT  sing N N 12  
ARG N   CA   sing N N 13  
ARG N   H    sing N N 14  
ARG N   H2   sing N N 15  
ARG CA  C    sing N N 16  
ARG CA  CB   sing N N 17  
ARG CA  HA   sing N N 18  
ARG C   O    doub N N 19  
ARG C   OXT  sing N N 20  
ARG CB  CG   sing N N 21  
ARG CB  HB2  sing N N 22  
ARG CB  HB3  sing N N 23  
ARG CG  CD   sing N N 24  
ARG CG  HG2  sing N N 25  
ARG CG  HG3  sing N N 26  
ARG CD  NE   sing N N 27  
ARG CD  HD2  sing N N 28  
ARG CD  HD3  sing N N 29  
ARG NE  CZ   sing N N 30  
ARG NE  HE   sing N N 31  
ARG CZ  NH1  sing N N 32  
ARG CZ  NH2  doub N N 33  
ARG NH1 HH11 sing N N 34  
ARG NH1 HH12 sing N N 35  
ARG NH2 HH21 sing N N 36  
ARG NH2 HH22 sing N N 37  
ARG OXT HXT  sing N N 38  
ASN N   CA   sing N N 39  
ASN N   H    sing N N 40  
ASN N   H2   sing N N 41  
ASN CA  C    sing N N 42  
ASN CA  CB   sing N N 43  
ASN CA  HA   sing N N 44  
ASN C   O    doub N N 45  
ASN C   OXT  sing N N 46  
ASN CB  CG   sing N N 47  
ASN CB  HB2  sing N N 48  
ASN CB  HB3  sing N N 49  
ASN CG  OD1  doub N N 50  
ASN CG  ND2  sing N N 51  
ASN ND2 HD21 sing N N 52  
ASN ND2 HD22 sing N N 53  
ASN OXT HXT  sing N N 54  
ASP N   CA   sing N N 55  
ASP N   H    sing N N 56  
ASP N   H2   sing N N 57  
ASP CA  C    sing N N 58  
ASP CA  CB   sing N N 59  
ASP CA  HA   sing N N 60  
ASP C   O    doub N N 61  
ASP C   OXT  sing N N 62  
ASP CB  CG   sing N N 63  
ASP CB  HB2  sing N N 64  
ASP CB  HB3  sing N N 65  
ASP CG  OD1  doub N N 66  
ASP CG  OD2  sing N N 67  
ASP OD2 HD2  sing N N 68  
ASP OXT HXT  sing N N 69  
GLN N   CA   sing N N 70  
GLN N   H    sing N N 71  
GLN N   H2   sing N N 72  
GLN CA  C    sing N N 73  
GLN CA  CB   sing N N 74  
GLN CA  HA   sing N N 75  
GLN C   O    doub N N 76  
GLN C   OXT  sing N N 77  
GLN CB  CG   sing N N 78  
GLN CB  HB2  sing N N 79  
GLN CB  HB3  sing N N 80  
GLN CG  CD   sing N N 81  
GLN CG  HG2  sing N N 82  
GLN CG  HG3  sing N N 83  
GLN CD  OE1  doub N N 84  
GLN CD  NE2  sing N N 85  
GLN NE2 HE21 sing N N 86  
GLN NE2 HE22 sing N N 87  
GLN OXT HXT  sing N N 88  
GLU N   CA   sing N N 89  
GLU N   H    sing N N 90  
GLU N   H2   sing N N 91  
GLU CA  C    sing N N 92  
GLU CA  CB   sing N N 93  
GLU CA  HA   sing N N 94  
GLU C   O    doub N N 95  
GLU C   OXT  sing N N 96  
GLU CB  CG   sing N N 97  
GLU CB  HB2  sing N N 98  
GLU CB  HB3  sing N N 99  
GLU CG  CD   sing N N 100 
GLU CG  HG2  sing N N 101 
GLU CG  HG3  sing N N 102 
GLU CD  OE1  doub N N 103 
GLU CD  OE2  sing N N 104 
GLU OE2 HE2  sing N N 105 
GLU OXT HXT  sing N N 106 
GLY N   CA   sing N N 107 
GLY N   H    sing N N 108 
GLY N   H2   sing N N 109 
GLY CA  C    sing N N 110 
GLY CA  HA2  sing N N 111 
GLY CA  HA3  sing N N 112 
GLY C   O    doub N N 113 
GLY C   OXT  sing N N 114 
GLY OXT HXT  sing N N 115 
HIS N   CA   sing N N 116 
HIS N   H    sing N N 117 
HIS N   H2   sing N N 118 
HIS CA  C    sing N N 119 
HIS CA  CB   sing N N 120 
HIS CA  HA   sing N N 121 
HIS C   O    doub N N 122 
HIS C   OXT  sing N N 123 
HIS CB  CG   sing N N 124 
HIS CB  HB2  sing N N 125 
HIS CB  HB3  sing N N 126 
HIS CG  ND1  sing Y N 127 
HIS CG  CD2  doub Y N 128 
HIS ND1 CE1  doub Y N 129 
HIS ND1 HD1  sing N N 130 
HIS CD2 NE2  sing Y N 131 
HIS CD2 HD2  sing N N 132 
HIS CE1 NE2  sing Y N 133 
HIS CE1 HE1  sing N N 134 
HIS NE2 HE2  sing N N 135 
HIS OXT HXT  sing N N 136 
HOH O   H1   sing N N 137 
HOH O   H2   sing N N 138 
ILE N   CA   sing N N 139 
ILE N   H    sing N N 140 
ILE N   H2   sing N N 141 
ILE CA  C    sing N N 142 
ILE CA  CB   sing N N 143 
ILE CA  HA   sing N N 144 
ILE C   O    doub N N 145 
ILE C   OXT  sing N N 146 
ILE CB  CG1  sing N N 147 
ILE CB  CG2  sing N N 148 
ILE CB  HB   sing N N 149 
ILE CG1 CD1  sing N N 150 
ILE CG1 HG12 sing N N 151 
ILE CG1 HG13 sing N N 152 
ILE CG2 HG21 sing N N 153 
ILE CG2 HG22 sing N N 154 
ILE CG2 HG23 sing N N 155 
ILE CD1 HD11 sing N N 156 
ILE CD1 HD12 sing N N 157 
ILE CD1 HD13 sing N N 158 
ILE OXT HXT  sing N N 159 
LEU N   CA   sing N N 160 
LEU N   H    sing N N 161 
LEU N   H2   sing N N 162 
LEU CA  C    sing N N 163 
LEU CA  CB   sing N N 164 
LEU CA  HA   sing N N 165 
LEU C   O    doub N N 166 
LEU C   OXT  sing N N 167 
LEU CB  CG   sing N N 168 
LEU CB  HB2  sing N N 169 
LEU CB  HB3  sing N N 170 
LEU CG  CD1  sing N N 171 
LEU CG  CD2  sing N N 172 
LEU CG  HG   sing N N 173 
LEU CD1 HD11 sing N N 174 
LEU CD1 HD12 sing N N 175 
LEU CD1 HD13 sing N N 176 
LEU CD2 HD21 sing N N 177 
LEU CD2 HD22 sing N N 178 
LEU CD2 HD23 sing N N 179 
LEU OXT HXT  sing N N 180 
LYS N   CA   sing N N 181 
LYS N   H    sing N N 182 
LYS N   H2   sing N N 183 
LYS CA  C    sing N N 184 
LYS CA  CB   sing N N 185 
LYS CA  HA   sing N N 186 
LYS C   O    doub N N 187 
LYS C   OXT  sing N N 188 
LYS CB  CG   sing N N 189 
LYS CB  HB2  sing N N 190 
LYS CB  HB3  sing N N 191 
LYS CG  CD   sing N N 192 
LYS CG  HG2  sing N N 193 
LYS CG  HG3  sing N N 194 
LYS CD  CE   sing N N 195 
LYS CD  HD2  sing N N 196 
LYS CD  HD3  sing N N 197 
LYS CE  NZ   sing N N 198 
LYS CE  HE2  sing N N 199 
LYS CE  HE3  sing N N 200 
LYS NZ  HZ1  sing N N 201 
LYS NZ  HZ2  sing N N 202 
LYS NZ  HZ3  sing N N 203 
LYS OXT HXT  sing N N 204 
MET N   CA   sing N N 205 
MET N   H    sing N N 206 
MET N   H2   sing N N 207 
MET CA  C    sing N N 208 
MET CA  CB   sing N N 209 
MET CA  HA   sing N N 210 
MET C   O    doub N N 211 
MET C   OXT  sing N N 212 
MET CB  CG   sing N N 213 
MET CB  HB2  sing N N 214 
MET CB  HB3  sing N N 215 
MET CG  SD   sing N N 216 
MET CG  HG2  sing N N 217 
MET CG  HG3  sing N N 218 
MET SD  CE   sing N N 219 
MET CE  HE1  sing N N 220 
MET CE  HE2  sing N N 221 
MET CE  HE3  sing N N 222 
MET OXT HXT  sing N N 223 
PHE N   CA   sing N N 224 
PHE N   H    sing N N 225 
PHE N   H2   sing N N 226 
PHE CA  C    sing N N 227 
PHE CA  CB   sing N N 228 
PHE CA  HA   sing N N 229 
PHE C   O    doub N N 230 
PHE C   OXT  sing N N 231 
PHE CB  CG   sing N N 232 
PHE CB  HB2  sing N N 233 
PHE CB  HB3  sing N N 234 
PHE CG  CD1  doub Y N 235 
PHE CG  CD2  sing Y N 236 
PHE CD1 CE1  sing Y N 237 
PHE CD1 HD1  sing N N 238 
PHE CD2 CE2  doub Y N 239 
PHE CD2 HD2  sing N N 240 
PHE CE1 CZ   doub Y N 241 
PHE CE1 HE1  sing N N 242 
PHE CE2 CZ   sing Y N 243 
PHE CE2 HE2  sing N N 244 
PHE CZ  HZ   sing N N 245 
PHE OXT HXT  sing N N 246 
PRO N   CA   sing N N 247 
PRO N   CD   sing N N 248 
PRO N   H    sing N N 249 
PRO CA  C    sing N N 250 
PRO CA  CB   sing N N 251 
PRO CA  HA   sing N N 252 
PRO C   O    doub N N 253 
PRO C   OXT  sing N N 254 
PRO CB  CG   sing N N 255 
PRO CB  HB2  sing N N 256 
PRO CB  HB3  sing N N 257 
PRO CG  CD   sing N N 258 
PRO CG  HG2  sing N N 259 
PRO CG  HG3  sing N N 260 
PRO CD  HD2  sing N N 261 
PRO CD  HD3  sing N N 262 
PRO OXT HXT  sing N N 263 
SER N   CA   sing N N 264 
SER N   H    sing N N 265 
SER N   H2   sing N N 266 
SER CA  C    sing N N 267 
SER CA  CB   sing N N 268 
SER CA  HA   sing N N 269 
SER C   O    doub N N 270 
SER C   OXT  sing N N 271 
SER CB  OG   sing N N 272 
SER CB  HB2  sing N N 273 
SER CB  HB3  sing N N 274 
SER OG  HG   sing N N 275 
SER OXT HXT  sing N N 276 
SO4 S   O1   doub N N 277 
SO4 S   O2   doub N N 278 
SO4 S   O3   sing N N 279 
SO4 S   O4   sing N N 280 
THR N   CA   sing N N 281 
THR N   H    sing N N 282 
THR N   H2   sing N N 283 
THR CA  C    sing N N 284 
THR CA  CB   sing N N 285 
THR CA  HA   sing N N 286 
THR C   O    doub N N 287 
THR C   OXT  sing N N 288 
THR CB  OG1  sing N N 289 
THR CB  CG2  sing N N 290 
THR CB  HB   sing N N 291 
THR OG1 HG1  sing N N 292 
THR CG2 HG21 sing N N 293 
THR CG2 HG22 sing N N 294 
THR CG2 HG23 sing N N 295 
THR OXT HXT  sing N N 296 
TRP N   CA   sing N N 297 
TRP N   H    sing N N 298 
TRP N   H2   sing N N 299 
TRP CA  C    sing N N 300 
TRP CA  CB   sing N N 301 
TRP CA  HA   sing N N 302 
TRP C   O    doub N N 303 
TRP C   OXT  sing N N 304 
TRP CB  CG   sing N N 305 
TRP CB  HB2  sing N N 306 
TRP CB  HB3  sing N N 307 
TRP CG  CD1  doub Y N 308 
TRP CG  CD2  sing Y N 309 
TRP CD1 NE1  sing Y N 310 
TRP CD1 HD1  sing N N 311 
TRP CD2 CE2  doub Y N 312 
TRP CD2 CE3  sing Y N 313 
TRP NE1 CE2  sing Y N 314 
TRP NE1 HE1  sing N N 315 
TRP CE2 CZ2  sing Y N 316 
TRP CE3 CZ3  doub Y N 317 
TRP CE3 HE3  sing N N 318 
TRP CZ2 CH2  doub Y N 319 
TRP CZ2 HZ2  sing N N 320 
TRP CZ3 CH2  sing Y N 321 
TRP CZ3 HZ3  sing N N 322 
TRP CH2 HH2  sing N N 323 
TRP OXT HXT  sing N N 324 
TYR N   CA   sing N N 325 
TYR N   H    sing N N 326 
TYR N   H2   sing N N 327 
TYR CA  C    sing N N 328 
TYR CA  CB   sing N N 329 
TYR CA  HA   sing N N 330 
TYR C   O    doub N N 331 
TYR C   OXT  sing N N 332 
TYR CB  CG   sing N N 333 
TYR CB  HB2  sing N N 334 
TYR CB  HB3  sing N N 335 
TYR CG  CD1  doub Y N 336 
TYR CG  CD2  sing Y N 337 
TYR CD1 CE1  sing Y N 338 
TYR CD1 HD1  sing N N 339 
TYR CD2 CE2  doub Y N 340 
TYR CD2 HD2  sing N N 341 
TYR CE1 CZ   doub Y N 342 
TYR CE1 HE1  sing N N 343 
TYR CE2 CZ   sing Y N 344 
TYR CE2 HE2  sing N N 345 
TYR CZ  OH   sing N N 346 
TYR OH  HH   sing N N 347 
TYR OXT HXT  sing N N 348 
VAL N   CA   sing N N 349 
VAL N   H    sing N N 350 
VAL N   H2   sing N N 351 
VAL CA  C    sing N N 352 
VAL CA  CB   sing N N 353 
VAL CA  HA   sing N N 354 
VAL C   O    doub N N 355 
VAL C   OXT  sing N N 356 
VAL CB  CG1  sing N N 357 
VAL CB  CG2  sing N N 358 
VAL CB  HB   sing N N 359 
VAL CG1 HG11 sing N N 360 
VAL CG1 HG12 sing N N 361 
VAL CG1 HG13 sing N N 362 
VAL CG2 HG21 sing N N 363 
VAL CG2 HG22 sing N N 364 
VAL CG2 HG23 sing N N 365 
VAL OXT HXT  sing N N 366 
# 
_atom_sites.entry_id                    2IP6 
_atom_sites.fract_transf_matrix[1][1]   -0.00437991 
_atom_sites.fract_transf_matrix[1][2]   0.00709457 
_atom_sites.fract_transf_matrix[1][3]   0.01659044 
_atom_sites.fract_transf_matrix[2][1]   -0.01609722 
_atom_sites.fract_transf_matrix[2][2]   0.00896221 
_atom_sites.fract_transf_matrix[2][3]   0.00230844 
_atom_sites.fract_transf_matrix[3][1]   -0.01110684 
_atom_sites.fract_transf_matrix[3][2]   -0.02156982 
_atom_sites.fract_transf_matrix[3][3]   0.00629168 
_atom_sites.fract_transf_vector[1]      0.847039 
_atom_sites.fract_transf_vector[2]      -0.441994 
_atom_sites.fract_transf_vector[3]      -0.424822 
# 
loop_
_atom_type.symbol 
C 
N 
O 
S 
# 
loop_
_atom_site.group_PDB 
_atom_site.id 
_atom_site.type_symbol 
_atom_site.label_atom_id 
_atom_site.label_alt_id 
_atom_site.label_comp_id 
_atom_site.label_asym_id 
_atom_site.label_entity_id 
_atom_site.label_seq_id 
_atom_site.pdbx_PDB_ins_code 
_atom_site.Cartn_x 
_atom_site.Cartn_y 
_atom_site.Cartn_z 
_atom_site.occupancy 
_atom_site.B_iso_or_equiv 
_atom_site.pdbx_formal_charge 
_atom_site.auth_seq_id 
_atom_site.auth_comp_id 
_atom_site.auth_asym_id 
_atom_site.auth_atom_id 
_atom_site.pdbx_PDB_model_num 
ATOM   1   N N   . GLU A 1 7  ? -17.899 -9.461  -0.914  1.00 33.44 ? 7   GLU A N   1 
ATOM   2   C CA  . GLU A 1 7  ? -18.103 -8.028  -0.571  1.00 32.55 ? 7   GLU A CA  1 
ATOM   3   C C   . GLU A 1 7  ? -17.230 -7.147  -1.456  1.00 32.09 ? 7   GLU A C   1 
ATOM   4   O O   . GLU A 1 7  ? -16.300 -7.628  -2.106  1.00 32.62 ? 7   GLU A O   1 
ATOM   5   C CB  . GLU A 1 7  ? -17.767 -7.794  0.892   1.00 32.53 ? 7   GLU A CB  1 
ATOM   6   N N   . HIS A 1 8  ? -17.538 -5.854  -1.476  1.00 30.53 ? 8   HIS A N   1 
ATOM   7   C CA  . HIS A 1 8  ? -16.787 -4.900  -2.280  1.00 27.41 ? 8   HIS A CA  1 
ATOM   8   C C   . HIS A 1 8  ? -15.502 -4.508  -1.565  1.00 25.06 ? 8   HIS A C   1 
ATOM   9   O O   . HIS A 1 8  ? -14.736 -3.682  -2.061  1.00 24.88 ? 8   HIS A O   1 
ATOM   10  C CB  . HIS A 1 8  ? -17.633 -3.664  -2.544  1.00 28.20 ? 8   HIS A CB  1 
ATOM   11  N N   . ILE A 1 9  ? -15.273 -5.100  -0.398  1.00 21.95 ? 9   ILE A N   1 
ATOM   12  C CA  . ILE A 1 9  ? -14.077 -4.804  0.379   1.00 19.69 ? 9   ILE A CA  1 
ATOM   13  C C   . ILE A 1 9  ? -12.833 -5.153  -0.434  1.00 17.44 ? 9   ILE A C   1 
ATOM   14  O O   . ILE A 1 9  ? -11.817 -4.463  -0.354  1.00 16.96 ? 9   ILE A O   1 
ATOM   15  C CB  . ILE A 1 9  ? -14.061 -5.590  1.712   1.00 20.91 ? 9   ILE A CB  1 
ATOM   16  C CG1 . ILE A 1 9  ? -12.902 -5.108  2.586   1.00 22.43 ? 9   ILE A CG1 1 
ATOM   17  C CG2 . ILE A 1 9  ? -13.935 -7.082  1.447   1.00 21.52 ? 9   ILE A CG2 1 
ATOM   18  C CD1 . ILE A 1 9  ? -13.010 -3.650  2.983   1.00 24.20 ? 9   ILE A CD1 1 
ATOM   19  N N   . LYS A 1 10 ? -12.918 -6.219  -1.222  1.00 15.37 ? 10  LYS A N   1 
ATOM   20  C CA  . LYS A 1 10 ? -11.787 -6.624  -2.045  1.00 14.03 ? 10  LYS A CA  1 
ATOM   21  C C   . LYS A 1 10 ? -11.412 -5.518  -3.022  1.00 13.77 ? 10  LYS A C   1 
ATOM   22  O O   . LYS A 1 10 ? -10.249 -5.139  -3.117  1.00 11.96 ? 10  LYS A O   1 
ATOM   23  C CB  . LYS A 1 10 ? -12.105 -7.893  -2.835  1.00 13.67 ? 10  LYS A CB  1 
ATOM   24  C CG  . LYS A 1 10 ? -10.974 -8.296  -3.772  1.00 10.94 ? 10  LYS A CG  1 
ATOM   25  C CD  . LYS A 1 10 ? -11.282 -9.569  -4.554  1.00 11.85 ? 10  LYS A CD  1 
ATOM   26  C CE  . LYS A 1 10 ? -10.120 -9.938  -5.466  1.00 11.83 ? 10  LYS A CE  1 
ATOM   27  N NZ  . LYS A 1 10 ? -10.311 -11.257 -6.142  1.00 11.89 ? 10  LYS A NZ  1 
ATOM   28  N N   . GLN A 1 11 ? -12.397 -4.997  -3.750  1.00 14.26 ? 11  GLN A N   1 
ATOM   29  C CA  . GLN A 1 11 ? -12.130 -3.939  -4.716  1.00 15.36 ? 11  GLN A CA  1 
ATOM   30  C C   . GLN A 1 11 ? -11.649 -2.671  -4.011  1.00 14.79 ? 11  GLN A C   1 
ATOM   31  O O   . GLN A 1 11 ? -10.813 -1.943  -4.539  1.00 14.20 ? 11  GLN A O   1 
ATOM   32  C CB  . GLN A 1 11 ? -13.383 -3.641  -5.549  1.00 16.58 ? 11  GLN A CB  1 
ATOM   33  C CG  . GLN A 1 11 ? -13.109 -2.762  -6.760  1.00 20.49 ? 11  GLN A CG  1 
ATOM   34  C CD  . GLN A 1 11 ? -12.066 -3.362  -7.684  1.00 21.62 ? 11  GLN A CD  1 
ATOM   35  O OE1 . GLN A 1 11 ? -11.060 -2.724  -8.000  1.00 24.31 ? 11  GLN A OE1 1 
ATOM   36  N NE2 . GLN A 1 11 ? -12.298 -4.596  -8.120  1.00 21.64 ? 11  GLN A NE2 1 
ATOM   37  N N   . GLN A 1 12 ? -12.183 -2.413  -2.820  1.00 14.82 ? 12  GLN A N   1 
ATOM   38  C CA  . GLN A 1 12 ? -11.791 -1.248  -2.033  1.00 15.78 ? 12  GLN A CA  1 
ATOM   39  C C   . GLN A 1 12 ? -10.290 -1.313  -1.762  1.00 14.28 ? 12  GLN A C   1 
ATOM   40  O O   . GLN A 1 12 ? -9.571  -0.328  -1.923  1.00 15.06 ? 12  GLN A O   1 
ATOM   41  C CB  . GLN A 1 12 ? -12.536 -1.236  -0.696  1.00 19.58 ? 12  GLN A CB  1 
ATOM   42  C CG  . GLN A 1 12 ? -14.046 -1.084  -0.807  1.00 24.66 ? 12  GLN A CG  1 
ATOM   43  C CD  . GLN A 1 12 ? -14.489 0.364   -0.850  1.00 27.39 ? 12  GLN A CD  1 
ATOM   44  O OE1 . GLN A 1 12 ? -15.686 0.655   -0.901  1.00 29.97 ? 12  GLN A OE1 1 
ATOM   45  N NE2 . GLN A 1 12 ? -13.529 1.282   -0.825  1.00 30.56 ? 12  GLN A NE2 1 
ATOM   46  N N   . ALA A 1 13 ? -9.825  -2.484  -1.341  1.00 12.92 ? 13  ALA A N   1 
ATOM   47  C CA  . ALA A 1 13 ? -8.411  -2.681  -1.048  1.00 12.29 ? 13  ALA A CA  1 
ATOM   48  C C   . ALA A 1 13 ? -7.565  -2.500  -2.305  1.00 11.94 ? 13  ALA A C   1 
ATOM   49  O O   . ALA A 1 13 ? -6.581  -1.760  -2.299  1.00 11.02 ? 13  ALA A O   1 
ATOM   50  C CB  . ALA A 1 13 ? -8.192  -4.067  -0.462  1.00 12.71 ? 13  ALA A CB  1 
ATOM   51  N N   . LEU A 1 14 ? -7.948  -3.173  -3.385  1.00 11.20 ? 14  LEU A N   1 
ATOM   52  C CA  . LEU A 1 14 ? -7.206  -3.062  -4.634  1.00 11.14 ? 14  LEU A CA  1 
ATOM   53  C C   . LEU A 1 14 ? -7.092  -1.615  -5.090  1.00 11.77 ? 14  LEU A C   1 
ATOM   54  O O   . LEU A 1 14 ? -6.022  -1.175  -5.505  1.00 13.03 ? 14  LEU A O   1 
ATOM   55  C CB  . LEU A 1 14 ? -7.876  -3.895  -5.726  1.00 11.01 ? 14  LEU A CB  1 
ATOM   56  C CG  . LEU A 1 14 ? -7.792  -5.411  -5.533  1.00 11.15 ? 14  LEU A CG  1 
ATOM   57  C CD1 . LEU A 1 14 ? -8.685  -6.102  -6.543  1.00 11.01 ? 14  LEU A CD1 1 
ATOM   58  C CD2 . LEU A 1 14 ? -6.346  -5.875  -5.677  1.00 12.57 ? 14  LEU A CD2 1 
ATOM   59  N N   . ASP A 1 15 ? -8.193  -0.872  -5.007  1.00 12.42 ? 15  ASP A N   1 
ATOM   60  C CA  . ASP A 1 15 ? -8.189  0.524   -5.427  1.00 13.40 ? 15  ASP A CA  1 
ATOM   61  C C   . ASP A 1 15 ? -7.247  1.379   -4.585  1.00 12.83 ? 15  ASP A C   1 
ATOM   62  O O   . ASP A 1 15 ? -6.601  2.292   -5.106  1.00 12.49 ? 15  ASP A O   1 
ATOM   63  C CB  . ASP A 1 15 ? -9.602  1.114   -5.370  1.00 15.31 ? 15  ASP A CB  1 
ATOM   64  C CG  . ASP A 1 15 ? -10.543 0.469   -6.362  1.00 18.75 ? 15  ASP A CG  1 
ATOM   65  O OD1 . ASP A 1 15 ? -10.060 -0.048  -7.392  1.00 19.23 ? 15  ASP A OD1 1 
ATOM   66  O OD2 . ASP A 1 15 ? -11.766 0.492   -6.117  1.00 22.55 ? 15  ASP A OD2 1 
ATOM   67  N N   . LEU A 1 16 ? -7.178  1.105   -3.285  1.00 11.35 ? 16  LEU A N   1 
ATOM   68  C CA  . LEU A 1 16 ? -6.277  1.863   -2.421  1.00 11.48 ? 16  LEU A CA  1 
ATOM   69  C C   . LEU A 1 16 ? -4.832  1.535   -2.788  1.00 10.75 ? 16  LEU A C   1 
ATOM   70  O O   . LEU A 1 16 ? -3.988  2.425   -2.847  1.00 10.64 ? 16  LEU A O   1 
ATOM   71  C CB  . LEU A 1 16 ? -6.520  1.535   -0.947  1.00 11.38 ? 16  LEU A CB  1 
ATOM   72  C CG  . LEU A 1 16 ? -7.776  2.134   -0.303  1.00 11.60 ? 16  LEU A CG  1 
ATOM   73  C CD1 . LEU A 1 16 ? -7.980  1.530   1.073   1.00 11.82 ? 16  LEU A CD1 1 
ATOM   74  C CD2 . LEU A 1 16 ? -7.641  3.650   -0.216  1.00 13.82 ? 16  LEU A CD2 1 
ATOM   75  N N   . PHE A 1 17 ? -4.551  0.261   -3.052  1.00 10.00 ? 17  PHE A N   1 
ATOM   76  C CA  . PHE A 1 17 ? -3.194  -0.147  -3.411  1.00 9.53  ? 17  PHE A CA  1 
ATOM   77  C C   . PHE A 1 17 ? -2.733  0.480   -4.727  1.00 10.76 ? 17  PHE A C   1 
ATOM   78  O O   . PHE A 1 17 ? -1.608  0.966   -4.826  1.00 9.65  ? 17  PHE A O   1 
ATOM   79  C CB  . PHE A 1 17 ? -3.081  -1.675  -3.539  1.00 9.72  ? 17  PHE A CB  1 
ATOM   80  C CG  . PHE A 1 17 ? -3.398  -2.435  -2.273  1.00 8.02  ? 17  PHE A CG  1 
ATOM   81  C CD1 . PHE A 1 17 ? -3.270  -1.847  -1.018  1.00 9.98  ? 17  PHE A CD1 1 
ATOM   82  C CD2 . PHE A 1 17 ? -3.806  -3.765  -2.347  1.00 9.81  ? 17  PHE A CD2 1 
ATOM   83  C CE1 . PHE A 1 17 ? -3.548  -2.576  0.146   1.00 9.01  ? 17  PHE A CE1 1 
ATOM   84  C CE2 . PHE A 1 17 ? -4.084  -4.499  -1.198  1.00 9.10  ? 17  PHE A CE2 1 
ATOM   85  C CZ  . PHE A 1 17 ? -3.955  -3.902  0.053   1.00 10.12 ? 17  PHE A CZ  1 
ATOM   86  N N   . THR A 1 18 ? -3.593  0.453   -5.743  1.00 11.11 ? 18  THR A N   1 
ATOM   87  C CA  . THR A 1 18 ? -3.228  1.024   -7.039  1.00 12.16 ? 18  THR A CA  1 
ATOM   88  C C   . THR A 1 18 ? -3.143  2.545   -6.966  1.00 10.31 ? 18  THR A C   1 
ATOM   89  O O   . THR A 1 18 ? -2.320  3.162   -7.640  1.00 11.32 ? 18  THR A O   1 
ATOM   90  C CB  . THR A 1 18 ? -4.227  0.617   -8.157  1.00 13.43 ? 18  THR A CB  1 
ATOM   91  O OG1 . THR A 1 18 ? -5.546  1.043   -7.808  1.00 15.28 ? 18  THR A OG1 1 
ATOM   92  C CG2 . THR A 1 18 ? -4.208  -0.894  -8.360  1.00 15.94 ? 18  THR A CG2 1 
ATOM   93  N N   . ARG A 1 19 ? -3.995  3.155   -6.151  1.00 11.18 ? 19  ARG A N   1 
ATOM   94  C CA  . ARG A 1 19 ? -3.949  4.600   -6.000  1.00 11.21 ? 19  ARG A CA  1 
ATOM   95  C C   . ARG A 1 19 ? -2.600  4.987   -5.401  1.00 10.30 ? 19  ARG A C   1 
ATOM   96  O O   . ARG A 1 19 ? -1.951  5.918   -5.871  1.00 10.38 ? 19  ARG A O   1 
ATOM   97  C CB  . ARG A 1 19 ? -5.075  5.090   -5.086  1.00 13.65 ? 19  ARG A CB  1 
ATOM   98  C CG  . ARG A 1 19 ? -4.995  6.579   -4.766  1.00 19.08 ? 19  ARG A CG  1 
ATOM   99  C CD  . ARG A 1 19 ? -5.190  7.434   -6.014  1.00 24.18 ? 19  ARG A CD  1 
ATOM   100 N NE  . ARG A 1 19 ? -5.012  8.861   -5.748  1.00 29.39 ? 19  ARG A NE  1 
ATOM   101 C CZ  . ARG A 1 19 ? -5.704  9.549   -4.845  1.00 29.37 ? 19  ARG A CZ  1 
ATOM   102 N NH1 . ARG A 1 19 ? -6.629  8.945   -4.113  1.00 30.95 ? 19  ARG A NH1 1 
ATOM   103 N NH2 . ARG A 1 19 ? -5.465  10.842  -4.667  1.00 30.05 ? 19  ARG A NH2 1 
ATOM   104 N N   . LEU A 1 20 ? -2.174  4.270   -4.363  1.00 8.77  ? 20  LEU A N   1 
ATOM   105 C CA  . LEU A 1 20 ? -0.892  4.582   -3.734  1.00 8.36  ? 20  LEU A CA  1 
ATOM   106 C C   . LEU A 1 20 ? 0.267   4.345   -4.705  1.00 10.13 ? 20  LEU A C   1 
ATOM   107 O O   . LEU A 1 20 ? 1.209   5.133   -4.756  1.00 10.26 ? 20  LEU A O   1 
ATOM   108 C CB  . LEU A 1 20 ? -0.699  3.762   -2.450  1.00 9.89  ? 20  LEU A CB  1 
ATOM   109 C CG  . LEU A 1 20 ? 0.539   4.135   -1.620  1.00 8.36  ? 20  LEU A CG  1 
ATOM   110 C CD1 . LEU A 1 20 ? 0.518   5.621   -1.305  1.00 9.79  ? 20  LEU A CD1 1 
ATOM   111 C CD2 . LEU A 1 20 ? 0.573   3.322   -0.338  1.00 9.20  ? 20  LEU A CD2 1 
ATOM   112 N N   . GLN A 1 21 ? 0.203   3.263   -5.472  1.00 10.66 ? 21  GLN A N   1 
ATOM   113 C CA  . GLN A 1 21 ? 1.256   2.979   -6.447  1.00 12.55 ? 21  GLN A CA  1 
ATOM   114 C C   . GLN A 1 21 ? 1.407   4.146   -7.422  1.00 12.67 ? 21  GLN A C   1 
ATOM   115 O O   . GLN A 1 21 ? 2.521   4.540   -7.776  1.00 14.53 ? 21  GLN A O   1 
ATOM   116 C CB  . GLN A 1 21 ? 0.940   1.706   -7.229  1.00 16.57 ? 21  GLN A CB  1 
ATOM   117 C CG  . GLN A 1 21 ? 1.377   0.430   -6.547  1.00 20.73 ? 21  GLN A CG  1 
ATOM   118 C CD  . GLN A 1 21 ? 1.139   -0.789  -7.412  1.00 23.29 ? 21  GLN A CD  1 
ATOM   119 O OE1 . GLN A 1 21 ? 1.598   -1.885  -7.097  1.00 26.14 ? 21  GLN A OE1 1 
ATOM   120 N NE2 . GLN A 1 21 ? 0.413   -0.605  -8.505  1.00 21.80 ? 21  GLN A NE2 1 
ATOM   121 N N   . PHE A 1 22 ? 0.278   4.695   -7.856  1.00 13.18 ? 22  PHE A N   1 
ATOM   122 C CA  . PHE A 1 22 ? 0.282   5.818   -8.779  1.00 12.44 ? 22  PHE A CA  1 
ATOM   123 C C   . PHE A 1 22 ? 0.951   7.032   -8.145  1.00 12.00 ? 22  PHE A C   1 
ATOM   124 O O   . PHE A 1 22 ? 1.831   7.654   -8.741  1.00 11.99 ? 22  PHE A O   1 
ATOM   125 C CB  . PHE A 1 22 ? -1.154  6.177   -9.178  1.00 14.31 ? 22  PHE A CB  1 
ATOM   126 C CG  . PHE A 1 22 ? -1.263  7.463   -9.944  1.00 16.65 ? 22  PHE A CG  1 
ATOM   127 C CD1 . PHE A 1 22 ? -0.777  7.556   -11.242 1.00 19.87 ? 22  PHE A CD1 1 
ATOM   128 C CD2 . PHE A 1 22 ? -1.826  8.588   -9.353  1.00 19.18 ? 22  PHE A CD2 1 
ATOM   129 C CE1 . PHE A 1 22 ? -0.846  8.754   -11.944 1.00 20.63 ? 22  PHE A CE1 1 
ATOM   130 C CE2 . PHE A 1 22 ? -1.902  9.792   -10.045 1.00 20.31 ? 22  PHE A CE2 1 
ATOM   131 C CZ  . PHE A 1 22 ? -1.411  9.874   -11.342 1.00 21.17 ? 22  PHE A CZ  1 
ATOM   132 N N   . LEU A 1 23 ? 0.529   7.364   -6.929  1.00 10.82 ? 23  LEU A N   1 
ATOM   133 C CA  . LEU A 1 23 ? 1.076   8.520   -6.233  1.00 9.40  ? 23  LEU A CA  1 
ATOM   134 C C   . LEU A 1 23 ? 2.579   8.433   -5.995  1.00 9.96  ? 23  LEU A C   1 
ATOM   135 O O   . LEU A 1 23 ? 3.295   9.422   -6.165  1.00 10.08 ? 23  LEU A O   1 
ATOM   136 C CB  . LEU A 1 23 ? 0.358   8.722   -4.893  1.00 8.52  ? 23  LEU A CB  1 
ATOM   137 C CG  . LEU A 1 23 ? -1.125  9.100   -4.949  1.00 9.43  ? 23  LEU A CG  1 
ATOM   138 C CD1 . LEU A 1 23 ? -1.682  9.161   -3.535  1.00 10.91 ? 23  LEU A CD1 1 
ATOM   139 C CD2 . LEU A 1 23 ? -1.293  10.443  -5.648  1.00 10.88 ? 23  LEU A CD2 1 
ATOM   140 N N   . LEU A 1 24 ? 3.055   7.252   -5.617  1.00 10.12 ? 24  LEU A N   1 
ATOM   141 C CA  . LEU A 1 24 ? 4.474   7.059   -5.338  1.00 11.35 ? 24  LEU A CA  1 
ATOM   142 C C   . LEU A 1 24 ? 5.389   7.217   -6.544  1.00 12.91 ? 24  LEU A C   1 
ATOM   143 O O   . LEU A 1 24 ? 6.609   7.294   -6.392  1.00 13.21 ? 24  LEU A O   1 
ATOM   144 C CB  . LEU A 1 24 ? 4.700   5.692   -4.690  1.00 12.87 ? 24  LEU A CB  1 
ATOM   145 C CG  . LEU A 1 24 ? 4.113   5.530   -3.287  1.00 13.19 ? 24  LEU A CG  1 
ATOM   146 C CD1 . LEU A 1 24 ? 4.310   4.105   -2.819  1.00 15.00 ? 24  LEU A CD1 1 
ATOM   147 C CD2 . LEU A 1 24 ? 4.767   6.518   -2.328  1.00 16.00 ? 24  LEU A CD2 1 
ATOM   148 N N   . GLN A 1 25 ? 4.806   7.263   -7.736  1.00 11.77 ? 25  GLN A N   1 
ATOM   149 C CA  . GLN A 1 25 ? 5.583   7.427   -8.960  1.00 11.66 ? 25  GLN A CA  1 
ATOM   150 C C   . GLN A 1 25 ? 5.672   8.897   -9.370  1.00 11.89 ? 25  GLN A C   1 
ATOM   151 O O   . GLN A 1 25 ? 6.183   9.222   -10.446 1.00 13.21 ? 25  GLN A O   1 
ATOM   152 C CB  . GLN A 1 25 ? 4.954   6.614   -10.097 1.00 14.12 ? 25  GLN A CB  1 
ATOM   153 C CG  . GLN A 1 25 ? 5.034   5.112   -9.887  1.00 16.02 ? 25  GLN A CG  1 
ATOM   154 C CD  . GLN A 1 25 ? 4.325   4.323   -10.972 1.00 18.96 ? 25  GLN A CD  1 
ATOM   155 O OE1 . GLN A 1 25 ? 4.700   4.377   -12.146 1.00 21.91 ? 25  GLN A OE1 1 
ATOM   156 N NE2 . GLN A 1 25 ? 3.296   3.580   -10.582 1.00 20.17 ? 25  GLN A NE2 1 
ATOM   157 N N   . LYS A 1 26 ? 5.190   9.789   -8.510  1.00 11.98 ? 26  LYS A N   1 
ATOM   158 C CA  . LYS A 1 26 ? 5.205   11.221  -8.802  1.00 12.11 ? 26  LYS A CA  1 
ATOM   159 C C   . LYS A 1 26 ? 6.407   11.964  -8.230  1.00 13.27 ? 26  LYS A C   1 
ATOM   160 O O   . LYS A 1 26 ? 6.474   13.189  -8.310  1.00 15.02 ? 26  LYS A O   1 
ATOM   161 C CB  . LYS A 1 26 ? 3.922   11.877  -8.281  1.00 15.21 ? 26  LYS A CB  1 
ATOM   162 C CG  . LYS A 1 26 ? 2.648   11.384  -8.950  1.00 17.33 ? 26  LYS A CG  1 
ATOM   163 C CD  . LYS A 1 26 ? 1.404   12.031  -8.344  1.00 21.34 ? 26  LYS A CD  1 
ATOM   164 C CE  . LYS A 1 26 ? 1.460   13.550  -8.426  1.00 23.33 ? 26  LYS A CE  1 
ATOM   165 N NZ  . LYS A 1 26 ? 0.259   14.189  -7.819  1.00 25.70 ? 26  LYS A NZ  1 
ATOM   166 N N   . HIS A 1 27 ? 7.356   11.233  -7.657  1.00 12.96 ? 27  HIS A N   1 
ATOM   167 C CA  . HIS A 1 27 ? 8.542   11.859  -7.073  1.00 12.77 ? 27  HIS A CA  1 
ATOM   168 C C   . HIS A 1 27 ? 9.621   12.087  -8.125  1.00 11.59 ? 27  HIS A C   1 
ATOM   169 O O   . HIS A 1 27 ? 9.505   11.605  -9.251  1.00 11.92 ? 27  HIS A O   1 
ATOM   170 C CB  . HIS A 1 27 ? 9.074   10.983  -5.939  1.00 14.92 ? 27  HIS A CB  1 
ATOM   171 C CG  . HIS A 1 27 ? 8.112   10.834  -4.801  1.00 17.51 ? 27  HIS A CG  1 
ATOM   172 N ND1 . HIS A 1 27 ? 7.989   11.777  -3.805  1.00 21.59 ? 27  HIS A ND1 1 
ATOM   173 C CD2 . HIS A 1 27 ? 7.197   9.874   -4.528  1.00 19.76 ? 27  HIS A CD2 1 
ATOM   174 C CE1 . HIS A 1 27 ? 7.038   11.405  -2.966  1.00 20.84 ? 27  HIS A CE1 1 
ATOM   175 N NE2 . HIS A 1 27 ? 6.541   10.254  -3.382  1.00 21.73 ? 27  HIS A NE2 1 
ATOM   176 N N   . ASP A 1 28 ? 10.670  12.821  -7.766  1.00 10.67 ? 28  ASP A N   1 
ATOM   177 C CA  . ASP A 1 28 ? 11.741  13.094  -8.724  1.00 11.04 ? 28  ASP A CA  1 
ATOM   178 C C   . ASP A 1 28 ? 12.557  11.872  -9.124  1.00 10.48 ? 28  ASP A C   1 
ATOM   179 O O   . ASP A 1 28 ? 13.197  11.865  -10.172 1.00 11.24 ? 28  ASP A O   1 
ATOM   180 C CB  . ASP A 1 28 ? 12.666  14.194  -8.205  1.00 11.38 ? 28  ASP A CB  1 
ATOM   181 C CG  . ASP A 1 28 ? 12.033  15.567  -8.285  1.00 14.11 ? 28  ASP A CG  1 
ATOM   182 O OD1 . ASP A 1 28 ? 11.048  15.729  -9.037  1.00 14.87 ? 28  ASP A OD1 1 
ATOM   183 O OD2 . ASP A 1 28 ? 12.532  16.488  -7.606  1.00 16.08 ? 28  ASP A OD2 1 
ATOM   184 N N   . THR A 1 29 ? 12.561  10.850  -8.277  1.00 10.44 ? 29  THR A N   1 
ATOM   185 C CA  . THR A 1 29 ? 13.254  9.608   -8.588  1.00 10.65 ? 29  THR A CA  1 
ATOM   186 C C   . THR A 1 29 ? 12.315  8.500   -8.150  1.00 9.37  ? 29  THR A C   1 
ATOM   187 O O   . THR A 1 29 ? 11.333  8.761   -7.450  1.00 11.27 ? 29  THR A O   1 
ATOM   188 C CB  . THR A 1 29 ? 14.602  9.458   -7.845  1.00 12.17 ? 29  THR A CB  1 
ATOM   189 O OG1 . THR A 1 29 ? 14.377  9.475   -6.431  1.00 11.92 ? 29  THR A OG1 1 
ATOM   190 C CG2 . THR A 1 29 ? 15.553  10.579  -8.232  1.00 12.73 ? 29  THR A CG2 1 
ATOM   191 N N   . ILE A 1 30 ? 12.590  7.272   -8.569  1.00 9.60  ? 30  ILE A N   1 
ATOM   192 C CA  . ILE A 1 30 ? 11.720  6.176   -8.184  1.00 9.58  ? 30  ILE A CA  1 
ATOM   193 C C   . ILE A 1 30 ? 12.458  5.082   -7.408  1.00 9.83  ? 30  ILE A C   1 
ATOM   194 O O   . ILE A 1 30 ? 11.844  4.324   -6.665  1.00 9.43  ? 30  ILE A O   1 
ATOM   195 C CB  . ILE A 1 30 ? 10.993  5.598   -9.435  1.00 11.67 ? 30  ILE A CB  1 
ATOM   196 C CG1 . ILE A 1 30 ? 9.956   4.554   -9.008  1.00 11.62 ? 30  ILE A CG1 1 
ATOM   197 C CG2 . ILE A 1 30 ? 12.000  5.034   -10.407 1.00 12.77 ? 30  ILE A CG2 1 
ATOM   198 C CD1 . ILE A 1 30 ? 9.057   4.083   -10.141 1.00 15.76 ? 30  ILE A CD1 1 
ATOM   199 N N   . GLU A 1 31 ? 13.780  5.025   -7.543  1.00 8.65  ? 31  GLU A N   1 
ATOM   200 C CA  . GLU A 1 31 ? 14.556  4.008   -6.831  1.00 8.94  ? 31  GLU A CA  1 
ATOM   201 C C   . GLU A 1 31 ? 14.248  3.898   -5.333  1.00 8.53  ? 31  GLU A C   1 
ATOM   202 O O   . GLU A 1 31 ? 14.049  2.799   -4.822  1.00 9.68  ? 31  GLU A O   1 
ATOM   203 C CB  . GLU A 1 31 ? 16.060  4.241   -7.012  1.00 10.39 ? 31  GLU A CB  1 
ATOM   204 C CG  . GLU A 1 31 ? 16.905  3.209   -6.273  1.00 9.77  ? 31  GLU A CG  1 
ATOM   205 C CD  . GLU A 1 31 ? 18.396  3.482   -6.347  1.00 11.80 ? 31  GLU A CD  1 
ATOM   206 O OE1 . GLU A 1 31 ? 18.785  4.666   -6.332  1.00 14.22 ? 31  GLU A OE1 1 
ATOM   207 O OE2 . GLU A 1 31 ? 19.175  2.508   -6.399  1.00 13.63 ? 31  GLU A OE2 1 
ATOM   208 N N   . PRO A 1 32 ? 14.194  5.030   -4.610  1.00 9.00  ? 32  PRO A N   1 
ATOM   209 C CA  . PRO A 1 32 ? 13.903  4.918   -3.174  1.00 9.67  ? 32  PRO A CA  1 
ATOM   210 C C   . PRO A 1 32 ? 12.520  4.360   -2.848  1.00 9.63  ? 32  PRO A C   1 
ATOM   211 O O   . PRO A 1 32 ? 12.272  3.935   -1.722  1.00 9.70  ? 32  PRO A O   1 
ATOM   212 C CB  . PRO A 1 32 ? 14.083  6.347   -2.671  1.00 12.02 ? 32  PRO A CB  1 
ATOM   213 C CG  . PRO A 1 32 ? 13.693  7.170   -3.854  1.00 15.95 ? 32  PRO A CG  1 
ATOM   214 C CD  . PRO A 1 32 ? 14.327  6.441   -5.014  1.00 10.09 ? 32  PRO A CD  1 
ATOM   215 N N   . TYR A 1 33 ? 11.635  4.351   -3.838  1.00 8.00  ? 33  TYR A N   1 
ATOM   216 C CA  . TYR A 1 33 ? 10.270  3.861   -3.656  1.00 7.31  ? 33  TYR A CA  1 
ATOM   217 C C   . TYR A 1 33 ? 10.011  2.482   -4.237  1.00 7.65  ? 33  TYR A C   1 
ATOM   218 O O   . TYR A 1 33 ? 8.937   1.922   -4.039  1.00 8.07  ? 33  TYR A O   1 
ATOM   219 C CB  . TYR A 1 33 ? 9.289   4.848   -4.296  1.00 8.62  ? 33  TYR A CB  1 
ATOM   220 C CG  . TYR A 1 33 ? 9.390   6.233   -3.714  1.00 10.33 ? 33  TYR A CG  1 
ATOM   221 C CD1 . TYR A 1 33 ? 8.809   6.532   -2.486  1.00 13.65 ? 33  TYR A CD1 1 
ATOM   222 C CD2 . TYR A 1 33 ? 10.120  7.228   -4.364  1.00 12.85 ? 33  TYR A CD2 1 
ATOM   223 C CE1 . TYR A 1 33 ? 8.950   7.792   -1.913  1.00 16.72 ? 33  TYR A CE1 1 
ATOM   224 C CE2 . TYR A 1 33 ? 10.273  8.494   -3.797  1.00 16.68 ? 33  TYR A CE2 1 
ATOM   225 C CZ  . TYR A 1 33 ? 9.683   8.766   -2.572  1.00 18.00 ? 33  TYR A CZ  1 
ATOM   226 O OH  . TYR A 1 33 ? 9.816   10.012  -2.001  1.00 22.27 ? 33  TYR A OH  1 
ATOM   227 N N   . GLN A 1 34 ? 10.984  1.917   -4.943  1.00 8.26  ? 34  GLN A N   1 
ATOM   228 C CA  . GLN A 1 34 ? 10.763  0.616   -5.569  1.00 7.95  ? 34  GLN A CA  1 
ATOM   229 C C   . GLN A 1 34 ? 10.386  -0.510  -4.617  1.00 7.44  ? 34  GLN A C   1 
ATOM   230 O O   . GLN A 1 34 ? 9.538   -1.329  -4.950  1.00 8.11  ? 34  GLN A O   1 
ATOM   231 C CB  . GLN A 1 34 ? 11.978  0.198   -6.399  1.00 9.53  ? 34  GLN A CB  1 
ATOM   232 C CG  . GLN A 1 34 ? 11.711  -1.016  -7.291  1.00 10.95 ? 34  GLN A CG  1 
ATOM   233 C CD  . GLN A 1 34 ? 10.531  -0.804  -8.231  1.00 12.73 ? 34  GLN A CD  1 
ATOM   234 O OE1 . GLN A 1 34 ? 10.498  0.160   -8.998  1.00 13.96 ? 34  GLN A OE1 1 
ATOM   235 N NE2 . GLN A 1 34 ? 9.555   -1.704  -8.175  1.00 12.43 ? 34  GLN A NE2 1 
ATOM   236 N N   . TYR A 1 35 ? 11.001  -0.565  -3.441  1.00 7.49  ? 35  TYR A N   1 
ATOM   237 C CA  . TYR A 1 35 ? 10.666  -1.625  -2.496  1.00 7.65  ? 35  TYR A CA  1 
ATOM   238 C C   . TYR A 1 35 ? 9.191   -1.492  -2.110  1.00 6.52  ? 35  TYR A C   1 
ATOM   239 O O   . TYR A 1 35 ? 8.451   -2.479  -2.096  1.00 7.75  ? 35  TYR A O   1 
ATOM   240 C CB  . TYR A 1 35 ? 11.560  -1.524  -1.257  1.00 7.23  ? 35  TYR A CB  1 
ATOM   241 C CG  . TYR A 1 35 ? 11.505  -2.721  -0.323  1.00 7.37  ? 35  TYR A CG  1 
ATOM   242 C CD1 . TYR A 1 35 ? 10.322  -3.082  0.314   1.00 8.14  ? 35  TYR A CD1 1 
ATOM   243 C CD2 . TYR A 1 35 ? 12.657  -3.450  -0.026  1.00 8.15  ? 35  TYR A CD2 1 
ATOM   244 C CE1 . TYR A 1 35 ? 10.283  -4.133  1.229   1.00 8.88  ? 35  TYR A CE1 1 
ATOM   245 C CE2 . TYR A 1 35 ? 12.633  -4.499  0.889   1.00 9.02  ? 35  TYR A CE2 1 
ATOM   246 C CZ  . TYR A 1 35 ? 11.443  -4.833  1.517   1.00 9.11  ? 35  TYR A CZ  1 
ATOM   247 O OH  . TYR A 1 35 ? 11.418  -5.838  2.461   1.00 11.33 ? 35  TYR A OH  1 
ATOM   248 N N   . VAL A 1 36 ? 8.756   -0.271  -1.806  1.00 6.93  ? 36  VAL A N   1 
ATOM   249 C CA  . VAL A 1 36 ? 7.365   -0.036  -1.441  1.00 8.16  ? 36  VAL A CA  1 
ATOM   250 C C   . VAL A 1 36 ? 6.446   -0.397  -2.609  1.00 8.05  ? 36  VAL A C   1 
ATOM   251 O O   . VAL A 1 36 ? 5.353   -0.921  -2.398  1.00 7.76  ? 36  VAL A O   1 
ATOM   252 C CB  . VAL A 1 36 ? 7.134   1.439   -1.004  1.00 9.03  ? 36  VAL A CB  1 
ATOM   253 C CG1 . VAL A 1 36 ? 5.640   1.730   -0.880  1.00 12.26 ? 36  VAL A CG1 1 
ATOM   254 C CG2 . VAL A 1 36 ? 7.816   1.690   0.339   1.00 12.59 ? 36  VAL A CG2 1 
ATOM   255 N N   . LEU A 1 37 ? 6.884   -0.125  -3.837  1.00 7.56  ? 37  LEU A N   1 
ATOM   256 C CA  . LEU A 1 37 ? 6.074   -0.469  -5.001  1.00 6.55  ? 37  LEU A CA  1 
ATOM   257 C C   . LEU A 1 37 ? 5.965   -1.997  -5.109  1.00 7.83  ? 37  LEU A C   1 
ATOM   258 O O   . LEU A 1 37 ? 4.913   -2.515  -5.491  1.00 8.99  ? 37  LEU A O   1 
ATOM   259 C CB  . LEU A 1 37 ? 6.682   0.126   -6.277  1.00 8.91  ? 37  LEU A CB  1 
ATOM   260 C CG  . LEU A 1 37 ? 6.583   1.654   -6.397  1.00 10.18 ? 37  LEU A CG  1 
ATOM   261 C CD1 . LEU A 1 37 ? 7.425   2.147   -7.555  1.00 12.26 ? 37  LEU A CD1 1 
ATOM   262 C CD2 . LEU A 1 37 ? 5.127   2.058   -6.583  1.00 12.04 ? 37  LEU A CD2 1 
ATOM   263 N N   . ASP A 1 38 ? 7.043   -2.714  -4.774  1.00 6.50  ? 38  ASP A N   1 
ATOM   264 C CA  . ASP A 1 38 ? 7.030   -4.183  -4.790  1.00 8.15  ? 38  ASP A CA  1 
ATOM   265 C C   . ASP A 1 38 ? 6.009   -4.677  -3.766  1.00 8.14  ? 38  ASP A C   1 
ATOM   266 O O   . ASP A 1 38 ? 5.255   -5.606  -4.028  1.00 9.21  ? 38  ASP A O   1 
ATOM   267 C CB  . ASP A 1 38 ? 8.386   -4.775  -4.394  1.00 7.63  ? 38  ASP A CB  1 
ATOM   268 C CG  . ASP A 1 38 ? 9.437   -4.656  -5.476  1.00 9.77  ? 38  ASP A CG  1 
ATOM   269 O OD1 . ASP A 1 38 ? 9.126   -4.229  -6.605  1.00 10.50 ? 38  ASP A OD1 1 
ATOM   270 O OD2 . ASP A 1 38 ? 10.597  -5.012  -5.173  1.00 10.17 ? 38  ASP A OD2 1 
ATOM   271 N N   . ILE A 1 39 ? 6.009   -4.061  -2.587  1.00 6.53  ? 39  ILE A N   1 
ATOM   272 C CA  . ILE A 1 39 ? 5.073   -4.437  -1.530  1.00 7.30  ? 39  ILE A CA  1 
ATOM   273 C C   . ILE A 1 39 ? 3.633   -4.305  -2.021  1.00 6.88  ? 39  ILE A C   1 
ATOM   274 O O   . ILE A 1 39 ? 2.788   -5.169  -1.763  1.00 8.80  ? 39  ILE A O   1 
ATOM   275 C CB  . ILE A 1 39 ? 5.262   -3.551  -0.273  1.00 7.26  ? 39  ILE A CB  1 
ATOM   276 C CG1 . ILE A 1 39 ? 6.603   -3.869  0.389   1.00 8.37  ? 39  ILE A CG1 1 
ATOM   277 C CG2 . ILE A 1 39 ? 4.122   -3.784  0.719   1.00 8.65  ? 39  ILE A CG2 1 
ATOM   278 C CD1 . ILE A 1 39 ? 7.007   -2.868  1.457   1.00 10.11 ? 39  ILE A CD1 1 
ATOM   279 N N   . LEU A 1 40 ? 3.355   -3.221  -2.735  1.00 7.53  ? 40  LEU A N   1 
ATOM   280 C CA  . LEU A 1 40 ? 2.018   -2.989  -3.253  1.00 8.60  ? 40  LEU A CA  1 
ATOM   281 C C   . LEU A 1 40 ? 1.660   -3.986  -4.349  1.00 7.75  ? 40  LEU A C   1 
ATOM   282 O O   . LEU A 1 40 ? 0.528   -4.478  -4.403  1.00 7.74  ? 40  LEU A O   1 
ATOM   283 C CB  . LEU A 1 40 ? 1.908   -1.550  -3.757  1.00 7.76  ? 40  LEU A CB  1 
ATOM   284 C CG  . LEU A 1 40 ? 1.824   -0.524  -2.623  1.00 8.22  ? 40  LEU A CG  1 
ATOM   285 C CD1 . LEU A 1 40 ? 2.146   0.868   -3.145  1.00 8.79  ? 40  LEU A CD1 1 
ATOM   286 C CD2 . LEU A 1 40 ? 0.425   -0.564  -2.017  1.00 9.01  ? 40  LEU A CD2 1 
ATOM   287 N N   . GLU A 1 41 ? 2.618   -4.302  -5.214  1.00 9.55  ? 41  GLU A N   1 
ATOM   288 C CA  . GLU A 1 41 ? 2.356   -5.254  -6.292  1.00 11.02 ? 41  GLU A CA  1 
ATOM   289 C C   . GLU A 1 41 ? 2.043   -6.628  -5.699  1.00 10.12 ? 41  GLU A C   1 
ATOM   290 O O   . GLU A 1 41 ? 1.164   -7.348  -6.180  1.00 10.70 ? 41  GLU A O   1 
ATOM   291 C CB  . GLU A 1 41 ? 3.567   -5.348  -7.219  1.00 12.35 ? 41  GLU A CB  1 
ATOM   292 C CG  . GLU A 1 41 ? 3.268   -5.991  -8.561  1.00 18.80 ? 41  GLU A CG  1 
ATOM   293 C CD  . GLU A 1 41 ? 2.223   -5.218  -9.351  1.00 22.37 ? 41  GLU A CD  1 
ATOM   294 O OE1 . GLU A 1 41 ? 2.350   -3.979  -9.450  1.00 24.40 ? 41  GLU A OE1 1 
ATOM   295 O OE2 . GLU A 1 41 ? 1.278   -5.849  -9.874  1.00 27.05 ? 41  GLU A OE2 1 
ATOM   296 N N   . THR A 1 42 ? 2.764   -6.990  -4.645  1.00 9.86  ? 42  THR A N   1 
ATOM   297 C CA  . THR A 1 42 ? 2.550   -8.268  -3.985  1.00 8.68  ? 42  THR A CA  1 
ATOM   298 C C   . THR A 1 42 ? 1.199   -8.269  -3.269  1.00 8.97  ? 42  THR A C   1 
ATOM   299 O O   . THR A 1 42 ? 0.475   -9.266  -3.307  1.00 9.64  ? 42  THR A O   1 
ATOM   300 C CB  . THR A 1 42 ? 3.694   -8.567  -2.994  1.00 9.29  ? 42  THR A CB  1 
ATOM   301 O OG1 . THR A 1 42 ? 4.900   -8.797  -3.735  1.00 12.28 ? 42  THR A OG1 1 
ATOM   302 C CG2 . THR A 1 42 ? 3.378   -9.787  -2.138  1.00 11.10 ? 42  THR A CG2 1 
ATOM   303 N N   . GLY A 1 43 ? 0.852   -7.158  -2.621  1.00 8.53  ? 43  GLY A N   1 
ATOM   304 C CA  . GLY A 1 43 ? -0.433  -7.075  -1.948  1.00 8.90  ? 43  GLY A CA  1 
ATOM   305 C C   . GLY A 1 43 ? -1.551  -7.216  -2.965  1.00 8.01  ? 43  GLY A C   1 
ATOM   306 O O   . GLY A 1 43 ? -2.559  -7.876  -2.717  1.00 8.35  ? 43  GLY A O   1 
ATOM   307 N N   . ILE A 1 44 ? -1.374  -6.591  -4.121  1.00 8.56  ? 44  ILE A N   1 
ATOM   308 C CA  . ILE A 1 44 ? -2.368  -6.672  -5.182  1.00 9.19  ? 44  ILE A CA  1 
ATOM   309 C C   . ILE A 1 44 ? -2.498  -8.114  -5.689  1.00 9.51  ? 44  ILE A C   1 
ATOM   310 O O   . ILE A 1 44 ? -3.611  -8.615  -5.863  1.00 8.56  ? 44  ILE A O   1 
ATOM   311 C CB  . ILE A 1 44 ? -1.997  -5.730  -6.349  1.00 7.97  ? 44  ILE A CB  1 
ATOM   312 C CG1 . ILE A 1 44 ? -2.160  -4.275  -5.899  1.00 10.43 ? 44  ILE A CG1 1 
ATOM   313 C CG2 . ILE A 1 44 ? -2.865  -6.023  -7.562  1.00 10.36 ? 44  ILE A CG2 1 
ATOM   314 C CD1 . ILE A 1 44 ? -1.591  -3.254  -6.858  1.00 10.99 ? 44  ILE A CD1 1 
ATOM   315 N N   . SER A 1 45 ? -1.370  -8.783  -5.912  1.00 10.13 ? 45  SER A N   1 
ATOM   316 C CA  . SER A 1 45 ? -1.391  -10.163 -6.395  1.00 9.97  ? 45  SER A CA  1 
ATOM   317 C C   . SER A 1 45 ? -2.062  -11.099 -5.394  1.00 9.33  ? 45  SER A C   1 
ATOM   318 O O   . SER A 1 45 ? -2.903  -11.921 -5.762  1.00 9.99  ? 45  SER A O   1 
ATOM   319 C CB  . SER A 1 45 ? 0.035   -10.646 -6.675  1.00 10.90 ? 45  SER A CB  1 
ATOM   320 O OG  . SER A 1 45 ? 0.031   -11.974 -7.179  1.00 14.46 ? 45  SER A OG  1 
ATOM   321 N N   . LYS A 1 46 ? -1.690  -10.973 -4.124  1.00 8.17  ? 46  LYS A N   1 
ATOM   322 C CA  . LYS A 1 46 ? -2.256  -11.808 -3.076  1.00 8.48  ? 46  LYS A CA  1 
ATOM   323 C C   . LYS A 1 46 ? -3.762  -11.599 -2.960  1.00 8.66  ? 46  LYS A C   1 
ATOM   324 O O   . LYS A 1 46 ? -4.517  -12.556 -2.777  1.00 10.42 ? 46  LYS A O   1 
ATOM   325 C CB  . LYS A 1 46 ? -1.587  -11.494 -1.735  1.00 9.84  ? 46  LYS A CB  1 
ATOM   326 C CG  . LYS A 1 46 ? -0.176  -12.045 -1.584  1.00 10.96 ? 46  LYS A CG  1 
ATOM   327 C CD  . LYS A 1 46 ? 0.510   -11.419 -0.373  1.00 11.12 ? 46  LYS A CD  1 
ATOM   328 C CE  . LYS A 1 46 ? 1.840   -12.090 -0.066  1.00 9.99  ? 46  LYS A CE  1 
ATOM   329 N NZ  . LYS A 1 46 ? 1.652   -13.452 0.501   1.00 12.24 ? 46  LYS A NZ  1 
ATOM   330 N N   . THR A 1 47 ? -4.192  -10.344 -3.067  1.00 7.15  ? 47  THR A N   1 
ATOM   331 C CA  . THR A 1 47 ? -5.603  -10.003 -2.977  1.00 8.14  ? 47  THR A CA  1 
ATOM   332 C C   . THR A 1 47 ? -6.341  -10.520 -4.217  1.00 8.79  ? 47  THR A C   1 
ATOM   333 O O   . THR A 1 47 ? -7.416  -11.106 -4.100  1.00 9.09  ? 47  THR A O   1 
ATOM   334 C CB  . THR A 1 47 ? -5.773  -8.471  -2.822  1.00 8.56  ? 47  THR A CB  1 
ATOM   335 O OG1 . THR A 1 47 ? -5.110  -8.043  -1.622  1.00 10.18 ? 47  THR A OG1 1 
ATOM   336 C CG2 . THR A 1 47 ? -7.252  -8.089  -2.739  1.00 9.73  ? 47  THR A CG2 1 
ATOM   337 N N   . LYS A 1 48 ? -5.762  -10.326 -5.397  1.00 8.82  ? 48  LYS A N   1 
ATOM   338 C CA  . LYS A 1 48 ? -6.389  -10.814 -6.625  1.00 10.55 ? 48  LYS A CA  1 
ATOM   339 C C   . LYS A 1 48 ? -6.572  -12.332 -6.572  1.00 10.69 ? 48  LYS A C   1 
ATOM   340 O O   . LYS A 1 48 ? -7.590  -12.856 -7.030  1.00 12.67 ? 48  LYS A O   1 
ATOM   341 C CB  . LYS A 1 48 ? -5.549  -10.426 -7.849  1.00 11.49 ? 48  LYS A CB  1 
ATOM   342 C CG  . LYS A 1 48 ? -5.695  -8.965  -8.244  1.00 17.17 ? 48  LYS A CG  1 
ATOM   343 C CD  . LYS A 1 48 ? -4.927  -8.627  -9.512  1.00 20.46 ? 48  LYS A CD  1 
ATOM   344 C CE  . LYS A 1 48 ? -5.200  -7.190  -9.941  1.00 23.53 ? 48  LYS A CE  1 
ATOM   345 N NZ  . LYS A 1 48 ? -4.433  -6.802  -11.157 1.00 24.84 ? 48  LYS A NZ  1 
ATOM   346 N N   . HIS A 1 49 ? -5.595  -13.033 -5.999  1.00 10.39 ? 49  HIS A N   1 
ATOM   347 C CA  . HIS A 1 49 ? -5.657  -14.490 -5.878  1.00 9.59  ? 49  HIS A CA  1 
ATOM   348 C C   . HIS A 1 49 ? -6.414  -14.960 -4.640  1.00 9.27  ? 49  HIS A C   1 
ATOM   349 O O   . HIS A 1 49 ? -6.321  -16.124 -4.247  1.00 10.96 ? 49  HIS A O   1 
ATOM   350 C CB  . HIS A 1 49 ? -4.251  -15.092 -5.874  1.00 10.65 ? 49  HIS A CB  1 
ATOM   351 C CG  . HIS A 1 49 ? -3.562  -15.025 -7.201  1.00 12.92 ? 49  HIS A CG  1 
ATOM   352 N ND1 . HIS A 1 49 ? -4.119  -15.535 -8.354  1.00 13.40 ? 49  HIS A ND1 1 
ATOM   353 C CD2 . HIS A 1 49 ? -2.356  -14.522 -7.555  1.00 14.00 ? 49  HIS A CD2 1 
ATOM   354 C CE1 . HIS A 1 49 ? -3.285  -15.348 -9.362  1.00 13.85 ? 49  HIS A CE1 1 
ATOM   355 N NE2 . HIS A 1 49 ? -2.209  -14.736 -8.904  1.00 15.82 ? 49  HIS A NE2 1 
ATOM   356 N N   . ASN A 1 50 ? -7.145  -14.042 -4.017  1.00 10.12 ? 50  ASN A N   1 
ATOM   357 C CA  . ASN A 1 50 ? -7.964  -14.353 -2.851  1.00 9.93  ? 50  ASN A CA  1 
ATOM   358 C C   . ASN A 1 50 ? -7.271  -15.071 -1.687  1.00 10.40 ? 50  ASN A C   1 
ATOM   359 O O   . ASN A 1 50 ? -7.816  -16.017 -1.111  1.00 11.64 ? 50  ASN A O   1 
ATOM   360 C CB  . ASN A 1 50 ? -9.181  -15.158 -3.313  1.00 10.77 ? 50  ASN A CB  1 
ATOM   361 C CG  . ASN A 1 50 ? -9.991  -14.420 -4.365  1.00 11.96 ? 50  ASN A CG  1 
ATOM   362 O OD1 . ASN A 1 50 ? -10.439 -15.006 -5.356  1.00 14.68 ? 50  ASN A OD1 1 
ATOM   363 N ND2 . ASN A 1 50 ? -10.182 -13.120 -4.154  1.00 10.54 ? 50  ASN A ND2 1 
ATOM   364 N N   . GLN A 1 51 ? -6.074  -14.611 -1.332  1.00 10.49 ? 51  GLN A N   1 
ATOM   365 C CA  . GLN A 1 51 ? -5.336  -15.205 -0.220  1.00 11.29 ? 51  GLN A CA  1 
ATOM   366 C C   . GLN A 1 51 ? -5.709  -14.486 1.074   1.00 11.68 ? 51  GLN A C   1 
ATOM   367 O O   . GLN A 1 51 ? -5.795  -13.255 1.100   1.00 12.00 ? 51  GLN A O   1 
ATOM   368 C CB  . GLN A 1 51 ? -3.834  -15.104 -0.480  1.00 10.47 ? 51  GLN A CB  1 
ATOM   369 C CG  . GLN A 1 51 ? -3.394  -15.876 -1.713  1.00 11.47 ? 51  GLN A CG  1 
ATOM   370 C CD  . GLN A 1 51 ? -3.697  -17.356 -1.602  1.00 9.96  ? 51  GLN A CD  1 
ATOM   371 O OE1 . GLN A 1 51 ? -3.170  -18.039 -0.725  1.00 11.07 ? 51  GLN A OE1 1 
ATOM   372 N NE2 . GLN A 1 51 ? -4.563  -17.859 -2.483  1.00 11.94 ? 51  GLN A NE2 1 
ATOM   373 N N   . GLN A 1 52 ? -5.927  -15.258 2.140   1.00 11.30 ? 52  GLN A N   1 
ATOM   374 C CA  . GLN A 1 52 ? -6.327  -14.707 3.430   1.00 12.66 ? 52  GLN A CA  1 
ATOM   375 C C   . GLN A 1 52 ? -7.556  -13.841 3.202   1.00 12.76 ? 52  GLN A C   1 
ATOM   376 O O   . GLN A 1 52 ? -8.548  -14.319 2.659   1.00 13.15 ? 52  GLN A O   1 
ATOM   377 C CB  . GLN A 1 52 ? -5.179  -13.902 4.039   1.00 15.24 ? 52  GLN A CB  1 
ATOM   378 C CG  . GLN A 1 52 ? -4.044  -14.787 4.537   1.00 20.34 ? 52  GLN A CG  1 
ATOM   379 C CD  . GLN A 1 52 ? -2.677  -14.223 4.215   1.00 24.88 ? 52  GLN A CD  1 
ATOM   380 O OE1 . GLN A 1 52 ? -2.288  -14.141 3.049   1.00 28.81 ? 52  GLN A OE1 1 
ATOM   381 N NE2 . GLN A 1 52 ? -1.938  -13.831 5.246   1.00 26.95 ? 52  GLN A NE2 1 
ATOM   382 N N   . THR A 1 53 ? -7.503  -12.579 3.613   1.00 11.89 ? 53  THR A N   1 
ATOM   383 C CA  . THR A 1 53 ? -8.624  -11.672 3.402   1.00 12.24 ? 53  THR A CA  1 
ATOM   384 C C   . THR A 1 53 ? -8.063  -10.341 2.920   1.00 12.30 ? 53  THR A C   1 
ATOM   385 O O   . THR A 1 53 ? -6.879  -10.057 3.119   1.00 10.97 ? 53  THR A O   1 
ATOM   386 C CB  . THR A 1 53 ? -9.422  -11.417 4.699   1.00 14.30 ? 53  THR A CB  1 
ATOM   387 O OG1 . THR A 1 53 ? -8.594  -10.727 5.642   1.00 14.78 ? 53  THR A OG1 1 
ATOM   388 C CG2 . THR A 1 53 ? -9.891  -12.725 5.308   1.00 15.28 ? 53  THR A CG2 1 
ATOM   389 N N   . PRO A 1 54 ? -8.894  -9.517  2.263   1.00 11.40 ? 54  PRO A N   1 
ATOM   390 C CA  . PRO A 1 54 ? -8.376  -8.227  1.799   1.00 13.01 ? 54  PRO A CA  1 
ATOM   391 C C   . PRO A 1 54 ? -7.903  -7.392  2.991   1.00 12.74 ? 54  PRO A C   1 
ATOM   392 O O   . PRO A 1 54 ? -6.904  -6.682  2.904   1.00 11.70 ? 54  PRO A O   1 
ATOM   393 C CB  . PRO A 1 54 ? -9.577  -7.607  1.093   1.00 12.62 ? 54  PRO A CB  1 
ATOM   394 C CG  . PRO A 1 54 ? -10.308 -8.803  0.560   1.00 14.69 ? 54  PRO A CG  1 
ATOM   395 C CD  . PRO A 1 54 ? -10.241 -9.773  1.717   1.00 12.51 ? 54  PRO A CD  1 
ATOM   396 N N   . GLU A 1 55 ? -8.621  -7.484  4.108   1.00 12.89 ? 55  GLU A N   1 
ATOM   397 C CA  . GLU A 1 55 ? -8.259  -6.740  5.308   1.00 12.17 ? 55  GLU A CA  1 
ATOM   398 C C   . GLU A 1 55 ? -6.884  -7.168  5.808   1.00 11.44 ? 55  GLU A C   1 
ATOM   399 O O   . GLU A 1 55 ? -6.074  -6.332  6.212   1.00 12.47 ? 55  GLU A O   1 
ATOM   400 C CB  . GLU A 1 55 ? -9.311  -6.937  6.407   1.00 14.39 ? 55  GLU A CB  1 
ATOM   401 C CG  . GLU A 1 55 ? -10.679 -6.371  6.048   1.00 16.57 ? 55  GLU A CG  1 
ATOM   402 C CD  . GLU A 1 55 ? -11.614 -7.402  5.436   1.00 18.44 ? 55  GLU A CD  1 
ATOM   403 O OE1 . GLU A 1 55 ? -11.145 -8.271  4.674   1.00 17.89 ? 55  GLU A OE1 1 
ATOM   404 O OE2 . GLU A 1 55 ? -12.831 -7.333  5.713   1.00 17.51 ? 55  GLU A OE2 1 
ATOM   405 N N   . ARG A 1 56 ? -6.615  -8.470  5.776   1.00 11.10 ? 56  ARG A N   1 
ATOM   406 C CA  . ARG A 1 56 ? -5.320  -8.996  6.199   1.00 12.44 ? 56  ARG A CA  1 
ATOM   407 C C   . ARG A 1 56 ? -4.209  -8.529  5.254   1.00 11.17 ? 56  ARG A C   1 
ATOM   408 O O   . ARG A 1 56 ? -3.109  -8.177  5.695   1.00 11.62 ? 56  ARG A O   1 
ATOM   409 C CB  . ARG A 1 56 ? -5.359  -10.528 6.239   1.00 14.28 ? 56  ARG A CB  1 
ATOM   410 C CG  . ARG A 1 56 ? -3.992  -11.201 6.298   1.00 19.10 ? 56  ARG A CG  1 
ATOM   411 C CD  . ARG A 1 56 ? -3.175  -10.753 7.495   1.00 23.58 ? 56  ARG A CD  1 
ATOM   412 N NE  . ARG A 1 56 ? -1.864  -11.397 7.519   1.00 26.25 ? 56  ARG A NE  1 
ATOM   413 C CZ  . ARG A 1 56 ? -0.940  -11.175 8.450   1.00 27.66 ? 56  ARG A CZ  1 
ATOM   414 N NH1 . ARG A 1 56 ? -1.179  -10.321 9.437   1.00 29.54 ? 56  ARG A NH1 1 
ATOM   415 N NH2 . ARG A 1 56 ? 0.219   -11.810 8.396   1.00 29.13 ? 56  ARG A NH2 1 
ATOM   416 N N   . GLN A 1 57 ? -4.489  -8.527  3.953   1.00 10.98 ? 57  GLN A N   1 
ATOM   417 C CA  . GLN A 1 57 ? -3.492  -8.084  2.984   1.00 9.77  ? 57  GLN A CA  1 
ATOM   418 C C   . GLN A 1 57 ? -3.218  -6.594  3.168   1.00 9.60  ? 57  GLN A C   1 
ATOM   419 O O   . GLN A 1 57 ? -2.095  -6.136  2.973   1.00 10.37 ? 57  GLN A O   1 
ATOM   420 C CB  . GLN A 1 57 ? -3.957  -8.354  1.551   1.00 10.14 ? 57  GLN A CB  1 
ATOM   421 C CG  . GLN A 1 57 ? -4.195  -9.830  1.224   1.00 10.20 ? 57  GLN A CG  1 
ATOM   422 C CD  . GLN A 1 57 ? -2.987  -10.707 1.504   1.00 13.16 ? 57  GLN A CD  1 
ATOM   423 O OE1 . GLN A 1 57 ? -1.875  -10.216 1.680   1.00 12.17 ? 57  GLN A OE1 1 
ATOM   424 N NE2 . GLN A 1 57 ? -3.205  -12.020 1.532   1.00 13.73 ? 57  GLN A NE2 1 
ATOM   425 N N   . ALA A 1 58 ? -4.247  -5.836  3.539   1.00 9.96  ? 58  ALA A N   1 
ATOM   426 C CA  . ALA A 1 58 ? -4.078  -4.406  3.760   1.00 9.88  ? 58  ALA A CA  1 
ATOM   427 C C   . ALA A 1 58 ? -3.198  -4.173  4.987   1.00 10.38 ? 58  ALA A C   1 
ATOM   428 O O   . ALA A 1 58 ? -2.369  -3.262  5.001   1.00 9.84  ? 58  ALA A O   1 
ATOM   429 C CB  . ALA A 1 58 ? -5.433  -3.741  3.942   1.00 9.93  ? 58  ALA A CB  1 
ATOM   430 N N   . ARG A 1 59 ? -3.374  -4.997  6.015   1.00 10.38 ? 59  ARG A N   1 
ATOM   431 C CA  . ARG A 1 59 ? -2.570  -4.873  7.225   1.00 11.30 ? 59  ARG A CA  1 
ATOM   432 C C   . ARG A 1 59 ? -1.103  -5.100  6.893   1.00 11.26 ? 59  ARG A C   1 
ATOM   433 O O   . ARG A 1 59 ? -0.238  -4.330  7.303   1.00 12.24 ? 59  ARG A O   1 
ATOM   434 C CB  . ARG A 1 59 ? -3.007  -5.893  8.279   1.00 13.03 ? 59  ARG A CB  1 
ATOM   435 C CG  . ARG A 1 59 ? -2.101  -5.905  9.505   1.00 18.79 ? 59  ARG A CG  1 
ATOM   436 C CD  . ARG A 1 59 ? -2.529  -6.932  10.542  1.00 22.81 ? 59  ARG A CD  1 
ATOM   437 N NE  . ARG A 1 59 ? -1.589  -7.005  11.662  1.00 28.90 ? 59  ARG A NE  1 
ATOM   438 C CZ  . ARG A 1 59 ? -1.268  -5.979  12.447  1.00 29.80 ? 59  ARG A CZ  1 
ATOM   439 N NH1 . ARG A 1 59 ? -1.812  -4.786  12.246  1.00 31.67 ? 59  ARG A NH1 1 
ATOM   440 N NH2 . ARG A 1 59 ? -0.402  -6.146  13.440  1.00 31.34 ? 59  ARG A NH2 1 
ATOM   441 N N   . VAL A 1 60 ? -0.829  -6.172  6.157   1.00 10.44 ? 60  VAL A N   1 
ATOM   442 C CA  . VAL A 1 60 ? 0.534   -6.502  5.767   1.00 11.12 ? 60  VAL A CA  1 
ATOM   443 C C   . VAL A 1 60 ? 1.162   -5.398  4.919   1.00 10.98 ? 60  VAL A C   1 
ATOM   444 O O   . VAL A 1 60 ? 2.314   -5.018  5.139   1.00 9.88  ? 60  VAL A O   1 
ATOM   445 C CB  . VAL A 1 60 ? 0.580   -7.840  4.995   1.00 12.07 ? 60  VAL A CB  1 
ATOM   446 C CG1 . VAL A 1 60 ? 1.969   -8.067  4.421   1.00 13.20 ? 60  VAL A CG1 1 
ATOM   447 C CG2 . VAL A 1 60 ? 0.210   -8.982  5.926   1.00 14.18 ? 60  VAL A CG2 1 
ATOM   448 N N   . VAL A 1 61 ? 0.410   -4.888  3.948   1.00 8.92  ? 61  VAL A N   1 
ATOM   449 C CA  . VAL A 1 61 ? 0.905   -3.822  3.086   1.00 8.63  ? 61  VAL A CA  1 
ATOM   450 C C   . VAL A 1 61 ? 1.249   -2.599  3.930   1.00 8.78  ? 61  VAL A C   1 
ATOM   451 O O   . VAL A 1 61 ? 2.335   -2.033  3.803   1.00 7.63  ? 61  VAL A O   1 
ATOM   452 C CB  . VAL A 1 61 ? -0.146  -3.442  2.014   1.00 8.23  ? 61  VAL A CB  1 
ATOM   453 C CG1 . VAL A 1 61 ? 0.180   -2.084  1.407   1.00 9.92  ? 61  VAL A CG1 1 
ATOM   454 C CG2 . VAL A 1 61 ? -0.169  -4.509  0.920   1.00 9.19  ? 61  VAL A CG2 1 
ATOM   455 N N   . TYR A 1 62 ? 0.331   -2.201  4.803   1.00 8.25  ? 62  TYR A N   1 
ATOM   456 C CA  . TYR A 1 62 ? 0.570   -1.035  5.645   1.00 8.48  ? 62  TYR A CA  1 
ATOM   457 C C   . TYR A 1 62 ? 1.796   -1.212  6.527   1.00 9.24  ? 62  TYR A C   1 
ATOM   458 O O   . TYR A 1 62 ? 2.675   -0.351  6.551   1.00 7.94  ? 62  TYR A O   1 
ATOM   459 C CB  . TYR A 1 62 ? -0.636  -0.742  6.538   1.00 8.98  ? 62  TYR A CB  1 
ATOM   460 C CG  . TYR A 1 62 ? -0.426  0.489   7.391   1.00 8.33  ? 62  TYR A CG  1 
ATOM   461 C CD1 . TYR A 1 62 ? -0.633  1.762   6.867   1.00 8.99  ? 62  TYR A CD1 1 
ATOM   462 C CD2 . TYR A 1 62 ? 0.037   0.384   8.706   1.00 8.75  ? 62  TYR A CD2 1 
ATOM   463 C CE1 . TYR A 1 62 ? -0.386  2.897   7.622   1.00 9.47  ? 62  TYR A CE1 1 
ATOM   464 C CE2 . TYR A 1 62 ? 0.290   1.519   9.473   1.00 9.24  ? 62  TYR A CE2 1 
ATOM   465 C CZ  . TYR A 1 62 ? 0.076   2.772   8.922   1.00 8.06  ? 62  TYR A CZ  1 
ATOM   466 O OH  . TYR A 1 62 ? 0.321   3.909   9.658   1.00 9.73  ? 62  TYR A OH  1 
ATOM   467 N N   . ASN A 1 63 ? 1.851   -2.322  7.260   1.00 8.25  ? 63  ASN A N   1 
ATOM   468 C CA  . ASN A 1 63 ? 2.976   -2.578  8.152   1.00 8.96  ? 63  ASN A CA  1 
ATOM   469 C C   . ASN A 1 63 ? 4.299   -2.642  7.400   1.00 8.52  ? 63  ASN A C   1 
ATOM   470 O O   . ASN A 1 63 ? 5.299   -2.093  7.854   1.00 9.58  ? 63  ASN A O   1 
ATOM   471 C CB  . ASN A 1 63 ? 2.760   -3.882  8.933   1.00 11.02 ? 63  ASN A CB  1 
ATOM   472 C CG  . ASN A 1 63 ? 1.681   -3.763  10.005  1.00 13.07 ? 63  ASN A CG  1 
ATOM   473 O OD1 . ASN A 1 63 ? 1.331   -4.749  10.654  1.00 18.78 ? 63  ASN A OD1 1 
ATOM   474 N ND2 . ASN A 1 63 ? 1.155   -2.559  10.198  1.00 14.56 ? 63  ASN A ND2 1 
ATOM   475 N N   . LYS A 1 64 ? 4.313   -3.299  6.246   1.00 8.40  ? 64  LYS A N   1 
ATOM   476 C CA  . LYS A 1 64 ? 5.552   -3.395  5.485   1.00 7.62  ? 64  LYS A CA  1 
ATOM   477 C C   . LYS A 1 64 ? 6.006   -2.041  4.954   1.00 7.10  ? 64  LYS A C   1 
ATOM   478 O O   . LYS A 1 64 ? 7.202   -1.755  4.933   1.00 7.13  ? 64  LYS A O   1 
ATOM   479 C CB  . LYS A 1 64 ? 5.405   -4.399  4.341   1.00 9.24  ? 64  LYS A CB  1 
ATOM   480 C CG  . LYS A 1 64 ? 5.504   -5.842  4.807   1.00 11.23 ? 64  LYS A CG  1 
ATOM   481 C CD  . LYS A 1 64 ? 5.365   -6.812  3.645   1.00 14.40 ? 64  LYS A CD  1 
ATOM   482 C CE  . LYS A 1 64 ? 5.968   -8.160  3.993   1.00 19.88 ? 64  LYS A CE  1 
ATOM   483 N NZ  . LYS A 1 64 ? 5.529   -8.638  5.328   1.00 23.35 ? 64  LYS A NZ  1 
ATOM   484 N N   . ILE A 1 65 ? 5.061   -1.201  4.541   1.00 6.78  ? 65  ILE A N   1 
ATOM   485 C CA  . ILE A 1 65 ? 5.422   0.117   4.035   1.00 7.26  ? 65  ILE A CA  1 
ATOM   486 C C   . ILE A 1 65 ? 5.904   1.020   5.174   1.00 6.21  ? 65  ILE A C   1 
ATOM   487 O O   . ILE A 1 65 ? 6.882   1.752   5.020   1.00 7.68  ? 65  ILE A O   1 
ATOM   488 C CB  . ILE A 1 65 ? 4.237   0.784   3.293   1.00 6.59  ? 65  ILE A CB  1 
ATOM   489 C CG1 . ILE A 1 65 ? 3.944   0.007   2.000   1.00 8.70  ? 65  ILE A CG1 1 
ATOM   490 C CG2 . ILE A 1 65 ? 4.568   2.240   3.006   1.00 8.69  ? 65  ILE A CG2 1 
ATOM   491 C CD1 . ILE A 1 65 ? 2.791   0.559   1.180   1.00 8.52  ? 65  ILE A CD1 1 
ATOM   492 N N   . ALA A 1 66 ? 5.224   0.970   6.315   1.00 7.74  ? 66  ALA A N   1 
ATOM   493 C CA  . ALA A 1 66 ? 5.638   1.786   7.457   1.00 7.48  ? 66  ALA A CA  1 
ATOM   494 C C   . ALA A 1 66 ? 7.069   1.413   7.854   1.00 8.02  ? 66  ALA A C   1 
ATOM   495 O O   . ALA A 1 66 ? 7.890   2.274   8.183   1.00 8.80  ? 66  ALA A O   1 
ATOM   496 C CB  . ALA A 1 66 ? 4.694   1.558   8.630   1.00 8.16  ? 66  ALA A CB  1 
ATOM   497 N N   . SER A 1 67 ? 7.361   0.119   7.828   1.00 8.38  ? 67  SER A N   1 
ATOM   498 C CA  . SER A 1 67 ? 8.686   -0.371  8.174   1.00 6.74  ? 67  SER A CA  1 
ATOM   499 C C   . SER A 1 67 ? 9.719   0.093   7.150   1.00 6.85  ? 67  SER A C   1 
ATOM   500 O O   . SER A 1 67 ? 10.788  0.591   7.514   1.00 7.34  ? 67  SER A O   1 
ATOM   501 C CB  . SER A 1 67 ? 8.674   -1.901  8.237   1.00 6.69  ? 67  SER A CB  1 
ATOM   502 O OG  . SER A 1 67 ? 9.958   -2.413  8.547   1.00 9.66  ? 67  SER A OG  1 
ATOM   503 N N   . GLN A 1 68 ? 9.404   -0.064  5.869   1.00 7.84  ? 68  GLN A N   1 
ATOM   504 C CA  . GLN A 1 68 ? 10.340  0.335   4.832   1.00 7.94  ? 68  GLN A CA  1 
ATOM   505 C C   . GLN A 1 68 ? 10.591  1.838   4.856   1.00 8.93  ? 68  GLN A C   1 
ATOM   506 O O   . GLN A 1 68 ? 11.692  2.288   4.544   1.00 9.19  ? 68  GLN A O   1 
ATOM   507 C CB  . GLN A 1 68 ? 9.827   -0.094  3.454   1.00 9.05  ? 68  GLN A CB  1 
ATOM   508 C CG  . GLN A 1 68 ? 10.932  -0.306  2.422   1.00 10.73 ? 68  GLN A CG  1 
ATOM   509 C CD  . GLN A 1 68 ? 11.996  -1.282  2.898   1.00 10.91 ? 68  GLN A CD  1 
ATOM   510 O OE1 . GLN A 1 68 ? 11.725  -2.168  3.714   1.00 14.10 ? 68  GLN A OE1 1 
ATOM   511 N NE2 . GLN A 1 68 ? 13.206  -1.132  2.384   1.00 11.29 ? 68  GLN A NE2 1 
ATOM   512 N N   . ALA A 1 69 ? 9.579   2.615   5.231   1.00 8.10  ? 69  ALA A N   1 
ATOM   513 C CA  . ALA A 1 69 ? 9.753   4.061   5.301   1.00 8.04  ? 69  ALA A CA  1 
ATOM   514 C C   . ALA A 1 69 ? 10.846  4.387   6.319   1.00 8.78  ? 69  ALA A C   1 
ATOM   515 O O   . ALA A 1 69 ? 11.536  5.393   6.187   1.00 10.56 ? 69  ALA A O   1 
ATOM   516 C CB  . ALA A 1 69 ? 8.439   4.738   5.676   1.00 8.24  ? 69  ALA A CB  1 
ATOM   517 N N   . LEU A 1 70 ? 11.014  3.537   7.329   1.00 10.54 ? 70  LEU A N   1 
ATOM   518 C CA  . LEU A 1 70 ? 12.073  3.750   8.314   1.00 11.54 ? 70  LEU A CA  1 
ATOM   519 C C   . LEU A 1 70 ? 13.392  3.342   7.665   1.00 12.49 ? 70  LEU A C   1 
ATOM   520 O O   . LEU A 1 70 ? 14.373  4.087   7.691   1.00 13.30 ? 70  LEU A O   1 
ATOM   521 C CB  . LEU A 1 70 ? 11.852  2.881   9.553   1.00 12.12 ? 70  LEU A CB  1 
ATOM   522 C CG  . LEU A 1 70 ? 10.622  3.140   10.413  1.00 10.80 ? 70  LEU A CG  1 
ATOM   523 C CD1 . LEU A 1 70 ? 10.609  2.152   11.568  1.00 13.80 ? 70  LEU A CD1 1 
ATOM   524 C CD2 . LEU A 1 70 ? 10.643  4.569   10.932  1.00 14.19 ? 70  LEU A CD2 1 
ATOM   525 N N   . VAL A 1 71 ? 13.397  2.152   7.075   1.00 13.28 ? 71  VAL A N   1 
ATOM   526 C CA  . VAL A 1 71 ? 14.578  1.591   6.419   1.00 13.87 ? 71  VAL A CA  1 
ATOM   527 C C   . VAL A 1 71 ? 15.118  2.427   5.260   1.00 13.66 ? 71  VAL A C   1 
ATOM   528 O O   . VAL A 1 71 ? 16.332  2.610   5.138   1.00 15.32 ? 71  VAL A O   1 
ATOM   529 C CB  . VAL A 1 71 ? 14.286  0.162   5.901   1.00 14.10 ? 71  VAL A CB  1 
ATOM   530 C CG1 . VAL A 1 71 ? 15.495  -0.386  5.158   1.00 14.76 ? 71  VAL A CG1 1 
ATOM   531 C CG2 . VAL A 1 71 ? 13.920  -0.754  7.075   1.00 15.29 ? 71  VAL A CG2 1 
ATOM   532 N N   . ASP A 1 72 ? 14.230  2.923   4.402   1.00 12.01 ? 72  ASP A N   1 
ATOM   533 C CA  . ASP A 1 72 ? 14.659  3.726   3.262   1.00 11.54 ? 72  ASP A CA  1 
ATOM   534 C C   . ASP A 1 72 ? 14.515  5.228   3.476   1.00 13.77 ? 72  ASP A C   1 
ATOM   535 O O   . ASP A 1 72 ? 14.668  6.001   2.530   1.00 14.16 ? 72  ASP A O   1 
ATOM   536 C CB  . ASP A 1 72 ? 13.905  3.308   1.993   1.00 13.80 ? 72  ASP A CB  1 
ATOM   537 C CG  . ASP A 1 72 ? 14.291  1.921   1.515   1.00 13.83 ? 72  ASP A CG  1 
ATOM   538 O OD1 . ASP A 1 72 ? 15.443  1.518   1.761   1.00 15.15 ? 72  ASP A OD1 1 
ATOM   539 O OD2 . ASP A 1 72 ? 13.454  1.240   0.883   1.00 14.34 ? 72  ASP A OD2 1 
ATOM   540 N N   . LYS A 1 73 ? 14.232  5.631   4.713   1.00 13.62 ? 73  LYS A N   1 
ATOM   541 C CA  . LYS A 1 73 ? 14.070  7.042   5.077   1.00 13.28 ? 73  LYS A CA  1 
ATOM   542 C C   . LYS A 1 73 ? 13.186  7.770   4.064   1.00 13.08 ? 73  LYS A C   1 
ATOM   543 O O   . LYS A 1 73 ? 13.602  8.750   3.441   1.00 14.62 ? 73  LYS A O   1 
ATOM   544 C CB  . LYS A 1 73 ? 15.439  7.727   5.149   1.00 14.93 ? 73  LYS A CB  1 
ATOM   545 C CG  . LYS A 1 73 ? 15.418  9.057   5.881   1.00 21.05 ? 73  LYS A CG  1 
ATOM   546 C CD  . LYS A 1 73 ? 15.307  8.851   7.389   1.00 23.18 ? 73  LYS A CD  1 
ATOM   547 C CE  . LYS A 1 73 ? 16.677  8.645   8.027   1.00 24.89 ? 73  LYS A CE  1 
ATOM   548 N NZ  . LYS A 1 73 ? 17.504  7.626   7.325   1.00 27.37 ? 73  LYS A NZ  1 
ATOM   549 N N   . LEU A 1 74 ? 11.956  7.290   3.914   1.00 12.25 ? 74  LEU A N   1 
ATOM   550 C CA  . LEU A 1 74 ? 11.017  7.863   2.960   1.00 13.25 ? 74  LEU A CA  1 
ATOM   551 C C   . LEU A 1 74 ? 10.152  8.976   3.540   1.00 15.55 ? 74  LEU A C   1 
ATOM   552 O O   . LEU A 1 74 ? 9.735   8.911   4.692   1.00 16.23 ? 74  LEU A O   1 
ATOM   553 C CB  . LEU A 1 74 ? 10.130  6.754   2.394   1.00 11.42 ? 74  LEU A CB  1 
ATOM   554 C CG  . LEU A 1 74 ? 10.908  5.618   1.716   1.00 11.58 ? 74  LEU A CG  1 
ATOM   555 C CD1 . LEU A 1 74 ? 9.933   4.594   1.148   1.00 11.58 ? 74  LEU A CD1 1 
ATOM   556 C CD2 . LEU A 1 74 ? 11.796  6.178   0.608   1.00 14.05 ? 74  LEU A CD2 1 
ATOM   557 N N   . HIS A 1 75 ? 9.894   9.991   2.717   1.00 16.01 ? 75  HIS A N   1 
ATOM   558 C CA  . HIS A 1 75 ? 9.083   11.146  3.100   1.00 19.01 ? 75  HIS A CA  1 
ATOM   559 C C   . HIS A 1 75 ? 7.854   11.246  2.196   1.00 18.48 ? 75  HIS A C   1 
ATOM   560 O O   . HIS A 1 75 ? 7.942   11.747  1.072   1.00 21.81 ? 75  HIS A O   1 
ATOM   561 C CB  . HIS A 1 75 ? 9.920   12.422  2.977   1.00 22.10 ? 75  HIS A CB  1 
ATOM   562 C CG  . HIS A 1 75 ? 11.184  12.391  3.776   1.00 25.30 ? 75  HIS A CG  1 
ATOM   563 N ND1 . HIS A 1 75 ? 11.194  12.397  5.155   1.00 28.03 ? 75  HIS A ND1 1 
ATOM   564 C CD2 . HIS A 1 75 ? 12.482  12.336  3.391   1.00 27.02 ? 75  HIS A CD2 1 
ATOM   565 C CE1 . HIS A 1 75 ? 12.443  12.349  5.583   1.00 28.50 ? 75  HIS A CE1 1 
ATOM   566 N NE2 . HIS A 1 75 ? 13.244  12.311  4.533   1.00 28.16 ? 75  HIS A NE2 1 
ATOM   567 N N   . PHE A 1 76 ? 6.712   10.781  2.696   1.00 17.22 ? 76  PHE A N   1 
ATOM   568 C CA  . PHE A 1 76 ? 5.471   10.791  1.925   1.00 14.62 ? 76  PHE A CA  1 
ATOM   569 C C   . PHE A 1 76 ? 4.728   12.122  1.934   1.00 13.83 ? 76  PHE A C   1 
ATOM   570 O O   . PHE A 1 76 ? 4.841   12.910  2.871   1.00 14.87 ? 76  PHE A O   1 
ATOM   571 C CB  . PHE A 1 76 ? 4.521   9.699   2.428   1.00 13.48 ? 76  PHE A CB  1 
ATOM   572 C CG  . PHE A 1 76 ? 5.101   8.310   2.382   1.00 11.78 ? 76  PHE A CG  1 
ATOM   573 C CD1 . PHE A 1 76 ? 5.539   7.759   1.180   1.00 14.51 ? 76  PHE A CD1 1 
ATOM   574 C CD2 . PHE A 1 76 ? 5.197   7.550   3.544   1.00 13.45 ? 76  PHE A CD2 1 
ATOM   575 C CE1 . PHE A 1 76 ? 6.070   6.463   1.141   1.00 12.52 ? 76  PHE A CE1 1 
ATOM   576 C CE2 . PHE A 1 76 ? 5.724   6.259   3.515   1.00 13.16 ? 76  PHE A CE2 1 
ATOM   577 C CZ  . PHE A 1 76 ? 6.160   5.715   2.313   1.00 11.63 ? 76  PHE A CZ  1 
ATOM   578 N N   . THR A 1 77 ? 3.960   12.352  0.875   1.00 12.34 ? 77  THR A N   1 
ATOM   579 C CA  . THR A 1 77 ? 3.170   13.570  0.739   1.00 12.06 ? 77  THR A CA  1 
ATOM   580 C C   . THR A 1 77 ? 1.877   13.432  1.536   1.00 12.12 ? 77  THR A C   1 
ATOM   581 O O   . THR A 1 77 ? 1.550   12.351  2.026   1.00 12.35 ? 77  THR A O   1 
ATOM   582 C CB  . THR A 1 77 ? 2.798   13.817  -0.724  1.00 13.10 ? 77  THR A CB  1 
ATOM   583 O OG1 . THR A 1 77 ? 1.910   12.782  -1.164  1.00 14.11 ? 77  THR A OG1 1 
ATOM   584 C CG2 . THR A 1 77 ? 4.048   13.818  -1.598  1.00 13.93 ? 77  THR A CG2 1 
ATOM   585 N N   . ALA A 1 78 ? 1.144   14.531  1.673   1.00 13.12 ? 78  ALA A N   1 
ATOM   586 C CA  . ALA A 1 78 ? -0.119  14.508  2.399   1.00 12.70 ? 78  ALA A CA  1 
ATOM   587 C C   . ALA A 1 78 ? -1.082  13.519  1.742   1.00 11.62 ? 78  ALA A C   1 
ATOM   588 O O   . ALA A 1 78 ? -1.787  12.777  2.423   1.00 14.20 ? 78  ALA A O   1 
ATOM   589 C CB  . ALA A 1 78 ? -0.736  15.909  2.419   1.00 12.50 ? 78  ALA A CB  1 
ATOM   590 N N   . GLU A 1 79 ? -1.098  13.510  0.415   1.00 13.16 ? 79  GLU A N   1 
ATOM   591 C CA  . GLU A 1 79 ? -1.970  12.617  -0.337  1.00 13.55 ? 79  GLU A CA  1 
ATOM   592 C C   . GLU A 1 79 ? -1.590  11.150  -0.106  1.00 11.50 ? 79  GLU A C   1 
ATOM   593 O O   . GLU A 1 79 ? -2.452  10.293  0.081   1.00 11.61 ? 79  GLU A O   1 
ATOM   594 C CB  . GLU A 1 79 ? -1.896  12.970  -1.826  1.00 16.65 ? 79  GLU A CB  1 
ATOM   595 C CG  . GLU A 1 79 ? -2.906  12.254  -2.696  1.00 22.75 ? 79  GLU A CG  1 
ATOM   596 C CD  . GLU A 1 79 ? -3.156  12.986  -4.002  1.00 24.48 ? 79  GLU A CD  1 
ATOM   597 O OE1 . GLU A 1 79 ? -2.170  13.384  -4.659  1.00 27.23 ? 79  GLU A OE1 1 
ATOM   598 O OE2 . GLU A 1 79 ? -4.338  13.161  -4.369  1.00 28.91 ? 79  GLU A OE2 1 
ATOM   599 N N   . GLU A 1 80 ? -0.294  10.865  -0.108  1.00 10.61 ? 80  GLU A N   1 
ATOM   600 C CA  . GLU A 1 80 ? 0.175   9.506   0.120   1.00 10.57 ? 80  GLU A CA  1 
ATOM   601 C C   . GLU A 1 80 ? -0.160  9.058   1.542   1.00 10.75 ? 80  GLU A C   1 
ATOM   602 O O   . GLU A 1 80 ? -0.619  7.938   1.755   1.00 10.39 ? 80  GLU A O   1 
ATOM   603 C CB  . GLU A 1 80 ? 1.685   9.431   -0.125  1.00 10.87 ? 80  GLU A CB  1 
ATOM   604 C CG  . GLU A 1 80 ? 2.055   9.500   -1.604  1.00 12.16 ? 80  GLU A CG  1 
ATOM   605 C CD  . GLU A 1 80 ? 3.511   9.859   -1.854  1.00 14.55 ? 80  GLU A CD  1 
ATOM   606 O OE1 . GLU A 1 80 ? 3.922   9.833   -3.033  1.00 18.22 ? 80  GLU A OE1 1 
ATOM   607 O OE2 . GLU A 1 80 ? 4.240   10.171  -0.889  1.00 12.72 ? 80  GLU A OE2 1 
ATOM   608 N N   . ASN A 1 81 ? 0.067   9.934   2.516   1.00 10.69 ? 81  ASN A N   1 
ATOM   609 C CA  . ASN A 1 81 ? -0.239  9.595   3.900   1.00 11.28 ? 81  ASN A CA  1 
ATOM   610 C C   . ASN A 1 81 ? -1.732  9.348   4.078   1.00 11.40 ? 81  ASN A C   1 
ATOM   611 O O   . ASN A 1 81 ? -2.137  8.497   4.868   1.00 11.36 ? 81  ASN A O   1 
ATOM   612 C CB  . ASN A 1 81 ? 0.235   10.713  4.834   1.00 11.72 ? 81  ASN A CB  1 
ATOM   613 C CG  . ASN A 1 81 ? 1.702   10.585  5.187   1.00 15.17 ? 81  ASN A CG  1 
ATOM   614 O OD1 . ASN A 1 81 ? 2.441   11.570  5.212   1.00 16.61 ? 81  ASN A OD1 1 
ATOM   615 N ND2 . ASN A 1 81 ? 2.131   9.361   5.474   1.00 15.68 ? 81  ASN A ND2 1 
ATOM   616 N N   . LYS A 1 82 ? -2.546  10.084  3.329   1.00 11.94 ? 82  LYS A N   1 
ATOM   617 C CA  . LYS A 1 82 ? -3.991  9.930   3.406   1.00 13.33 ? 82  LYS A CA  1 
ATOM   618 C C   . LYS A 1 82 ? -4.397  8.537   2.936   1.00 11.64 ? 82  LYS A C   1 
ATOM   619 O O   . LYS A 1 82 ? -5.212  7.874   3.573   1.00 13.28 ? 82  LYS A O   1 
ATOM   620 C CB  . LYS A 1 82 ? -4.675  11.005  2.556   1.00 15.77 ? 82  LYS A CB  1 
ATOM   621 C CG  . LYS A 1 82 ? -6.193  10.933  2.535   1.00 18.94 ? 82  LYS A CG  1 
ATOM   622 C CD  . LYS A 1 82 ? -6.775  12.239  2.021   1.00 21.47 ? 82  LYS A CD  1 
ATOM   623 C CE  . LYS A 1 82 ? -8.219  12.074  1.586   1.00 24.79 ? 82  LYS A CE  1 
ATOM   624 N NZ  . LYS A 1 82 ? -8.327  11.177  0.399   1.00 28.64 ? 82  LYS A NZ  1 
ATOM   625 N N   . VAL A 1 83 ? -3.825  8.089   1.825   1.00 10.89 ? 83  VAL A N   1 
ATOM   626 C CA  . VAL A 1 83 ? -4.148  6.766   1.308   1.00 9.67  ? 83  VAL A CA  1 
ATOM   627 C C   . VAL A 1 83 ? -3.625  5.687   2.257   1.00 9.88  ? 83  VAL A C   1 
ATOM   628 O O   . VAL A 1 83 ? -4.312  4.701   2.517   1.00 9.86  ? 83  VAL A O   1 
ATOM   629 C CB  . VAL A 1 83 ? -3.571  6.569   -0.108  1.00 10.69 ? 83  VAL A CB  1 
ATOM   630 C CG1 . VAL A 1 83 ? -3.837  5.153   -0.591  1.00 11.88 ? 83  VAL A CG1 1 
ATOM   631 C CG2 . VAL A 1 83 ? -4.211  7.568   -1.062  1.00 12.56 ? 83  VAL A CG2 1 
ATOM   632 N N   . LEU A 1 84 ? -2.421  5.880   2.791   1.00 8.69  ? 84  LEU A N   1 
ATOM   633 C CA  . LEU A 1 84 ? -1.855  4.915   3.728   1.00 10.21 ? 84  LEU A CA  1 
ATOM   634 C C   . LEU A 1 84 ? -2.737  4.788   4.961   1.00 10.55 ? 84  LEU A C   1 
ATOM   635 O O   . LEU A 1 84 ? -2.949  3.693   5.469   1.00 11.26 ? 84  LEU A O   1 
ATOM   636 C CB  . LEU A 1 84 ? -0.446  5.333   4.141   1.00 9.71  ? 84  LEU A CB  1 
ATOM   637 C CG  . LEU A 1 84 ? 0.630   4.956   3.123   1.00 10.32 ? 84  LEU A CG  1 
ATOM   638 C CD1 . LEU A 1 84 ? 1.891   5.768   3.367   1.00 12.61 ? 84  LEU A CD1 1 
ATOM   639 C CD2 . LEU A 1 84 ? 0.907   3.465   3.225   1.00 12.61 ? 84  LEU A CD2 1 
ATOM   640 N N   . ALA A 1 85 ? -3.253  5.914   5.442   1.00 11.36 ? 85  ALA A N   1 
ATOM   641 C CA  . ALA A 1 85 ? -4.119  5.890   6.615   1.00 11.70 ? 85  ALA A CA  1 
ATOM   642 C C   . ALA A 1 85 ? -5.407  5.130   6.296   1.00 11.22 ? 85  ALA A C   1 
ATOM   643 O O   . ALA A 1 85 ? -5.946  4.418   7.143   1.00 12.55 ? 85  ALA A O   1 
ATOM   644 C CB  . ALA A 1 85 ? -4.437  7.313   7.060   1.00 14.17 ? 85  ALA A CB  1 
ATOM   645 N N   . ALA A 1 86 ? -5.892  5.286   5.067   1.00 11.47 ? 86  ALA A N   1 
ATOM   646 C CA  . ALA A 1 86 ? -7.107  4.605   4.627   1.00 12.40 ? 86  ALA A CA  1 
ATOM   647 C C   . ALA A 1 86 ? -6.877  3.093   4.584   1.00 11.68 ? 86  ALA A C   1 
ATOM   648 O O   . ALA A 1 86 ? -7.775  2.311   4.903   1.00 12.48 ? 86  ALA A O   1 
ATOM   649 C CB  . ALA A 1 86 ? -7.516  5.109   3.257   1.00 14.28 ? 86  ALA A CB  1 
ATOM   650 N N   . ILE A 1 87 ? -5.677  2.684   4.183   1.00 11.69 ? 87  ILE A N   1 
ATOM   651 C CA  . ILE A 1 87 ? -5.339  1.265   4.129   1.00 10.34 ? 87  ILE A CA  1 
ATOM   652 C C   . ILE A 1 87 ? -5.295  0.714   5.557   1.00 10.91 ? 87  ILE A C   1 
ATOM   653 O O   . ILE A 1 87 ? -5.794  -0.380  5.829   1.00 11.33 ? 87  ILE A O   1 
ATOM   654 C CB  . ILE A 1 87 ? -3.969  1.048   3.424   1.00 8.96  ? 87  ILE A CB  1 
ATOM   655 C CG1 . ILE A 1 87 ? -4.086  1.413   1.938   1.00 10.15 ? 87  ILE A CG1 1 
ATOM   656 C CG2 . ILE A 1 87 ? -3.513  -0.405  3.578   1.00 10.42 ? 87  ILE A CG2 1 
ATOM   657 C CD1 . ILE A 1 87 ? -2.760  1.439   1.193   1.00 8.99  ? 87  ILE A CD1 1 
ATOM   658 N N   . ASN A 1 88 ? -4.705  1.483   6.469   1.00 10.86 ? 88  ASN A N   1 
ATOM   659 C CA  . ASN A 1 88 ? -4.607  1.082   7.871   1.00 11.92 ? 88  ASN A CA  1 
ATOM   660 C C   . ASN A 1 88 ? -6.019  0.937   8.449   1.00 12.61 ? 88  ASN A C   1 
ATOM   661 O O   . ASN A 1 88 ? -6.312  -0.014  9.177   1.00 13.16 ? 88  ASN A O   1 
ATOM   662 C CB  . ASN A 1 88 ? -3.824  2.143   8.659   1.00 13.37 ? 88  ASN A CB  1 
ATOM   663 C CG  . ASN A 1 88 ? -3.315  1.635   10.001  1.00 14.05 ? 88  ASN A CG  1 
ATOM   664 O OD1 . ASN A 1 88 ? -2.891  2.422   10.850  1.00 19.87 ? 88  ASN A OD1 1 
ATOM   665 N ND2 . ASN A 1 88 ? -3.335  0.326   10.191  1.00 14.96 ? 88  ASN A ND2 1 
ATOM   666 N N   . GLU A 1 89 ? -6.894  1.881   8.108   1.00 12.54 ? 89  GLU A N   1 
ATOM   667 C CA  . GLU A 1 89 ? -8.273  1.863   8.590   1.00 14.80 ? 89  GLU A CA  1 
ATOM   668 C C   . GLU A 1 89 ? -8.996  0.625   8.086   1.00 15.42 ? 89  GLU A C   1 
ATOM   669 O O   . GLU A 1 89 ? -9.653  -0.079  8.851   1.00 15.23 ? 89  GLU A O   1 
ATOM   670 C CB  . GLU A 1 89 ? -9.021  3.110   8.119   1.00 16.37 ? 89  GLU A CB  1 
ATOM   671 C CG  . GLU A 1 89 ? -10.404 3.253   8.731   1.00 19.48 ? 89  GLU A CG  1 
ATOM   672 C CD  . GLU A 1 89 ? -11.147 4.468   8.214   1.00 24.25 ? 89  GLU A CD  1 
ATOM   673 O OE1 . GLU A 1 89 ? -10.552 5.566   8.197   1.00 25.78 ? 89  GLU A OE1 1 
ATOM   674 O OE2 . GLU A 1 89 ? -12.328 4.326   7.831   1.00 28.23 ? 89  GLU A OE2 1 
ATOM   675 N N   . LEU A 1 90 ? -8.882  0.369   6.786   1.00 14.68 ? 90  LEU A N   1 
ATOM   676 C CA  . LEU A 1 90 ? -9.526  -0.788  6.185   1.00 15.20 ? 90  LEU A CA  1 
ATOM   677 C C   . LEU A 1 90 ? -9.058  -2.060  6.884   1.00 15.04 ? 90  LEU A C   1 
ATOM   678 O O   . LEU A 1 90 ? -9.849  -2.970  7.131   1.00 16.78 ? 90  LEU A O   1 
ATOM   679 C CB  . LEU A 1 90 ? -9.194  -0.849  4.691   1.00 15.70 ? 90  LEU A CB  1 
ATOM   680 C CG  . LEU A 1 90 ? -9.866  -1.942  3.853   1.00 16.31 ? 90  LEU A CG  1 
ATOM   681 C CD1 . LEU A 1 90 ? -9.833  -1.539  2.390   1.00 17.42 ? 90  LEU A CD1 1 
ATOM   682 C CD2 . LEU A 1 90 ? -9.173  -3.276  4.064   1.00 18.28 ? 90  LEU A CD2 1 
ATOM   683 N N   . ALA A 1 91 ? -7.769  -2.106  7.208   1.00 16.45 ? 91  ALA A N   1 
ATOM   684 C CA  . ALA A 1 91 ? -7.166  -3.255  7.873   1.00 17.77 ? 91  ALA A CA  1 
ATOM   685 C C   . ALA A 1 91 ? -7.652  -3.430  9.309   1.00 20.57 ? 91  ALA A C   1 
ATOM   686 O O   . ALA A 1 91 ? -7.322  -4.422  9.962   1.00 22.60 ? 91  ALA A O   1 
ATOM   687 C CB  . ALA A 1 91 ? -5.645  -3.126  7.847   1.00 17.96 ? 91  ALA A CB  1 
ATOM   688 N N   . HIS A 1 92 ? -8.428  -2.466  9.797   1.00 21.33 ? 92  HIS A N   1 
ATOM   689 C CA  . HIS A 1 92 ? -8.962  -2.531  11.155  1.00 24.89 ? 92  HIS A CA  1 
ATOM   690 C C   . HIS A 1 92 ? -10.473 -2.740  11.172  1.00 26.71 ? 92  HIS A C   1 
ATOM   691 O O   . HIS A 1 92 ? -11.058 -2.991  12.227  1.00 27.79 ? 92  HIS A O   1 
ATOM   692 C CB  . HIS A 1 92 ? -8.621  -1.257  11.933  1.00 25.74 ? 92  HIS A CB  1 
ATOM   693 C CG  . HIS A 1 92 ? -7.202  -1.198  12.405  1.00 27.01 ? 92  HIS A CG  1 
ATOM   694 N ND1 . HIS A 1 92 ? -6.130  -1.134  11.542  1.00 27.57 ? 92  HIS A ND1 1 
ATOM   695 C CD2 . HIS A 1 92 ? -6.679  -1.187  13.654  1.00 27.46 ? 92  HIS A CD2 1 
ATOM   696 C CE1 . HIS A 1 92 ? -5.009  -1.085  12.239  1.00 28.00 ? 92  HIS A CE1 1 
ATOM   697 N NE2 . HIS A 1 92 ? -5.313  -1.116  13.523  1.00 28.38 ? 92  HIS A NE2 1 
ATOM   698 N N   . SER A 1 93 ? -11.100 -2.632  10.005  1.00 28.81 ? 93  SER A N   1 
ATOM   699 C CA  . SER A 1 93 ? -12.544 -2.816  9.877   1.00 30.07 ? 93  SER A CA  1 
ATOM   700 C C   . SER A 1 93 ? -12.995 -2.556  8.442   1.00 31.44 ? 93  SER A C   1 
ATOM   701 O O   . SER A 1 93 ? -13.889 -1.703  8.251   1.00 33.05 ? 93  SER A O   1 
ATOM   702 C CB  . SER A 1 93 ? -13.281 -1.886  10.835  1.00 30.26 ? 93  SER A CB  1 
HETATM 703 S S   . SO4 B 2 .  ? -13.241 -12.672 -7.334  1.00 20.33 ? 113 SO4 A S   1 
HETATM 704 O O1  . SO4 B 2 .  ? -12.050 -13.544 -7.291  1.00 22.93 ? 113 SO4 A O1  1 
HETATM 705 O O2  . SO4 B 2 .  ? -14.154 -13.018 -6.229  1.00 25.83 ? 113 SO4 A O2  1 
HETATM 706 O O3  . SO4 B 2 .  ? -12.841 -11.261 -7.207  1.00 20.99 ? 113 SO4 A O3  1 
HETATM 707 O O4  . SO4 B 2 .  ? -13.937 -12.851 -8.621  1.00 21.88 ? 113 SO4 A O4  1 
HETATM 708 O O   . HOH C 3 .  ? -4.060  -22.954 -5.771  1.00 12.18 ? 114 HOH A O   1 
HETATM 709 O O   . HOH C 3 .  ? -3.017  -21.591 -3.126  1.00 12.87 ? 115 HOH A O   1 
HETATM 710 O O   . HOH C 3 .  ? 8.452   8.583   -7.786  1.00 13.17 ? 116 HOH A O   1 
HETATM 711 O O   . HOH C 3 .  ? -8.165  -12.150 0.305   1.00 15.12 ? 117 HOH A O   1 
HETATM 712 O O   . HOH C 3 .  ? -2.033  -20.572 -0.551  1.00 15.31 ? 118 HOH A O   1 
HETATM 713 O O   . HOH C 3 .  ? -5.614  -20.644 -1.956  1.00 11.99 ? 119 HOH A O   1 
HETATM 714 O O   . HOH C 3 .  ? -0.390  -7.900  1.377   1.00 13.41 ? 120 HOH A O   1 
HETATM 715 O O   . HOH C 3 .  ? -9.069  -10.819 -1.928  1.00 14.51 ? 121 HOH A O   1 
HETATM 716 O O   . HOH C 3 .  ? -1.243  5.940   8.749   1.00 15.83 ? 122 HOH A O   1 
HETATM 717 O O   . HOH C 3 .  ? 2.871   -14.335 -2.467  1.00 15.26 ? 123 HOH A O   1 
HETATM 718 O O   . HOH C 3 .  ? 9.074   -6.280  3.838   1.00 15.09 ? 124 HOH A O   1 
HETATM 719 O O   . HOH C 3 .  ? -8.169  -18.937 -1.507  1.00 15.29 ? 125 HOH A O   1 
HETATM 720 O O   . HOH C 3 .  ? 15.640  -2.752  2.682   1.00 18.24 ? 126 HOH A O   1 
HETATM 721 O O   . HOH C 3 .  ? -16.902 -13.468 -5.826  1.00 17.65 ? 127 HOH A O   1 
HETATM 722 O O   . HOH C 3 .  ? -0.490  8.049   7.085   1.00 18.82 ? 128 HOH A O   1 
HETATM 723 O O   . HOH C 3 .  ? -0.655  -15.168 -3.761  1.00 16.29 ? 129 HOH A O   1 
HETATM 724 O O   . HOH C 3 .  ? -13.083 -16.557 -7.073  1.00 17.45 ? 130 HOH A O   1 
HETATM 725 O O   . HOH C 3 .  ? 3.381   -0.557  11.164  1.00 16.93 ? 131 HOH A O   1 
HETATM 726 O O   . HOH C 3 .  ? 3.907   -15.174 0.892   1.00 18.70 ? 132 HOH A O   1 
HETATM 727 O O   . HOH C 3 .  ? -8.843  -16.887 1.534   1.00 19.57 ? 133 HOH A O   1 
HETATM 728 O O   . HOH C 3 .  ? 1.183   -22.576 2.349   1.00 18.37 ? 134 HOH A O   1 
HETATM 729 O O   . HOH C 3 .  ? 2.380   -7.128  0.538   1.00 18.47 ? 135 HOH A O   1 
HETATM 730 O O   . HOH C 3 .  ? -10.554 -13.764 0.316   1.00 19.20 ? 136 HOH A O   1 
HETATM 731 O O   . HOH C 3 .  ? -3.169  5.385   10.598  1.00 21.98 ? 137 HOH A O   1 
HETATM 732 O O   . HOH C 3 .  ? 3.052   -19.634 0.181   1.00 18.33 ? 138 HOH A O   1 
HETATM 733 O O   . HOH C 3 .  ? 0.687   -20.945 0.243   1.00 19.03 ? 139 HOH A O   1 
HETATM 734 O O   . HOH C 3 .  ? -16.775 -15.870 -4.881  1.00 19.82 ? 140 HOH A O   1 
HETATM 735 O O   . HOH C 3 .  ? -0.266  15.792  -1.288  1.00 22.17 ? 141 HOH A O   1 
HETATM 736 O O   . HOH C 3 .  ? -7.541  -1.087  -8.607  1.00 19.66 ? 142 HOH A O   1 
HETATM 737 O O   . HOH C 3 .  ? -5.855  10.643  6.992   1.00 20.85 ? 143 HOH A O   1 
HETATM 738 O O   . HOH C 3 .  ? -15.214 -17.877 -5.705  1.00 20.07 ? 144 HOH A O   1 
HETATM 739 O O   . HOH C 3 .  ? -1.374  -20.382 2.376   1.00 22.35 ? 145 HOH A O   1 
HETATM 740 O O   . HOH C 3 .  ? -8.053  7.005   7.701   1.00 23.83 ? 146 HOH A O   1 
HETATM 741 O O   . HOH C 3 .  ? -7.212  8.438   5.288   1.00 20.56 ? 147 HOH A O   1 
HETATM 742 O O   . HOH C 3 .  ? -13.093 -11.317 -10.885 1.00 23.23 ? 148 HOH A O   1 
HETATM 743 O O   . HOH C 3 .  ? -15.387 -8.051  -10.830 1.00 24.07 ? 149 HOH A O   1 
HETATM 744 O O   . HOH C 3 .  ? 4.628   9.852   6.577   1.00 19.71 ? 150 HOH A O   1 
HETATM 745 O O   . HOH C 3 .  ? -4.800  -22.919 4.887   1.00 27.65 ? 151 HOH A O   1 
HETATM 746 O O   . HOH C 3 .  ? 9.278   15.188  -5.357  1.00 24.27 ? 152 HOH A O   1 
HETATM 747 O O   . HOH C 3 .  ? -11.026 2.153   -2.284  1.00 22.34 ? 153 HOH A O   1 
HETATM 748 O O   . HOH C 3 .  ? 7.244   9.458   8.235   1.00 24.10 ? 154 HOH A O   1 
HETATM 749 O O   . HOH C 3 .  ? -14.926 -7.423  -5.330  1.00 25.34 ? 155 HOH A O   1 
HETATM 750 O O   . HOH C 3 .  ? -12.519 -6.884  -6.655  1.00 26.64 ? 156 HOH A O   1 
HETATM 751 O O   . HOH C 3 .  ? -11.634 -12.107 -1.657  1.00 19.55 ? 157 HOH A O   1 
HETATM 752 O O   . HOH C 3 .  ? 0.137   -13.070 -10.581 1.00 28.76 ? 158 HOH A O   1 
HETATM 753 O O   . HOH C 3 .  ? 7.049   -8.598  -2.281  1.00 18.71 ? 159 HOH A O   1 
HETATM 754 O O   . HOH C 3 .  ? -2.260  -17.809 2.025   1.00 20.40 ? 160 HOH A O   1 
HETATM 755 O O   . HOH C 3 .  ? 2.486   -12.465 -4.201  1.00 20.56 ? 161 HOH A O   1 
HETATM 756 O O   . HOH C 3 .  ? 10.984  13.748  -4.240  1.00 29.61 ? 162 HOH A O   1 
HETATM 757 O O   . HOH C 3 .  ? 11.555  10.255  0.422   1.00 21.72 ? 163 HOH A O   1 
HETATM 758 O O   . HOH C 3 .  ? -13.325 -14.346 -3.703  1.00 28.38 ? 164 HOH A O   1 
HETATM 759 O O   . HOH C 3 .  ? 1.196   -14.075 -5.973  1.00 18.79 ? 165 HOH A O   1 
HETATM 760 O O   . HOH C 3 .  ? -6.045  9.988   9.603   1.00 30.68 ? 166 HOH A O   1 
HETATM 761 O O   . HOH C 3 .  ? -19.059 -7.212  -7.794  1.00 28.18 ? 167 HOH A O   1 
HETATM 762 O O   . HOH C 3 .  ? -2.867  5.923   13.299  1.00 32.99 ? 168 HOH A O   1 
HETATM 763 O O   . HOH C 3 .  ? 0.978   12.657  -3.695  1.00 27.64 ? 169 HOH A O   1 
HETATM 764 O O   . HOH C 3 .  ? 4.921   -13.050 1.851   1.00 31.32 ? 170 HOH A O   1 
HETATM 765 O O   . HOH C 3 .  ? -15.177 -9.798  -4.501  1.00 27.02 ? 171 HOH A O   1 
HETATM 766 O O   . HOH C 3 .  ? -6.939  -5.343  14.884  1.00 28.08 ? 172 HOH A O   1 
HETATM 767 O O   . HOH C 3 .  ? -10.776 -17.795 -1.538  1.00 22.14 ? 173 HOH A O   1 
HETATM 768 O O   . HOH C 3 .  ? -10.444 2.824   4.481   1.00 25.46 ? 174 HOH A O   1 
HETATM 769 O O   . HOH C 3 .  ? -12.312 1.437   6.094   1.00 29.25 ? 175 HOH A O   1 
HETATM 770 O O   . HOH C 3 .  ? 0.521   -11.543 3.154   1.00 26.66 ? 176 HOH A O   1 
HETATM 771 O O   . HOH C 3 .  ? -14.090 -4.952  6.486   1.00 22.14 ? 177 HOH A O   1 
HETATM 772 O O   . HOH C 3 .  ? -1.930  -2.215  9.673   1.00 26.20 ? 178 HOH A O   1 
HETATM 773 O O   . HOH C 3 .  ? -19.772 -9.484  -6.212  1.00 27.28 ? 179 HOH A O   1 
HETATM 774 O O   . HOH C 3 .  ? -1.816  -8.254  -10.283 1.00 28.23 ? 180 HOH A O   1 
HETATM 775 O O   . HOH C 3 .  ? -15.196 -5.540  -8.853  1.00 30.86 ? 181 HOH A O   1 
HETATM 776 O O   . HOH C 3 .  ? -12.579 -12.901 2.797   1.00 33.70 ? 182 HOH A O   1 
HETATM 777 O O   . HOH C 3 .  ? 0.686   -20.455 4.189   1.00 27.75 ? 183 HOH A O   1 
HETATM 778 O O   . HOH C 3 .  ? -16.666 -5.872  -6.589  1.00 29.61 ? 184 HOH A O   1 
HETATM 779 O O   . HOH C 3 .  ? -12.379 -8.978  -8.762  1.00 34.59 ? 185 HOH A O   1 
HETATM 780 O O   . HOH C 3 .  ? 7.264   15.098  1.652   1.00 33.66 ? 186 HOH A O   1 
HETATM 781 O O   . HOH C 3 .  ? -9.615  8.806   4.269   1.00 31.51 ? 187 HOH A O   1 
HETATM 782 O O   . HOH C 3 .  ? -9.890  -7.649  9.664   1.00 32.83 ? 188 HOH A O   1 
HETATM 783 O O   . HOH C 3 .  ? -17.170 -6.840  -12.456 1.00 37.06 ? 189 HOH A O   1 
HETATM 784 O O   . HOH C 3 .  ? 2.724   -17.234 1.190   1.00 31.30 ? 190 HOH A O   1 
HETATM 785 O O   . HOH C 3 .  ? -7.240  7.829   10.275  1.00 27.79 ? 191 HOH A O   1 
HETATM 786 O O   . HOH C 3 .  ? -11.283 -16.263 0.454   1.00 26.69 ? 192 HOH A O   1 
HETATM 787 O O   . HOH C 3 .  ? 5.824   -7.576  0.136   1.00 22.28 ? 193 HOH A O   1 
HETATM 788 O O   . HOH C 3 .  ? -18.074 -10.697 -4.375  1.00 22.30 ? 194 HOH A O   1 
HETATM 789 O O   . HOH C 3 .  ? -7.743  7.777   0.040   1.00 31.77 ? 195 HOH A O   1 
HETATM 790 O O   . HOH C 3 .  ? -7.073  9.678   -1.680  1.00 28.31 ? 196 HOH A O   1 
HETATM 791 O O   . HOH C 3 .  ? -0.940  -10.852 -9.683  1.00 34.00 ? 197 HOH A O   1 
HETATM 792 O O   . HOH C 3 .  ? -8.919  -13.168 11.544  1.00 35.67 ? 198 HOH A O   1 
HETATM 793 O O   . HOH C 3 .  ? -14.183 0.907   9.693   1.00 29.21 ? 199 HOH A O   1 
HETATM 794 O O   . HOH C 3 .  ? -4.215  -2.765  16.969  1.00 35.29 ? 200 HOH A O   1 
HETATM 795 O O   . HOH C 3 .  ? 3.993   -10.783 5.117   1.00 28.69 ? 201 HOH A O   1 
HETATM 796 O O   . HOH C 3 .  ? -3.607  9.324   10.125  1.00 32.47 ? 202 HOH A O   1 
HETATM 797 O O   . HOH C 3 .  ? 0.894   -1.114  12.403  1.00 32.31 ? 203 HOH A O   1 
HETATM 798 O O   . HOH C 3 .  ? -1.932  7.741   15.230  1.00 24.31 ? 204 HOH A O   1 
HETATM 799 O O   . HOH C 3 .  ? -12.260 -17.249 -3.752  1.00 24.52 ? 205 HOH A O   1 
HETATM 800 O O   . HOH C 3 .  ? 6.156   -10.163 1.195   1.00 23.41 ? 206 HOH A O   1 
HETATM 801 O O   . HOH C 3 .  ? 7.540   8.314   6.055   1.00 28.23 ? 207 HOH A O   1 
HETATM 802 O O   . HOH C 3 .  ? -12.201 -11.115 13.777  1.00 35.60 ? 208 HOH A O   1 
HETATM 803 O O   . HOH C 3 .  ? -9.772  6.142   0.233   1.00 35.82 ? 209 HOH A O   1 
HETATM 804 O O   . HOH C 3 .  ? -3.879  -3.464  10.758  1.00 41.38 ? 210 HOH A O   1 
HETATM 805 O O   . HOH C 3 .  ? -12.800 -10.532 4.671   1.00 27.75 ? 211 HOH A O   1 
HETATM 806 O O   . HOH C 3 .  ? -10.285 -10.360 11.788  1.00 31.03 ? 212 HOH A O   1 
HETATM 807 O O   . HOH C 3 .  ? -4.869  4.777   14.430  1.00 26.22 ? 213 HOH A O   1 
HETATM 808 O O   . HOH C 3 .  ? -1.613  0.181   12.618  1.00 31.17 ? 214 HOH A O   1 
HETATM 809 O O   . HOH C 3 .  ? -10.069 -10.922 -10.722 1.00 31.08 ? 215 HOH A O   1 
HETATM 810 O O   . HOH C 3 .  ? -10.063 -10.257 8.299   1.00 33.26 ? 216 HOH A O   1 
HETATM 811 O O   . HOH C 3 .  ? -4.957  11.014  -1.006  1.00 27.45 ? 217 HOH A O   1 
HETATM 812 O O   . HOH C 3 .  ? 9.443   18.029  -4.249  1.00 33.67 ? 218 HOH A O   1 
HETATM 813 O O   . HOH C 3 .  ? -2.786  -20.700 4.658   1.00 31.66 ? 219 HOH A O   1 
HETATM 814 O O   . HOH C 3 .  ? -9.199  -9.236  -8.830  1.00 26.34 ? 220 HOH A O   1 
HETATM 815 O O   . HOH C 3 .  ? 7.004   14.049  3.967   1.00 30.28 ? 221 HOH A O   1 
HETATM 816 O O   . HOH C 3 .  ? -4.514  -4.056  -10.332 1.00 35.98 ? 222 HOH A O   1 
HETATM 817 O O   . HOH C 3 .  ? -5.365  13.689  -1.141  1.00 26.33 ? 223 HOH A O   1 
HETATM 818 O O   . HOH C 3 .  ? 0.685   17.457  -8.358  1.00 38.53 ? 224 HOH A O   1 
HETATM 819 O O   . HOH C 3 .  ? -17.178 -1.630  12.825  1.00 31.73 ? 225 HOH A O   1 
HETATM 820 O O   . HOH C 3 .  ? 6.868   14.778  -3.406  1.00 34.86 ? 226 HOH A O   1 
HETATM 821 O O   . HOH C 3 .  ? 1.019   -18.065 2.735   1.00 36.05 ? 227 HOH A O   1 
HETATM 822 O O   . HOH C 3 .  ? 5.353   13.389  -5.206  1.00 31.26 ? 228 HOH A O   1 
HETATM 823 O O   . HOH C 3 .  ? -19.306 -5.241  -4.712  1.00 33.32 ? 229 HOH A O   1 
HETATM 824 O O   . HOH C 3 .  ? -11.205 0.293   -10.039 1.00 33.13 ? 230 HOH A O   1 
HETATM 825 O O   . HOH C 3 .  ? -5.359  -9.054  -12.482 1.00 37.37 ? 231 HOH A O   1 
HETATM 826 O O   . HOH C 3 .  ? -16.121 -1.034  10.486  1.00 37.87 ? 232 HOH A O   1 
HETATM 827 O O   . HOH C 3 .  ? -14.534 4.061   4.988   1.00 35.32 ? 233 HOH A O   1 
HETATM 828 O O   . HOH C 3 .  ? -8.600  -8.252  12.583  1.00 32.77 ? 234 HOH A O   1 
HETATM 829 O O   . HOH C 3 .  ? -20.182 -10.829 -1.757  1.00 38.66 ? 235 HOH A O   1 
HETATM 830 O O   . HOH C 3 .  ? -9.792  10.062  -5.000  1.00 38.28 ? 236 HOH A O   1 
HETATM 831 O O   . HOH C 3 .  ? -14.100 -17.432 1.987   1.00 34.60 ? 237 HOH A O   1 
HETATM 832 O O   . HOH C 3 .  ? -10.824 5.395   4.998   1.00 29.01 ? 238 HOH A O   1 
HETATM 833 O O   . HOH C 3 .  ? -14.206 -0.547  1.983   1.00 39.62 ? 239 HOH A O   1 
HETATM 834 O O   . HOH C 3 .  ? 3.902   -1.643  -7.690  1.00 27.97 ? 240 HOH A O   1 
HETATM 835 O O   . HOH C 3 .  ? -3.594  -9.880  10.818  1.00 34.94 ? 241 HOH A O   1 
HETATM 836 O O   . HOH C 3 .  ? -10.882 -5.233  9.568   1.00 32.69 ? 242 HOH A O   1 
HETATM 837 O O   . HOH C 3 .  ? -12.281 -14.469 7.838   1.00 34.73 ? 243 HOH A O   1 
HETATM 838 O O   . HOH C 3 .  ? -9.289  6.420   -2.480  1.00 26.91 ? 244 HOH A O   1 
HETATM 839 O O   . HOH C 3 .  ? -15.086 -8.961  5.401   1.00 30.41 ? 245 HOH A O   1 
HETATM 840 O O   . HOH C 3 .  ? -1.098  -17.785 4.509   1.00 31.45 ? 246 HOH A O   1 
HETATM 841 O O   . HOH C 3 .  ? 1.978   -9.265  1.529   1.00 27.03 ? 247 HOH A O   1 
HETATM 842 O O   . HOH C 3 .  ? 6.627   -13.095 3.888   1.00 30.63 ? 248 HOH A O   1 
HETATM 843 O O   . HOH C 3 .  ? -4.825  -6.128  12.175  1.00 37.92 ? 249 HOH A O   1 
HETATM 844 O O   . HOH C 3 .  ? 9.673   11.374  7.134   1.00 30.77 ? 250 HOH A O   1 
HETATM 845 O O   . HOH C 3 .  ? -2.865  -9.358  19.235  1.00 39.82 ? 251 HOH A O   1 
HETATM 846 O O   . HOH C 3 .  ? 3.601   -6.671  7.606   1.00 32.73 ? 252 HOH A O   1 
HETATM 847 O O   . HOH C 3 .  ? -12.094 2.073   1.635   1.00 35.39 ? 253 HOH A O   1 
HETATM 848 O O   . HOH C 3 .  ? -5.422  -7.678  9.985   1.00 38.90 ? 254 HOH A O   1 
HETATM 849 O O   . HOH C 3 .  ? 3.242   -11.169 2.820   1.00 36.07 ? 255 HOH A O   1 
HETATM 850 O O   . HOH C 3 .  ? -5.014  6.875   11.923  1.00 27.05 ? 256 HOH A O   1 
HETATM 851 O O   . HOH C 3 .  ? 3.058   11.675  -4.760  1.00 24.60 ? 257 HOH A O   1 
HETATM 852 O O   . HOH C 3 .  ? -5.912  5.715   9.362   1.00 28.16 ? 258 HOH A O   1 
HETATM 853 O O   . HOH C 3 .  ? -3.432  -7.492  14.309  1.00 35.35 ? 259 HOH A O   1 
HETATM 854 O O   . HOH C 3 .  ? -5.384  -13.463 -10.698 1.00 31.40 ? 260 HOH A O   1 
HETATM 855 O O   . HOH C 3 .  ? -6.199  -19.015 11.212  1.00 35.83 ? 261 HOH A O   1 
HETATM 856 O O   . HOH C 3 .  ? -7.724  -11.904 -13.110 1.00 36.87 ? 262 HOH A O   1 
HETATM 857 O O   . HOH C 3 .  ? -8.162  -2.455  15.802  1.00 29.89 ? 263 HOH A O   1 
HETATM 858 O O   . HOH C 3 .  ? -2.665  -12.315 -11.021 1.00 35.89 ? 264 HOH A O   1 
HETATM 859 O O   . HOH C 3 .  ? -11.755 0.700   10.608  1.00 29.72 ? 265 HOH A O   1 
HETATM 860 O O   . HOH C 3 .  ? -10.277 16.106  -6.217  1.00 37.54 ? 266 HOH A O   1 
HETATM 861 O O   . HOH C 3 .  ? 3.753   -3.623  -14.278 1.00 33.41 ? 267 HOH A O   1 
HETATM 862 O O   . HOH C 3 .  ? -8.253  -16.324 10.651  1.00 37.55 ? 268 HOH A O   1 
HETATM 863 O O   . HOH C 3 .  ? 6.961   10.250  -0.511  1.00 37.89 ? 269 HOH A O   1 
HETATM 864 O O   . HOH C 3 .  ? -8.635  14.632  -4.229  1.00 34.65 ? 270 HOH A O   1 
HETATM 865 O O   . HOH C 3 .  ? -8.726  -4.072  13.608  1.00 34.05 ? 271 HOH A O   1 
HETATM 866 O O   . HOH C 3 .  ? -4.929  -5.975  16.826  1.00 34.95 ? 272 HOH A O   1 
HETATM 867 O O   . HOH C 3 .  ? -12.225 7.401   9.639   1.00 33.83 ? 273 HOH A O   1 
# 
